data_1TTW
# 
_entry.id   1TTW 
# 
_audit_conform.dict_name       mmcif_pdbx.dic 
_audit_conform.dict_version    5.386 
_audit_conform.dict_location   http://mmcif.pdb.org/dictionaries/ascii/mmcif_pdbx.dic 
# 
loop_
_database_2.database_id 
_database_2.database_code 
_database_2.pdbx_database_accession 
_database_2.pdbx_DOI 
PDB   1TTW         pdb_00001ttw 10.2210/pdb1ttw/pdb 
RCSB  RCSB022896   ?            ?                   
WWPDB D_1000022896 ?            ?                   
# 
loop_
_pdbx_audit_revision_history.ordinal 
_pdbx_audit_revision_history.data_content_type 
_pdbx_audit_revision_history.major_revision 
_pdbx_audit_revision_history.minor_revision 
_pdbx_audit_revision_history.revision_date 
1 'Structure model' 1 0 2004-08-31 
2 'Structure model' 1 1 2008-04-30 
3 'Structure model' 1 2 2011-07-13 
4 'Structure model' 1 3 2017-10-11 
5 'Structure model' 1 4 2024-02-14 
# 
_pdbx_audit_revision_details.ordinal             1 
_pdbx_audit_revision_details.revision_ordinal    1 
_pdbx_audit_revision_details.data_content_type   'Structure model' 
_pdbx_audit_revision_details.provider            repository 
_pdbx_audit_revision_details.type                'Initial release' 
_pdbx_audit_revision_details.description         ? 
_pdbx_audit_revision_details.details             ? 
# 
loop_
_pdbx_audit_revision_group.ordinal 
_pdbx_audit_revision_group.revision_ordinal 
_pdbx_audit_revision_group.data_content_type 
_pdbx_audit_revision_group.group 
1 2 'Structure model' 'Version format compliance' 
2 3 'Structure model' 'Derived calculations'      
3 3 'Structure model' 'Source and taxonomy'       
4 3 'Structure model' 'Version format compliance' 
5 4 'Structure model' 'Refinement description'    
6 5 'Structure model' 'Data collection'           
7 5 'Structure model' 'Database references'       
8 5 'Structure model' 'Derived calculations'      
# 
loop_
_pdbx_audit_revision_category.ordinal 
_pdbx_audit_revision_category.revision_ordinal 
_pdbx_audit_revision_category.data_content_type 
_pdbx_audit_revision_category.category 
1 4 'Structure model' software                     
2 5 'Structure model' chem_comp_atom               
3 5 'Structure model' chem_comp_bond               
4 5 'Structure model' database_2                   
5 5 'Structure model' pdbx_struct_special_symmetry 
6 5 'Structure model' struct_ref_seq_dif           
# 
loop_
_pdbx_audit_revision_item.ordinal 
_pdbx_audit_revision_item.revision_ordinal 
_pdbx_audit_revision_item.data_content_type 
_pdbx_audit_revision_item.item 
1 4 'Structure model' '_software.classification'            
2 4 'Structure model' '_software.name'                      
3 5 'Structure model' '_database_2.pdbx_DOI'                
4 5 'Structure model' '_database_2.pdbx_database_accession' 
5 5 'Structure model' '_struct_ref_seq_dif.details'         
# 
_pdbx_database_status.status_code                     REL 
_pdbx_database_status.entry_id                        1TTW 
_pdbx_database_status.recvd_initial_deposition_date   2004-06-23 
_pdbx_database_status.deposit_site                    RCSB 
_pdbx_database_status.process_site                    RCSB 
_pdbx_database_status.status_code_sf                  REL 
_pdbx_database_status.SG_entry                        . 
_pdbx_database_status.pdb_format_compatible           Y 
_pdbx_database_status.status_code_mr                  ? 
_pdbx_database_status.status_code_cs                  ? 
_pdbx_database_status.methods_development_category    ? 
_pdbx_database_status.status_code_nmr_data            ? 
# 
loop_
_audit_author.name 
_audit_author.pdbx_ordinal 
'Phan, J.'     1 
'Tropea, J.E.' 2 
'Waugh, D.S.'  3 
# 
_citation.id                        primary 
_citation.title                     
'Structure of the Yersinia pestis type III secretion chaperone SycH in complex with a stable fragment of YscM2.' 
_citation.journal_abbrev            'Acta Crystallogr.,Sect.D' 
_citation.journal_volume            60 
_citation.page_first                1591 
_citation.page_last                 1599 
_citation.year                      2004 
_citation.journal_id_ASTM           ABCRE6 
_citation.country                   DK 
_citation.journal_id_ISSN           0907-4449 
_citation.journal_id_CSD            0766 
_citation.book_publisher            ? 
_citation.pdbx_database_id_PubMed   15333930 
_citation.pdbx_database_id_DOI      10.1107/S0907444904017597 
# 
loop_
_citation_author.citation_id 
_citation_author.name 
_citation_author.ordinal 
_citation_author.identifier_ORCID 
primary 'Phan, J.'     1 ? 
primary 'Tropea, J.E.' 2 ? 
primary 'Waugh, D.S.'  3 ? 
# 
loop_
_entity.id 
_entity.type 
_entity.src_method 
_entity.pdbx_description 
_entity.formula_weight 
_entity.pdbx_number_of_molecules 
_entity.pdbx_ec 
_entity.pdbx_mutation 
_entity.pdbx_fragment 
_entity.details 
1 polymer man 'secretion chaperone' 15454.490 1  ? ? ? ? 
2 polymer syn YscM2                 6540.327  1  ? ? ? ? 
3 water   nat water                 18.015    41 ? ? ? ? 
# 
loop_
_entity_poly.entity_id 
_entity_poly.type 
_entity_poly.nstd_linkage 
_entity_poly.nstd_monomer 
_entity_poly.pdbx_seq_one_letter_code 
_entity_poly.pdbx_seq_one_letter_code_can 
_entity_poly.pdbx_strand_id 
_entity_poly.pdbx_target_identifier 
1 'polypeptide(L)' no no 
;MRTYSSLLEEFATELGLEEIETNELGHGAVTIDKIWVVHLAPINEKELVAFMRAGILTGQSQLYDILRKNLFSPLSGVIR
CALDKDDHWLLWSQLNINDTSGTQLASVLTSLVDKAVTLSCEPTMKKEEDDHRPSSSH
;
;MRTYSSLLEEFATELGLEEIETNELGHGAVTIDKIWVVHLAPINEKELVAFMRAGILTGQSQLYDILRKNLFSPLSGVIR
CALDKDDHWLLWSQLNINDTSGTQLASVLTSLVDKAVTLSCEPTMKKEEDDHRPSSSH
;
A ? 
2 'polypeptide(L)' no no MTLQQVSTQAITSDERRFAYAVLEHAKNTILNRQDVAKLLPRASNFELSQHHHHHH 
MTLQQVSTQAITSDERRFAYAVLEHAKNTILNRQDVAKLLPRASNFELSQHHHHHH B ? 
# 
_pdbx_entity_nonpoly.entity_id   3 
_pdbx_entity_nonpoly.name        water 
_pdbx_entity_nonpoly.comp_id     HOH 
# 
loop_
_entity_poly_seq.entity_id 
_entity_poly_seq.num 
_entity_poly_seq.mon_id 
_entity_poly_seq.hetero 
1 1   MET n 
1 2   ARG n 
1 3   THR n 
1 4   TYR n 
1 5   SER n 
1 6   SER n 
1 7   LEU n 
1 8   LEU n 
1 9   GLU n 
1 10  GLU n 
1 11  PHE n 
1 12  ALA n 
1 13  THR n 
1 14  GLU n 
1 15  LEU n 
1 16  GLY n 
1 17  LEU n 
1 18  GLU n 
1 19  GLU n 
1 20  ILE n 
1 21  GLU n 
1 22  THR n 
1 23  ASN n 
1 24  GLU n 
1 25  LEU n 
1 26  GLY n 
1 27  HIS n 
1 28  GLY n 
1 29  ALA n 
1 30  VAL n 
1 31  THR n 
1 32  ILE n 
1 33  ASP n 
1 34  LYS n 
1 35  ILE n 
1 36  TRP n 
1 37  VAL n 
1 38  VAL n 
1 39  HIS n 
1 40  LEU n 
1 41  ALA n 
1 42  PRO n 
1 43  ILE n 
1 44  ASN n 
1 45  GLU n 
1 46  LYS n 
1 47  GLU n 
1 48  LEU n 
1 49  VAL n 
1 50  ALA n 
1 51  PHE n 
1 52  MET n 
1 53  ARG n 
1 54  ALA n 
1 55  GLY n 
1 56  ILE n 
1 57  LEU n 
1 58  THR n 
1 59  GLY n 
1 60  GLN n 
1 61  SER n 
1 62  GLN n 
1 63  LEU n 
1 64  TYR n 
1 65  ASP n 
1 66  ILE n 
1 67  LEU n 
1 68  ARG n 
1 69  LYS n 
1 70  ASN n 
1 71  LEU n 
1 72  PHE n 
1 73  SER n 
1 74  PRO n 
1 75  LEU n 
1 76  SER n 
1 77  GLY n 
1 78  VAL n 
1 79  ILE n 
1 80  ARG n 
1 81  CYS n 
1 82  ALA n 
1 83  LEU n 
1 84  ASP n 
1 85  LYS n 
1 86  ASP n 
1 87  ASP n 
1 88  HIS n 
1 89  TRP n 
1 90  LEU n 
1 91  LEU n 
1 92  TRP n 
1 93  SER n 
1 94  GLN n 
1 95  LEU n 
1 96  ASN n 
1 97  ILE n 
1 98  ASN n 
1 99  ASP n 
1 100 THR n 
1 101 SER n 
1 102 GLY n 
1 103 THR n 
1 104 GLN n 
1 105 LEU n 
1 106 ALA n 
1 107 SER n 
1 108 VAL n 
1 109 LEU n 
1 110 THR n 
1 111 SER n 
1 112 LEU n 
1 113 VAL n 
1 114 ASP n 
1 115 LYS n 
1 116 ALA n 
1 117 VAL n 
1 118 THR n 
1 119 LEU n 
1 120 SER n 
1 121 CYS n 
1 122 GLU n 
1 123 PRO n 
1 124 THR n 
1 125 MET n 
1 126 LYS n 
1 127 LYS n 
1 128 GLU n 
1 129 GLU n 
1 130 ASP n 
1 131 ASP n 
1 132 HIS n 
1 133 ARG n 
1 134 PRO n 
1 135 SER n 
1 136 SER n 
1 137 SER n 
1 138 HIS n 
2 1   MET n 
2 2   THR n 
2 3   LEU n 
2 4   GLN n 
2 5   GLN n 
2 6   VAL n 
2 7   SER n 
2 8   THR n 
2 9   GLN n 
2 10  ALA n 
2 11  ILE n 
2 12  THR n 
2 13  SER n 
2 14  ASP n 
2 15  GLU n 
2 16  ARG n 
2 17  ARG n 
2 18  PHE n 
2 19  ALA n 
2 20  TYR n 
2 21  ALA n 
2 22  VAL n 
2 23  LEU n 
2 24  GLU n 
2 25  HIS n 
2 26  ALA n 
2 27  LYS n 
2 28  ASN n 
2 29  THR n 
2 30  ILE n 
2 31  LEU n 
2 32  ASN n 
2 33  ARG n 
2 34  GLN n 
2 35  ASP n 
2 36  VAL n 
2 37  ALA n 
2 38  LYS n 
2 39  LEU n 
2 40  LEU n 
2 41  PRO n 
2 42  ARG n 
2 43  ALA n 
2 44  SER n 
2 45  ASN n 
2 46  PHE n 
2 47  GLU n 
2 48  LEU n 
2 49  SER n 
2 50  GLN n 
2 51  HIS n 
2 52  HIS n 
2 53  HIS n 
2 54  HIS n 
2 55  HIS n 
2 56  HIS n 
# 
_entity_src_gen.entity_id                          1 
_entity_src_gen.pdbx_src_id                        1 
_entity_src_gen.pdbx_alt_source_flag               sample 
_entity_src_gen.pdbx_seq_type                      ? 
_entity_src_gen.pdbx_beg_seq_num                   ? 
_entity_src_gen.pdbx_end_seq_num                   ? 
_entity_src_gen.gene_src_common_name               ? 
_entity_src_gen.gene_src_genus                     Yersinia 
_entity_src_gen.pdbx_gene_src_gene                 ? 
_entity_src_gen.gene_src_species                   'Yersinia pestis' 
_entity_src_gen.gene_src_strain                    CO92 
_entity_src_gen.gene_src_tissue                    ? 
_entity_src_gen.gene_src_tissue_fraction           ? 
_entity_src_gen.gene_src_details                   ? 
_entity_src_gen.pdbx_gene_src_fragment             ? 
_entity_src_gen.pdbx_gene_src_scientific_name      'Yersinia pestis' 
_entity_src_gen.pdbx_gene_src_ncbi_taxonomy_id     214092 
_entity_src_gen.pdbx_gene_src_variant              ? 
_entity_src_gen.pdbx_gene_src_cell_line            ? 
_entity_src_gen.pdbx_gene_src_atcc                 ? 
_entity_src_gen.pdbx_gene_src_organ                ? 
_entity_src_gen.pdbx_gene_src_organelle            ? 
_entity_src_gen.pdbx_gene_src_cell                 ? 
_entity_src_gen.pdbx_gene_src_cellular_location    ? 
_entity_src_gen.host_org_common_name               ? 
_entity_src_gen.pdbx_host_org_scientific_name      'Escherichia coli' 
_entity_src_gen.pdbx_host_org_ncbi_taxonomy_id     562 
_entity_src_gen.host_org_genus                     Escherichia 
_entity_src_gen.pdbx_host_org_gene                 ? 
_entity_src_gen.pdbx_host_org_organ                ? 
_entity_src_gen.host_org_species                   ? 
_entity_src_gen.pdbx_host_org_tissue               ? 
_entity_src_gen.pdbx_host_org_tissue_fraction      ? 
_entity_src_gen.pdbx_host_org_strain               ? 
_entity_src_gen.pdbx_host_org_variant              ? 
_entity_src_gen.pdbx_host_org_cell_line            ? 
_entity_src_gen.pdbx_host_org_atcc                 ? 
_entity_src_gen.pdbx_host_org_culture_collection   ? 
_entity_src_gen.pdbx_host_org_cell                 ? 
_entity_src_gen.pdbx_host_org_organelle            ? 
_entity_src_gen.pdbx_host_org_cellular_location    ? 
_entity_src_gen.pdbx_host_org_vector_type          ? 
_entity_src_gen.pdbx_host_org_vector               ? 
_entity_src_gen.host_org_details                   ? 
_entity_src_gen.expression_system_id               ? 
_entity_src_gen.plasmid_name                       ? 
_entity_src_gen.plasmid_details                    ? 
_entity_src_gen.pdbx_description                   ? 
# 
_pdbx_entity_src_syn.entity_id              2 
_pdbx_entity_src_syn.pdbx_src_id            1 
_pdbx_entity_src_syn.pdbx_alt_source_flag   sample 
_pdbx_entity_src_syn.pdbx_beg_seq_num       ? 
_pdbx_entity_src_syn.pdbx_end_seq_num       ? 
_pdbx_entity_src_syn.organism_scientific    ? 
_pdbx_entity_src_syn.organism_common_name   ? 
_pdbx_entity_src_syn.ncbi_taxonomy_id       ? 
_pdbx_entity_src_syn.details                'chemically synthesized' 
# 
loop_
_chem_comp.id 
_chem_comp.type 
_chem_comp.mon_nstd_flag 
_chem_comp.name 
_chem_comp.pdbx_synonyms 
_chem_comp.formula 
_chem_comp.formula_weight 
ALA 'L-peptide linking' y ALANINE         ? 'C3 H7 N O2'     89.093  
ARG 'L-peptide linking' y ARGININE        ? 'C6 H15 N4 O2 1' 175.209 
ASN 'L-peptide linking' y ASPARAGINE      ? 'C4 H8 N2 O3'    132.118 
ASP 'L-peptide linking' y 'ASPARTIC ACID' ? 'C4 H7 N O4'     133.103 
CYS 'L-peptide linking' y CYSTEINE        ? 'C3 H7 N O2 S'   121.158 
GLN 'L-peptide linking' y GLUTAMINE       ? 'C5 H10 N2 O3'   146.144 
GLU 'L-peptide linking' y 'GLUTAMIC ACID' ? 'C5 H9 N O4'     147.129 
GLY 'peptide linking'   y GLYCINE         ? 'C2 H5 N O2'     75.067  
HIS 'L-peptide linking' y HISTIDINE       ? 'C6 H10 N3 O2 1' 156.162 
HOH non-polymer         . WATER           ? 'H2 O'           18.015  
ILE 'L-peptide linking' y ISOLEUCINE      ? 'C6 H13 N O2'    131.173 
LEU 'L-peptide linking' y LEUCINE         ? 'C6 H13 N O2'    131.173 
LYS 'L-peptide linking' y LYSINE          ? 'C6 H15 N2 O2 1' 147.195 
MET 'L-peptide linking' y METHIONINE      ? 'C5 H11 N O2 S'  149.211 
PHE 'L-peptide linking' y PHENYLALANINE   ? 'C9 H11 N O2'    165.189 
PRO 'L-peptide linking' y PROLINE         ? 'C5 H9 N O2'     115.130 
SER 'L-peptide linking' y SERINE          ? 'C3 H7 N O3'     105.093 
THR 'L-peptide linking' y THREONINE       ? 'C4 H9 N O3'     119.119 
TRP 'L-peptide linking' y TRYPTOPHAN      ? 'C11 H12 N2 O2'  204.225 
TYR 'L-peptide linking' y TYROSINE        ? 'C9 H11 N O3'    181.189 
VAL 'L-peptide linking' y VALINE          ? 'C5 H11 N O2'    117.146 
# 
loop_
_pdbx_poly_seq_scheme.asym_id 
_pdbx_poly_seq_scheme.entity_id 
_pdbx_poly_seq_scheme.seq_id 
_pdbx_poly_seq_scheme.mon_id 
_pdbx_poly_seq_scheme.ndb_seq_num 
_pdbx_poly_seq_scheme.pdb_seq_num 
_pdbx_poly_seq_scheme.auth_seq_num 
_pdbx_poly_seq_scheme.pdb_mon_id 
_pdbx_poly_seq_scheme.auth_mon_id 
_pdbx_poly_seq_scheme.pdb_strand_id 
_pdbx_poly_seq_scheme.pdb_ins_code 
_pdbx_poly_seq_scheme.hetero 
A 1 1   MET 1   1   ?   ?   ?   A . n 
A 1 2   ARG 2   2   ?   ?   ?   A . n 
A 1 3   THR 3   3   3   THR THR A . n 
A 1 4   TYR 4   4   4   TYR TYR A . n 
A 1 5   SER 5   5   5   SER SER A . n 
A 1 6   SER 6   6   6   SER SER A . n 
A 1 7   LEU 7   7   7   LEU LEU A . n 
A 1 8   LEU 8   8   8   LEU LEU A . n 
A 1 9   GLU 9   9   9   GLU GLU A . n 
A 1 10  GLU 10  10  10  GLU GLU A . n 
A 1 11  PHE 11  11  11  PHE PHE A . n 
A 1 12  ALA 12  12  12  ALA ALA A . n 
A 1 13  THR 13  13  13  THR THR A . n 
A 1 14  GLU 14  14  14  GLU ALA A . n 
A 1 15  LEU 15  15  15  LEU LEU A . n 
A 1 16  GLY 16  16  16  GLY GLY A . n 
A 1 17  LEU 17  17  17  LEU ALA A . n 
A 1 18  GLU 18  18  18  GLU ALA A . n 
A 1 19  GLU 19  19  19  GLU ALA A . n 
A 1 20  ILE 20  20  20  ILE ILE A . n 
A 1 21  GLU 21  21  21  GLU ALA A . n 
A 1 22  THR 22  22  22  THR THR A . n 
A 1 23  ASN 23  23  23  ASN ASN A . n 
A 1 24  GLU 24  24  24  GLU GLU A . n 
A 1 25  LEU 25  25  25  LEU LEU A . n 
A 1 26  GLY 26  26  26  GLY GLY A . n 
A 1 27  HIS 27  27  27  HIS HIS A . n 
A 1 28  GLY 28  28  28  GLY GLY A . n 
A 1 29  ALA 29  29  29  ALA ALA A . n 
A 1 30  VAL 30  30  30  VAL VAL A . n 
A 1 31  THR 31  31  31  THR THR A . n 
A 1 32  ILE 32  32  32  ILE ILE A . n 
A 1 33  ASP 33  33  33  ASP ASP A . n 
A 1 34  LYS 34  34  34  LYS ALA A . n 
A 1 35  ILE 35  35  35  ILE ILE A . n 
A 1 36  TRP 36  36  36  TRP TRP A . n 
A 1 37  VAL 37  37  37  VAL VAL A . n 
A 1 38  VAL 38  38  38  VAL VAL A . n 
A 1 39  HIS 39  39  39  HIS HIS A . n 
A 1 40  LEU 40  40  40  LEU LEU A . n 
A 1 41  ALA 41  41  41  ALA ALA A . n 
A 1 42  PRO 42  42  42  PRO PRO A . n 
A 1 43  ILE 43  43  43  ILE ILE A . n 
A 1 44  ASN 44  44  44  ASN ASN A . n 
A 1 45  GLU 45  45  45  GLU GLU A . n 
A 1 46  LYS 46  46  46  LYS ALA A . n 
A 1 47  GLU 47  47  47  GLU GLU A . n 
A 1 48  LEU 48  48  48  LEU LEU A . n 
A 1 49  VAL 49  49  49  VAL VAL A . n 
A 1 50  ALA 50  50  50  ALA ALA A . n 
A 1 51  PHE 51  51  51  PHE PHE A . n 
A 1 52  MET 52  52  52  MET MET A . n 
A 1 53  ARG 53  53  53  ARG ALA A . n 
A 1 54  ALA 54  54  54  ALA ALA A . n 
A 1 55  GLY 55  55  55  GLY GLY A . n 
A 1 56  ILE 56  56  56  ILE ALA A . n 
A 1 57  LEU 57  57  57  LEU LEU A . n 
A 1 58  THR 58  58  58  THR THR A . n 
A 1 59  GLY 59  59  59  GLY GLY A . n 
A 1 60  GLN 60  60  60  GLN GLN A . n 
A 1 61  SER 61  61  61  SER SER A . n 
A 1 62  GLN 62  62  62  GLN GLN A . n 
A 1 63  LEU 63  63  63  LEU LEU A . n 
A 1 64  TYR 64  64  64  TYR TYR A . n 
A 1 65  ASP 65  65  65  ASP ASP A . n 
A 1 66  ILE 66  66  66  ILE ILE A . n 
A 1 67  LEU 67  67  67  LEU LEU A . n 
A 1 68  ARG 68  68  68  ARG ARG A . n 
A 1 69  LYS 69  69  69  LYS LYS A . n 
A 1 70  ASN 70  70  70  ASN ASN A . n 
A 1 71  LEU 71  71  71  LEU LEU A . n 
A 1 72  PHE 72  72  72  PHE PHE A . n 
A 1 73  SER 73  73  73  SER SER A . n 
A 1 74  PRO 74  74  74  PRO PRO A . n 
A 1 75  LEU 75  75  75  LEU LEU A . n 
A 1 76  SER 76  76  76  SER SER A . n 
A 1 77  GLY 77  77  77  GLY GLY A . n 
A 1 78  VAL 78  78  78  VAL VAL A . n 
A 1 79  ILE 79  79  79  ILE ILE A . n 
A 1 80  ARG 80  80  80  ARG ARG A . n 
A 1 81  CYS 81  81  81  CYS CYS A . n 
A 1 82  ALA 82  82  82  ALA ALA A . n 
A 1 83  LEU 83  83  83  LEU LEU A . n 
A 1 84  ASP 84  84  84  ASP ASP A . n 
A 1 85  LYS 85  85  85  LYS ALA A . n 
A 1 86  ASP 86  86  86  ASP ASP A . n 
A 1 87  ASP 87  87  87  ASP ASP A . n 
A 1 88  HIS 88  88  88  HIS HIS A . n 
A 1 89  TRP 89  89  89  TRP TRP A . n 
A 1 90  LEU 90  90  90  LEU LEU A . n 
A 1 91  LEU 91  91  91  LEU LEU A . n 
A 1 92  TRP 92  92  92  TRP TRP A . n 
A 1 93  SER 93  93  93  SER SER A . n 
A 1 94  GLN 94  94  94  GLN GLN A . n 
A 1 95  LEU 95  95  95  LEU LEU A . n 
A 1 96  ASN 96  96  96  ASN ASN A . n 
A 1 97  ILE 97  97  97  ILE ILE A . n 
A 1 98  ASN 98  98  98  ASN ASN A . n 
A 1 99  ASP 99  99  99  ASP ASP A . n 
A 1 100 THR 100 100 100 THR THR A . n 
A 1 101 SER 101 101 101 SER SER A . n 
A 1 102 GLY 102 102 102 GLY GLY A . n 
A 1 103 THR 103 103 103 THR THR A . n 
A 1 104 GLN 104 104 104 GLN GLN A . n 
A 1 105 LEU 105 105 105 LEU LEU A . n 
A 1 106 ALA 106 106 106 ALA ALA A . n 
A 1 107 SER 107 107 107 SER SER A . n 
A 1 108 VAL 108 108 108 VAL VAL A . n 
A 1 109 LEU 109 109 109 LEU LEU A . n 
A 1 110 THR 110 110 110 THR THR A . n 
A 1 111 SER 111 111 111 SER SER A . n 
A 1 112 LEU 112 112 112 LEU LEU A . n 
A 1 113 VAL 113 113 113 VAL VAL A . n 
A 1 114 ASP 114 114 114 ASP ASP A . n 
A 1 115 LYS 115 115 115 LYS LYS A . n 
A 1 116 ALA 116 116 116 ALA ALA A . n 
A 1 117 VAL 117 117 117 VAL VAL A . n 
A 1 118 THR 118 118 118 THR THR A . n 
A 1 119 LEU 119 119 119 LEU LEU A . n 
A 1 120 SER 120 120 120 SER SER A . n 
A 1 121 CYS 121 121 ?   ?   ?   A . n 
A 1 122 GLU 122 122 ?   ?   ?   A . n 
A 1 123 PRO 123 123 ?   ?   ?   A . n 
A 1 124 THR 124 124 ?   ?   ?   A . n 
A 1 125 MET 125 125 ?   ?   ?   A . n 
A 1 126 LYS 126 126 ?   ?   ?   A . n 
A 1 127 LYS 127 127 ?   ?   ?   A . n 
A 1 128 GLU 128 128 ?   ?   ?   A . n 
A 1 129 GLU 129 129 ?   ?   ?   A . n 
A 1 130 ASP 130 130 ?   ?   ?   A . n 
A 1 131 ASP 131 131 ?   ?   ?   A . n 
A 1 132 HIS 132 132 ?   ?   ?   A . n 
A 1 133 ARG 133 133 ?   ?   ?   A . n 
A 1 134 PRO 134 134 ?   ?   ?   A . n 
A 1 135 SER 135 135 ?   ?   ?   A . n 
A 1 136 SER 136 136 ?   ?   ?   A . n 
A 1 137 SER 137 137 ?   ?   ?   A . n 
A 1 138 HIS 138 138 ?   ?   ?   A . n 
B 2 1   MET 1   28  ?   ?   ?   B . n 
B 2 2   THR 2   29  ?   ?   ?   B . n 
B 2 3   LEU 3   30  ?   ?   ?   B . n 
B 2 4   GLN 4   31  ?   ?   ?   B . n 
B 2 5   GLN 5   32  ?   ?   ?   B . n 
B 2 6   VAL 6   33  33  VAL VAL B . n 
B 2 7   SER 7   34  34  SER ALA B . n 
B 2 8   THR 8   35  35  THR ALA B . n 
B 2 9   GLN 9   36  36  GLN ALA B . n 
B 2 10  ALA 10  37  37  ALA ALA B . n 
B 2 11  ILE 11  38  38  ILE ALA B . n 
B 2 12  THR 12  39  39  THR ALA B . n 
B 2 13  SER 13  40  40  SER SER B . n 
B 2 14  ASP 14  41  41  ASP ALA B . n 
B 2 15  GLU 15  42  42  GLU ALA B . n 
B 2 16  ARG 16  43  43  ARG ALA B . n 
B 2 17  ARG 17  44  44  ARG ALA B . n 
B 2 18  PHE 18  45  45  PHE PHE B . n 
B 2 19  ALA 19  46  46  ALA ALA B . n 
B 2 20  TYR 20  47  47  TYR ALA B . n 
B 2 21  ALA 21  48  48  ALA ALA B . n 
B 2 22  VAL 22  49  49  VAL VAL B . n 
B 2 23  LEU 23  50  50  LEU LEU B . n 
B 2 24  GLU 24  51  51  GLU ALA B . n 
B 2 25  HIS 25  52  52  HIS ALA B . n 
B 2 26  ALA 26  53  ?   ?   ?   B . n 
B 2 27  LYS 27  54  ?   ?   ?   B . n 
B 2 28  ASN 28  55  ?   ?   ?   B . n 
B 2 29  THR 29  56  ?   ?   ?   B . n 
B 2 30  ILE 30  57  ?   ?   ?   B . n 
B 2 31  LEU 31  58  ?   ?   ?   B . n 
B 2 32  ASN 32  59  ?   ?   ?   B . n 
B 2 33  ARG 33  60  ?   ?   ?   B . n 
B 2 34  GLN 34  61  ?   ?   ?   B . n 
B 2 35  ASP 35  62  ?   ?   ?   B . n 
B 2 36  VAL 36  63  ?   ?   ?   B . n 
B 2 37  ALA 37  64  ?   ?   ?   B . n 
B 2 38  LYS 38  65  ?   ?   ?   B . n 
B 2 39  LEU 39  66  ?   ?   ?   B . n 
B 2 40  LEU 40  67  ?   ?   ?   B . n 
B 2 41  PRO 41  68  ?   ?   ?   B . n 
B 2 42  ARG 42  69  ?   ?   ?   B . n 
B 2 43  ALA 43  70  ?   ?   ?   B . n 
B 2 44  SER 44  71  ?   ?   ?   B . n 
B 2 45  ASN 45  72  ?   ?   ?   B . n 
B 2 46  PHE 46  73  ?   ?   ?   B . n 
B 2 47  GLU 47  74  ?   ?   ?   B . n 
B 2 48  LEU 48  75  ?   ?   ?   B . n 
B 2 49  SER 49  76  ?   ?   ?   B . n 
B 2 50  GLN 50  77  ?   ?   ?   B . n 
B 2 51  HIS 51  78  ?   ?   ?   B . n 
B 2 52  HIS 52  79  ?   ?   ?   B . n 
B 2 53  HIS 53  80  ?   ?   ?   B . n 
B 2 54  HIS 54  81  ?   ?   ?   B . n 
B 2 55  HIS 55  82  ?   ?   ?   B . n 
B 2 56  HIS 56  83  ?   ?   ?   B . n 
# 
loop_
_pdbx_nonpoly_scheme.asym_id 
_pdbx_nonpoly_scheme.entity_id 
_pdbx_nonpoly_scheme.mon_id 
_pdbx_nonpoly_scheme.ndb_seq_num 
_pdbx_nonpoly_scheme.pdb_seq_num 
_pdbx_nonpoly_scheme.auth_seq_num 
_pdbx_nonpoly_scheme.pdb_mon_id 
_pdbx_nonpoly_scheme.auth_mon_id 
_pdbx_nonpoly_scheme.pdb_strand_id 
_pdbx_nonpoly_scheme.pdb_ins_code 
C 3 HOH 1  139 2  HOH HOH A . 
C 3 HOH 2  140 4  HOH HOH A . 
C 3 HOH 3  141 5  HOH HOH A . 
C 3 HOH 4  142 7  HOH HOH A . 
C 3 HOH 5  143 8  HOH HOH A . 
C 3 HOH 6  144 9  HOH HOH A . 
C 3 HOH 7  145 10 HOH HOH A . 
C 3 HOH 8  146 11 HOH HOH A . 
C 3 HOH 9  147 12 HOH HOH A . 
C 3 HOH 10 148 13 HOH HOH A . 
C 3 HOH 11 149 14 HOH HOH A . 
C 3 HOH 12 150 15 HOH HOH A . 
C 3 HOH 13 151 16 HOH HOH A . 
C 3 HOH 14 152 17 HOH HOH A . 
C 3 HOH 15 153 18 HOH HOH A . 
C 3 HOH 16 154 19 HOH HOH A . 
C 3 HOH 17 155 20 HOH HOH A . 
C 3 HOH 18 156 21 HOH HOH A . 
C 3 HOH 19 157 22 HOH HOH A . 
C 3 HOH 20 158 23 HOH HOH A . 
C 3 HOH 21 159 24 HOH HOH A . 
C 3 HOH 22 160 25 HOH HOH A . 
C 3 HOH 23 161 27 HOH HOH A . 
C 3 HOH 24 162 28 HOH HOH A . 
C 3 HOH 25 163 29 HOH HOH A . 
C 3 HOH 26 164 30 HOH HOH A . 
C 3 HOH 27 165 32 HOH HOH A . 
C 3 HOH 28 166 33 HOH HOH A . 
C 3 HOH 29 167 34 HOH HOH A . 
C 3 HOH 30 168 35 HOH HOH A . 
C 3 HOH 31 169 37 HOH HOH A . 
C 3 HOH 32 170 38 HOH HOH A . 
C 3 HOH 33 171 39 HOH HOH A . 
C 3 HOH 34 172 40 HOH HOH A . 
C 3 HOH 35 173 41 HOH HOH A . 
C 3 HOH 36 174 42 HOH HOH A . 
C 3 HOH 37 175 43 HOH HOH A . 
C 3 HOH 38 176 44 HOH HOH A . 
C 3 HOH 39 177 45 HOH HOH A . 
D 3 HOH 1  84  26 HOH HOH B . 
D 3 HOH 2  85  31 HOH HOH B . 
# 
loop_
_pdbx_unobs_or_zero_occ_atoms.id 
_pdbx_unobs_or_zero_occ_atoms.PDB_model_num 
_pdbx_unobs_or_zero_occ_atoms.polymer_flag 
_pdbx_unobs_or_zero_occ_atoms.occupancy_flag 
_pdbx_unobs_or_zero_occ_atoms.auth_asym_id 
_pdbx_unobs_or_zero_occ_atoms.auth_comp_id 
_pdbx_unobs_or_zero_occ_atoms.auth_seq_id 
_pdbx_unobs_or_zero_occ_atoms.PDB_ins_code 
_pdbx_unobs_or_zero_occ_atoms.auth_atom_id 
_pdbx_unobs_or_zero_occ_atoms.label_alt_id 
_pdbx_unobs_or_zero_occ_atoms.label_asym_id 
_pdbx_unobs_or_zero_occ_atoms.label_comp_id 
_pdbx_unobs_or_zero_occ_atoms.label_seq_id 
_pdbx_unobs_or_zero_occ_atoms.label_atom_id 
1  1 Y 1 A GLU 14 ? CG  ? A GLU 14 CG  
2  1 Y 1 A GLU 14 ? CD  ? A GLU 14 CD  
3  1 Y 1 A GLU 14 ? OE1 ? A GLU 14 OE1 
4  1 Y 1 A GLU 14 ? OE2 ? A GLU 14 OE2 
5  1 Y 1 A LEU 17 ? CG  ? A LEU 17 CG  
6  1 Y 1 A LEU 17 ? CD1 ? A LEU 17 CD1 
7  1 Y 1 A LEU 17 ? CD2 ? A LEU 17 CD2 
8  1 Y 1 A GLU 18 ? CG  ? A GLU 18 CG  
9  1 Y 1 A GLU 18 ? CD  ? A GLU 18 CD  
10 1 Y 1 A GLU 18 ? OE1 ? A GLU 18 OE1 
11 1 Y 1 A GLU 18 ? OE2 ? A GLU 18 OE2 
12 1 Y 1 A GLU 19 ? CG  ? A GLU 19 CG  
13 1 Y 1 A GLU 19 ? CD  ? A GLU 19 CD  
14 1 Y 1 A GLU 19 ? OE1 ? A GLU 19 OE1 
15 1 Y 1 A GLU 19 ? OE2 ? A GLU 19 OE2 
16 1 Y 1 A GLU 21 ? CG  ? A GLU 21 CG  
17 1 Y 1 A GLU 21 ? CD  ? A GLU 21 CD  
18 1 Y 1 A GLU 21 ? OE1 ? A GLU 21 OE1 
19 1 Y 1 A GLU 21 ? OE2 ? A GLU 21 OE2 
20 1 Y 1 A LYS 34 ? CG  ? A LYS 34 CG  
21 1 Y 1 A LYS 34 ? CD  ? A LYS 34 CD  
22 1 Y 1 A LYS 34 ? CE  ? A LYS 34 CE  
23 1 Y 1 A LYS 34 ? NZ  ? A LYS 34 NZ  
24 1 Y 1 A LYS 46 ? CG  ? A LYS 46 CG  
25 1 Y 1 A LYS 46 ? CD  ? A LYS 46 CD  
26 1 Y 1 A LYS 46 ? CE  ? A LYS 46 CE  
27 1 Y 1 A LYS 46 ? NZ  ? A LYS 46 NZ  
28 1 Y 1 A ARG 53 ? CG  ? A ARG 53 CG  
29 1 Y 1 A ARG 53 ? CD  ? A ARG 53 CD  
30 1 Y 1 A ARG 53 ? NE  ? A ARG 53 NE  
31 1 Y 1 A ARG 53 ? CZ  ? A ARG 53 CZ  
32 1 Y 1 A ARG 53 ? NH1 ? A ARG 53 NH1 
33 1 Y 1 A ARG 53 ? NH2 ? A ARG 53 NH2 
34 1 Y 1 A ILE 56 ? CG1 ? A ILE 56 CG1 
35 1 Y 1 A ILE 56 ? CG2 ? A ILE 56 CG2 
36 1 Y 1 A ILE 56 ? CD1 ? A ILE 56 CD1 
37 1 Y 1 A LYS 85 ? CG  ? A LYS 85 CG  
38 1 Y 1 A LYS 85 ? CD  ? A LYS 85 CD  
39 1 Y 1 A LYS 85 ? CE  ? A LYS 85 CE  
40 1 Y 1 A LYS 85 ? NZ  ? A LYS 85 NZ  
41 1 Y 1 B SER 34 ? OG  ? B SER 7  OG  
42 1 Y 1 B THR 35 ? OG1 ? B THR 8  OG1 
43 1 Y 1 B THR 35 ? CG2 ? B THR 8  CG2 
44 1 Y 1 B GLN 36 ? CG  ? B GLN 9  CG  
45 1 Y 1 B GLN 36 ? CD  ? B GLN 9  CD  
46 1 Y 1 B GLN 36 ? OE1 ? B GLN 9  OE1 
47 1 Y 1 B GLN 36 ? NE2 ? B GLN 9  NE2 
48 1 Y 1 B ILE 38 ? CG1 ? B ILE 11 CG1 
49 1 Y 1 B ILE 38 ? CG2 ? B ILE 11 CG2 
50 1 Y 1 B ILE 38 ? CD1 ? B ILE 11 CD1 
51 1 Y 1 B THR 39 ? OG1 ? B THR 12 OG1 
52 1 Y 1 B THR 39 ? CG2 ? B THR 12 CG2 
53 1 Y 1 B ASP 41 ? CG  ? B ASP 14 CG  
54 1 Y 1 B ASP 41 ? OD1 ? B ASP 14 OD1 
55 1 Y 1 B ASP 41 ? OD2 ? B ASP 14 OD2 
56 1 Y 1 B GLU 42 ? CG  ? B GLU 15 CG  
57 1 Y 1 B GLU 42 ? CD  ? B GLU 15 CD  
58 1 Y 1 B GLU 42 ? OE1 ? B GLU 15 OE1 
59 1 Y 1 B GLU 42 ? OE2 ? B GLU 15 OE2 
60 1 Y 1 B ARG 43 ? CG  ? B ARG 16 CG  
61 1 Y 1 B ARG 43 ? CD  ? B ARG 16 CD  
62 1 Y 1 B ARG 43 ? NE  ? B ARG 16 NE  
63 1 Y 1 B ARG 43 ? CZ  ? B ARG 16 CZ  
64 1 Y 1 B ARG 43 ? NH1 ? B ARG 16 NH1 
65 1 Y 1 B ARG 43 ? NH2 ? B ARG 16 NH2 
66 1 Y 1 B ARG 44 ? CG  ? B ARG 17 CG  
67 1 Y 1 B ARG 44 ? CD  ? B ARG 17 CD  
68 1 Y 1 B ARG 44 ? NE  ? B ARG 17 NE  
69 1 Y 1 B ARG 44 ? CZ  ? B ARG 17 CZ  
70 1 Y 1 B ARG 44 ? NH1 ? B ARG 17 NH1 
71 1 Y 1 B ARG 44 ? NH2 ? B ARG 17 NH2 
72 1 Y 1 B TYR 47 ? CG  ? B TYR 20 CG  
73 1 Y 1 B TYR 47 ? CD1 ? B TYR 20 CD1 
74 1 Y 1 B TYR 47 ? CD2 ? B TYR 20 CD2 
75 1 Y 1 B TYR 47 ? CE1 ? B TYR 20 CE1 
76 1 Y 1 B TYR 47 ? CE2 ? B TYR 20 CE2 
77 1 Y 1 B TYR 47 ? CZ  ? B TYR 20 CZ  
78 1 Y 1 B TYR 47 ? OH  ? B TYR 20 OH  
79 1 Y 1 B GLU 51 ? CG  ? B GLU 24 CG  
80 1 Y 1 B GLU 51 ? CD  ? B GLU 24 CD  
81 1 Y 1 B GLU 51 ? OE1 ? B GLU 24 OE1 
82 1 Y 1 B GLU 51 ? OE2 ? B GLU 24 OE2 
83 1 Y 1 B HIS 52 ? CG  ? B HIS 25 CG  
84 1 Y 1 B HIS 52 ? ND1 ? B HIS 25 ND1 
85 1 Y 1 B HIS 52 ? CD2 ? B HIS 25 CD2 
86 1 Y 1 B HIS 52 ? CE1 ? B HIS 25 CE1 
87 1 Y 1 B HIS 52 ? NE2 ? B HIS 25 NE2 
# 
loop_
_software.name 
_software.classification 
_software.version 
_software.citation_id 
_software.pdbx_ordinal 
REFMAC    refinement        5.1.24 ? 1 
MAR345    'data collection' .      ? 2 
SCALEPACK 'data scaling'    .      ? 3 
SOLVE     phasing           .      ? 4 
# 
_cell.entry_id           1TTW 
_cell.length_a           63.664 
_cell.length_b           63.664 
_cell.length_c           162.263 
_cell.angle_alpha        90.00 
_cell.angle_beta         90.00 
_cell.angle_gamma        120.00 
_cell.Z_PDB              12 
_cell.pdbx_unique_axis   ? 
# 
_symmetry.entry_id                         1TTW 
_symmetry.space_group_name_H-M             'P 61 2 2' 
_symmetry.pdbx_full_space_group_name_H-M   ? 
_symmetry.cell_setting                     ? 
_symmetry.Int_Tables_number                178 
_symmetry.space_group_name_Hall            ? 
# 
_exptl.entry_id          1TTW 
_exptl.method            'X-RAY DIFFRACTION' 
_exptl.crystals_number   1 
# 
_exptl_crystal.id                    1 
_exptl_crystal.density_meas          ? 
_exptl_crystal.density_Matthews      2.2 
_exptl_crystal.density_percent_sol   45 
_exptl_crystal.description           ? 
_exptl_crystal.F_000                 ? 
_exptl_crystal.preparation           ? 
# 
_exptl_crystal_grow.crystal_id      1 
_exptl_crystal_grow.method          'VAPOR DIFFUSION, HANGING DROP' 
_exptl_crystal_grow.temp            298 
_exptl_crystal_grow.temp_details    ? 
_exptl_crystal_grow.pH              9.6 
_exptl_crystal_grow.pdbx_details    
;1.8 M ammonium sulphate, 200 mM magnesium acetate, 100 mM CAPSO, 2% dioxane, 1.6 mM CHAPS, pH 9.6, VAPOR DIFFUSION, HANGING DROP, temperature 298K
;
_exptl_crystal_grow.pdbx_pH_range   . 
# 
_diffrn.id                     1 
_diffrn.ambient_temp           100 
_diffrn.ambient_temp_details   ? 
_diffrn.crystal_id             1 
# 
_diffrn_detector.diffrn_id              1 
_diffrn_detector.detector               CCD 
_diffrn_detector.type                   MARRESEARCH 
_diffrn_detector.pdbx_collection_date   2003-11-22 
_diffrn_detector.details                ? 
# 
_diffrn_radiation.diffrn_id                        1 
_diffrn_radiation.wavelength_id                    1 
_diffrn_radiation.pdbx_monochromatic_or_laue_m_l   M 
_diffrn_radiation.monochromator                    'Insertion Device' 
_diffrn_radiation.pdbx_diffrn_protocol             'SINGLE WAVELENGTH' 
_diffrn_radiation.pdbx_scattering_type             x-ray 
# 
_diffrn_radiation_wavelength.id           1 
_diffrn_radiation_wavelength.wavelength   0.98397 
_diffrn_radiation_wavelength.wt           1.0 
# 
_diffrn_source.diffrn_id                   1 
_diffrn_source.source                      SYNCHROTRON 
_diffrn_source.type                        'APS BEAMLINE 22-ID' 
_diffrn_source.pdbx_synchrotron_site       APS 
_diffrn_source.pdbx_synchrotron_beamline   22-ID 
_diffrn_source.pdbx_wavelength             ? 
_diffrn_source.pdbx_wavelength_list        0.98397 
# 
_reflns.entry_id                     1TTW 
_reflns.observed_criterion_sigma_I   2.0 
_reflns.observed_criterion_sigma_F   2.0 
_reflns.d_resolution_low             25 
_reflns.d_resolution_high            2.38 
_reflns.number_obs                   7916 
_reflns.number_all                   9196 
_reflns.percent_possible_obs         85 
_reflns.pdbx_Rmerge_I_obs            0.069 
_reflns.pdbx_Rsym_value              ? 
_reflns.pdbx_netI_over_sigmaI        26.9 
_reflns.B_iso_Wilson_estimate        66.026 
_reflns.pdbx_redundancy              13 
_reflns.R_free_details               ? 
_reflns.limit_h_max                  ? 
_reflns.limit_h_min                  ? 
_reflns.limit_k_max                  ? 
_reflns.limit_k_min                  ? 
_reflns.limit_l_max                  ? 
_reflns.limit_l_min                  ? 
_reflns.observed_criterion_F_max     ? 
_reflns.observed_criterion_F_min     ? 
_reflns.pdbx_chi_squared             ? 
_reflns.pdbx_scaling_rejects         ? 
_reflns.pdbx_ordinal                 1 
_reflns.pdbx_diffrn_id               1 
# 
_reflns_shell.d_res_high             2.38 
_reflns_shell.d_res_low              2.48 
_reflns_shell.percent_possible_all   67.5 
_reflns_shell.Rmerge_I_obs           0.45 
_reflns_shell.pdbx_Rsym_value        ? 
_reflns_shell.meanI_over_sigI_obs    4 
_reflns_shell.pdbx_redundancy        10 
_reflns_shell.percent_possible_obs   ? 
_reflns_shell.number_unique_all      888 
_reflns_shell.number_measured_all    ? 
_reflns_shell.number_measured_obs    ? 
_reflns_shell.number_unique_obs      ? 
_reflns_shell.pdbx_chi_squared       ? 
_reflns_shell.pdbx_ordinal           1 
_reflns_shell.pdbx_diffrn_id         1 
# 
_refine.entry_id                                 1TTW 
_refine.ls_number_reflns_obs                     7916 
_refine.ls_number_reflns_all                     9196 
_refine.pdbx_ls_sigma_I                          2 
_refine.pdbx_ls_sigma_F                          2 
_refine.pdbx_data_cutoff_high_absF               ? 
_refine.pdbx_data_cutoff_low_absF                ? 
_refine.pdbx_data_cutoff_high_rms_absF           ? 
_refine.ls_d_res_low                             25.00 
_refine.ls_d_res_high                            2.38 
_refine.ls_percent_reflns_obs                    98.83 
_refine.ls_R_factor_obs                          0.24541 
_refine.ls_R_factor_all                          ? 
_refine.ls_R_factor_R_work                       0.24312 
_refine.ls_R_factor_R_free                       0.29219 
_refine.ls_R_factor_R_free_error                 ? 
_refine.ls_R_factor_R_free_error_details         ? 
_refine.ls_percent_reflns_R_free                 4.7 
_refine.ls_number_reflns_R_free                  388 
_refine.ls_number_parameters                     ? 
_refine.ls_number_restraints                     ? 
_refine.occupancy_min                            ? 
_refine.occupancy_max                            ? 
_refine.correlation_coeff_Fo_to_Fc               0.939 
_refine.correlation_coeff_Fo_to_Fc_free          0.912 
_refine.B_iso_mean                               67.690 
_refine.aniso_B[1][1]                            0.61 
_refine.aniso_B[2][2]                            0.61 
_refine.aniso_B[3][3]                            -0.91 
_refine.aniso_B[1][2]                            0.30 
_refine.aniso_B[1][3]                            0.00 
_refine.aniso_B[2][3]                            0.00 
_refine.solvent_model_details                    'BABINET MODEL WITH MASK' 
_refine.solvent_model_param_ksol                 ? 
_refine.solvent_model_param_bsol                 ? 
_refine.pdbx_solvent_vdw_probe_radii             1.40 
_refine.pdbx_solvent_ion_probe_radii             0.80 
_refine.pdbx_solvent_shrinkage_radii             0.80 
_refine.pdbx_ls_cross_valid_method               THROUGHOUT 
_refine.details                                  'HYDROGENS HAVE BEEN ADDED IN THE RIDING POSITIONS' 
_refine.pdbx_starting_model                      ? 
_refine.pdbx_method_to_determine_struct          MIR 
_refine.pdbx_isotropic_thermal_model             ? 
_refine.pdbx_stereochemistry_target_values       'MAXIMUM LIKELIHOOD' 
_refine.pdbx_stereochem_target_val_spec_case     ? 
_refine.pdbx_R_Free_selection_details            RANDOM 
_refine.pdbx_overall_ESU_R                       0.310 
_refine.pdbx_overall_ESU_R_Free                  0.257 
_refine.overall_SU_ML                            0.202 
_refine.overall_SU_B                             8.627 
_refine.ls_redundancy_reflns_obs                 ? 
_refine.B_iso_min                                ? 
_refine.B_iso_max                                ? 
_refine.overall_SU_R_Cruickshank_DPI             ? 
_refine.overall_SU_R_free                        ? 
_refine.ls_wR_factor_R_free                      ? 
_refine.ls_wR_factor_R_work                      ? 
_refine.overall_FOM_free_R_set                   ? 
_refine.overall_FOM_work_R_set                   ? 
_refine.pdbx_refine_id                           'X-RAY DIFFRACTION' 
_refine.pdbx_diffrn_id                           1 
_refine.pdbx_TLS_residual_ADP_flag               ? 
_refine.pdbx_overall_phase_error                 ? 
_refine.pdbx_overall_SU_R_free_Cruickshank_DPI   ? 
_refine.pdbx_overall_SU_R_Blow_DPI               ? 
_refine.pdbx_overall_SU_R_free_Blow_DPI          ? 
# 
_refine_hist.pdbx_refine_id                   'X-RAY DIFFRACTION' 
_refine_hist.cycle_id                         LAST 
_refine_hist.pdbx_number_atoms_protein        993 
_refine_hist.pdbx_number_atoms_nucleic_acid   0 
_refine_hist.pdbx_number_atoms_ligand         0 
_refine_hist.number_atoms_solvent             41 
_refine_hist.number_atoms_total               1034 
_refine_hist.d_res_high                       2.38 
_refine_hist.d_res_low                        25.00 
# 
loop_
_refine_ls_restr.type 
_refine_ls_restr.dev_ideal 
_refine_ls_restr.dev_ideal_target 
_refine_ls_restr.weight 
_refine_ls_restr.number 
_refine_ls_restr.pdbx_refine_id 
_refine_ls_restr.pdbx_restraint_function 
r_bond_refined_d         0.044  0.021 ? 1008 'X-RAY DIFFRACTION' ? 
r_bond_other_d           0.003  0.020 ? 944  'X-RAY DIFFRACTION' ? 
r_angle_refined_deg      3.518  1.939 ? 1381 'X-RAY DIFFRACTION' ? 
r_angle_other_deg        1.484  3.000 ? 2171 'X-RAY DIFFRACTION' ? 
r_dihedral_angle_1_deg   11.704 5.000 ? 136  'X-RAY DIFFRACTION' ? 
r_dihedral_angle_2_deg   ?      ?     ? ?    'X-RAY DIFFRACTION' ? 
r_dihedral_angle_3_deg   ?      ?     ? ?    'X-RAY DIFFRACTION' ? 
r_dihedral_angle_4_deg   ?      ?     ? ?    'X-RAY DIFFRACTION' ? 
r_chiral_restr           0.193  0.200 ? 177  'X-RAY DIFFRACTION' ? 
r_gen_planes_refined     0.016  0.020 ? 1140 'X-RAY DIFFRACTION' ? 
r_gen_planes_other       0.012  0.020 ? 191  'X-RAY DIFFRACTION' ? 
r_nbd_refined            0.285  0.200 ? 262  'X-RAY DIFFRACTION' ? 
r_nbd_other              0.278  0.200 ? 1145 'X-RAY DIFFRACTION' ? 
r_nbtor_refined          ?      ?     ? ?    'X-RAY DIFFRACTION' ? 
r_nbtor_other            0.128  0.200 ? 699  'X-RAY DIFFRACTION' ? 
r_xyhbond_nbd_refined    0.276  0.200 ? 48   'X-RAY DIFFRACTION' ? 
r_xyhbond_nbd_other      ?      ?     ? ?    'X-RAY DIFFRACTION' ? 
r_metal_ion_refined      ?      ?     ? ?    'X-RAY DIFFRACTION' ? 
r_metal_ion_other        ?      ?     ? ?    'X-RAY DIFFRACTION' ? 
r_symmetry_vdw_refined   0.259  0.200 ? 9    'X-RAY DIFFRACTION' ? 
r_symmetry_vdw_other     0.284  0.200 ? 45   'X-RAY DIFFRACTION' ? 
r_symmetry_hbond_refined 0.514  0.200 ? 4    'X-RAY DIFFRACTION' ? 
r_symmetry_hbond_other   ?      ?     ? ?    'X-RAY DIFFRACTION' ? 
r_mcbond_it              1.897  1.500 ? 683  'X-RAY DIFFRACTION' ? 
r_mcbond_other           ?      ?     ? ?    'X-RAY DIFFRACTION' ? 
r_mcangle_it             3.376  2.000 ? 1076 'X-RAY DIFFRACTION' ? 
r_scbond_it              4.590  3.000 ? 325  'X-RAY DIFFRACTION' ? 
r_scangle_it             7.128  4.500 ? 305  'X-RAY DIFFRACTION' ? 
r_rigid_bond_restr       ?      ?     ? ?    'X-RAY DIFFRACTION' ? 
r_sphericity_free        ?      ?     ? ?    'X-RAY DIFFRACTION' ? 
r_sphericity_bonded      ?      ?     ? ?    'X-RAY DIFFRACTION' ? 
# 
_refine_ls_shell.pdbx_total_number_of_bins_used   20 
_refine_ls_shell.d_res_high                       2.380 
_refine_ls_shell.d_res_low                        2.441 
_refine_ls_shell.number_reflns_R_work             563 
_refine_ls_shell.R_factor_R_work                  0.295 
_refine_ls_shell.percent_reflns_obs               ? 
_refine_ls_shell.R_factor_R_free                  0.372 
_refine_ls_shell.R_factor_R_free_error            ? 
_refine_ls_shell.percent_reflns_R_free            ? 
_refine_ls_shell.number_reflns_R_free             37 
_refine_ls_shell.number_reflns_obs                ? 
_refine_ls_shell.redundancy_reflns_obs            ? 
_refine_ls_shell.number_reflns_all                ? 
_refine_ls_shell.pdbx_refine_id                   'X-RAY DIFFRACTION' 
_refine_ls_shell.R_factor_all                     ? 
# 
_struct.entry_id                  1TTW 
_struct.title                     
'Crystal structure of the Yersinia Pestis type III secretion chaperone SycH in complex with a stable fragment of YscM2' 
_struct.pdbx_model_details        ? 
_struct.pdbx_CASP_flag            ? 
_struct.pdbx_model_type_details   ? 
# 
_struct_keywords.entry_id        1TTW 
_struct_keywords.pdbx_keywords   CHAPERONE 
_struct_keywords.text            'Chaperone, type III secretion' 
# 
loop_
_struct_asym.id 
_struct_asym.pdbx_blank_PDB_chainid_flag 
_struct_asym.pdbx_modified 
_struct_asym.entity_id 
_struct_asym.details 
A N N 1 ? 
B N N 2 ? 
C N N 3 ? 
D N N 3 ? 
# 
loop_
_struct_ref.id 
_struct_ref.db_name 
_struct_ref.db_code 
_struct_ref.pdbx_db_accession 
_struct_ref.entity_id 
_struct_ref.pdbx_seq_one_letter_code 
_struct_ref.pdbx_align_begin 
_struct_ref.pdbx_db_isoform 
1 UNP Q7ARG9_YERPE Q7ARG9   1 
;MRTYSSLLEEFATELGLEEIETNELGHGAVTIDKIWVVHLAPINEKELVAFMRAGILTGQSQLYDILRKNLFSPLSGVIR
CALDKDDHWLLWSQLNINDTSGTQLASVLTSLVDKAVTLSCEPTMKKEEDDHRPSSSH
;
1  ? 
2 GB  NP_783723    28373010 2 TLQQVSTQAITSDERRFAYAVLEHAKNTILNRQDVAKLLPRASNFELSQ 33 ? 
# 
loop_
_struct_ref_seq.align_id 
_struct_ref_seq.ref_id 
_struct_ref_seq.pdbx_PDB_id_code 
_struct_ref_seq.pdbx_strand_id 
_struct_ref_seq.seq_align_beg 
_struct_ref_seq.pdbx_seq_align_beg_ins_code 
_struct_ref_seq.seq_align_end 
_struct_ref_seq.pdbx_seq_align_end_ins_code 
_struct_ref_seq.pdbx_db_accession 
_struct_ref_seq.db_align_beg 
_struct_ref_seq.pdbx_db_align_beg_ins_code 
_struct_ref_seq.db_align_end 
_struct_ref_seq.pdbx_db_align_end_ins_code 
_struct_ref_seq.pdbx_auth_seq_align_beg 
_struct_ref_seq.pdbx_auth_seq_align_end 
1 1 1TTW A 1 ? 138 ? Q7ARG9   1  ? 138 ? 1  138 
2 2 1TTW B 2 ? 50  ? 28373010 33 ? 81  ? 29 77  
# 
loop_
_struct_ref_seq_dif.align_id 
_struct_ref_seq_dif.pdbx_pdb_id_code 
_struct_ref_seq_dif.mon_id 
_struct_ref_seq_dif.pdbx_pdb_strand_id 
_struct_ref_seq_dif.seq_num 
_struct_ref_seq_dif.pdbx_pdb_ins_code 
_struct_ref_seq_dif.pdbx_seq_db_name 
_struct_ref_seq_dif.pdbx_seq_db_accession_code 
_struct_ref_seq_dif.db_mon_id 
_struct_ref_seq_dif.pdbx_seq_db_seq_num 
_struct_ref_seq_dif.details 
_struct_ref_seq_dif.pdbx_auth_seq_num 
_struct_ref_seq_dif.pdbx_ordinal 
2 1TTW MET B 1  ? GB 28373010 ? ? insertion 28 1 
2 1TTW HIS B 51 ? GB 28373010 ? ? insertion 78 2 
2 1TTW HIS B 52 ? GB 28373010 ? ? insertion 79 3 
2 1TTW HIS B 53 ? GB 28373010 ? ? insertion 80 4 
2 1TTW HIS B 54 ? GB 28373010 ? ? insertion 81 5 
2 1TTW HIS B 55 ? GB 28373010 ? ? insertion 82 6 
2 1TTW HIS B 56 ? GB 28373010 ? ? insertion 83 7 
# 
_pdbx_struct_assembly.id                   1 
_pdbx_struct_assembly.details              author_and_software_defined_assembly 
_pdbx_struct_assembly.method_details       PISA,PQS 
_pdbx_struct_assembly.oligomeric_details   tetrameric 
_pdbx_struct_assembly.oligomeric_count     4 
# 
loop_
_pdbx_struct_assembly_prop.biol_id 
_pdbx_struct_assembly_prop.type 
_pdbx_struct_assembly_prop.value 
_pdbx_struct_assembly_prop.details 
1 'ABSA (A^2)' 5140  ? 
1 MORE         -45   ? 
1 'SSA (A^2)'  13090 ? 
# 
_pdbx_struct_assembly_gen.assembly_id       1 
_pdbx_struct_assembly_gen.oper_expression   1,2 
_pdbx_struct_assembly_gen.asym_id_list      A,B,C,D 
# 
loop_
_pdbx_struct_oper_list.id 
_pdbx_struct_oper_list.type 
_pdbx_struct_oper_list.name 
_pdbx_struct_oper_list.symmetry_operation 
_pdbx_struct_oper_list.matrix[1][1] 
_pdbx_struct_oper_list.matrix[1][2] 
_pdbx_struct_oper_list.matrix[1][3] 
_pdbx_struct_oper_list.vector[1] 
_pdbx_struct_oper_list.matrix[2][1] 
_pdbx_struct_oper_list.matrix[2][2] 
_pdbx_struct_oper_list.matrix[2][3] 
_pdbx_struct_oper_list.vector[2] 
_pdbx_struct_oper_list.matrix[3][1] 
_pdbx_struct_oper_list.matrix[3][2] 
_pdbx_struct_oper_list.matrix[3][3] 
_pdbx_struct_oper_list.vector[3] 
1 'identity operation'         1_555 x,y,z              1.0000000000  0.0000000000  0.0000000000  0.0000000000   0.0000000000  1.0000000000  0.0000000000 0.0000000000   0.0000000000  0.0000000000 1.0000000000 0.0000000000  
2 'crystal symmetry operation' 9_765 -x+2,-x+y+1,-z+2/3 -0.8175691056 -0.0380897948 -0.5745693388 -16.7661792903 -0.0380897948 -0.9920472216 0.1199644847 -20.8366658374 -0.5745693388 0.1199644847 0.8096163273 -3.9420912394 
# 
_struct_biol.id   1 
# 
loop_
_struct_conf.conf_type_id 
_struct_conf.id 
_struct_conf.pdbx_PDB_helix_id 
_struct_conf.beg_label_comp_id 
_struct_conf.beg_label_asym_id 
_struct_conf.beg_label_seq_id 
_struct_conf.pdbx_beg_PDB_ins_code 
_struct_conf.end_label_comp_id 
_struct_conf.end_label_asym_id 
_struct_conf.end_label_seq_id 
_struct_conf.pdbx_end_PDB_ins_code 
_struct_conf.beg_auth_comp_id 
_struct_conf.beg_auth_asym_id 
_struct_conf.beg_auth_seq_id 
_struct_conf.end_auth_comp_id 
_struct_conf.end_auth_asym_id 
_struct_conf.end_auth_seq_id 
_struct_conf.pdbx_PDB_helix_class 
_struct_conf.details 
_struct_conf.pdbx_PDB_helix_length 
HELX_P HELX_P1 1 THR A 3   ? ALA A 12  ? THR A 3   ALA A 12  1 ? 10 
HELX_P HELX_P2 2 SER A 61  ? LYS A 69  ? SER A 61  LYS A 69  1 ? 9  
HELX_P HELX_P3 3 SER A 101 ? SER A 120 ? SER A 101 SER A 120 1 ? 20 
HELX_P HELX_P4 4 ASP B 14  ? LEU B 23  ? ASP B 41  LEU B 50  1 ? 10 
# 
_struct_conf_type.id          HELX_P 
_struct_conf_type.criteria    ? 
_struct_conf_type.reference   ? 
# 
_struct_sheet.id               A 
_struct_sheet.type             ? 
_struct_sheet.number_strands   5 
_struct_sheet.details          ? 
# 
loop_
_struct_sheet_order.sheet_id 
_struct_sheet_order.range_id_1 
_struct_sheet_order.range_id_2 
_struct_sheet_order.offset 
_struct_sheet_order.sense 
A 1 2 ? anti-parallel 
A 2 3 ? anti-parallel 
A 3 4 ? anti-parallel 
A 4 5 ? anti-parallel 
# 
loop_
_struct_sheet_range.sheet_id 
_struct_sheet_range.id 
_struct_sheet_range.beg_label_comp_id 
_struct_sheet_range.beg_label_asym_id 
_struct_sheet_range.beg_label_seq_id 
_struct_sheet_range.pdbx_beg_PDB_ins_code 
_struct_sheet_range.end_label_comp_id 
_struct_sheet_range.end_label_asym_id 
_struct_sheet_range.end_label_seq_id 
_struct_sheet_range.pdbx_end_PDB_ins_code 
_struct_sheet_range.beg_auth_comp_id 
_struct_sheet_range.beg_auth_asym_id 
_struct_sheet_range.beg_auth_seq_id 
_struct_sheet_range.end_auth_comp_id 
_struct_sheet_range.end_auth_asym_id 
_struct_sheet_range.end_auth_seq_id 
A 1 GLY A 28 ? ILE A 32 ? GLY A 28 ILE A 32 
A 2 TRP A 36 ? PRO A 42 ? TRP A 36 PRO A 42 
A 3 GLU A 47 ? ILE A 56 ? GLU A 47 ILE A 56 
A 4 HIS A 88 ? ASN A 96 ? HIS A 88 ASN A 96 
A 5 ARG A 80 ? LEU A 83 ? ARG A 80 LEU A 83 
# 
loop_
_pdbx_struct_sheet_hbond.sheet_id 
_pdbx_struct_sheet_hbond.range_id_1 
_pdbx_struct_sheet_hbond.range_id_2 
_pdbx_struct_sheet_hbond.range_1_label_atom_id 
_pdbx_struct_sheet_hbond.range_1_label_comp_id 
_pdbx_struct_sheet_hbond.range_1_label_asym_id 
_pdbx_struct_sheet_hbond.range_1_label_seq_id 
_pdbx_struct_sheet_hbond.range_1_PDB_ins_code 
_pdbx_struct_sheet_hbond.range_1_auth_atom_id 
_pdbx_struct_sheet_hbond.range_1_auth_comp_id 
_pdbx_struct_sheet_hbond.range_1_auth_asym_id 
_pdbx_struct_sheet_hbond.range_1_auth_seq_id 
_pdbx_struct_sheet_hbond.range_2_label_atom_id 
_pdbx_struct_sheet_hbond.range_2_label_comp_id 
_pdbx_struct_sheet_hbond.range_2_label_asym_id 
_pdbx_struct_sheet_hbond.range_2_label_seq_id 
_pdbx_struct_sheet_hbond.range_2_PDB_ins_code 
_pdbx_struct_sheet_hbond.range_2_auth_atom_id 
_pdbx_struct_sheet_hbond.range_2_auth_comp_id 
_pdbx_struct_sheet_hbond.range_2_auth_asym_id 
_pdbx_struct_sheet_hbond.range_2_auth_seq_id 
A 1 2 N ILE A 32 ? N ILE A 32 O TRP A 36 ? O TRP A 36 
A 2 3 N HIS A 39 ? N HIS A 39 O PHE A 51 ? O PHE A 51 
A 3 4 N LEU A 48 ? N LEU A 48 O LEU A 95 ? O LEU A 95 
A 4 5 O LEU A 90 ? O LEU A 90 N ALA A 82 ? N ALA A 82 
# 
loop_
_pdbx_validate_rmsd_bond.id 
_pdbx_validate_rmsd_bond.PDB_model_num 
_pdbx_validate_rmsd_bond.auth_atom_id_1 
_pdbx_validate_rmsd_bond.auth_asym_id_1 
_pdbx_validate_rmsd_bond.auth_comp_id_1 
_pdbx_validate_rmsd_bond.auth_seq_id_1 
_pdbx_validate_rmsd_bond.PDB_ins_code_1 
_pdbx_validate_rmsd_bond.label_alt_id_1 
_pdbx_validate_rmsd_bond.auth_atom_id_2 
_pdbx_validate_rmsd_bond.auth_asym_id_2 
_pdbx_validate_rmsd_bond.auth_comp_id_2 
_pdbx_validate_rmsd_bond.auth_seq_id_2 
_pdbx_validate_rmsd_bond.PDB_ins_code_2 
_pdbx_validate_rmsd_bond.label_alt_id_2 
_pdbx_validate_rmsd_bond.bond_value 
_pdbx_validate_rmsd_bond.bond_target_value 
_pdbx_validate_rmsd_bond.bond_deviation 
_pdbx_validate_rmsd_bond.bond_standard_deviation 
_pdbx_validate_rmsd_bond.linker_flag 
1  1 CD1 A TYR 4  ? ? CE1 A TYR 4  ? ? 1.498 1.389 0.109  0.015 N 
2  1 CG  A GLU 9  ? ? CD  A GLU 9  ? ? 1.618 1.515 0.103  0.015 N 
3  1 CA  A ALA 41 ? ? CB  A ALA 41 ? ? 1.652 1.520 0.132  0.021 N 
4  1 CB  A ASN 44 ? ? CG  A ASN 44 ? ? 1.363 1.506 -0.143 0.023 N 
5  1 CB  A VAL 49 ? ? CG2 A VAL 49 ? ? 1.388 1.524 -0.136 0.021 N 
6  1 CG  A MET 52 ? ? SD  A MET 52 ? ? 2.070 1.807 0.263  0.026 N 
7  1 CZ  A TYR 64 ? ? CE2 A TYR 64 ? ? 1.480 1.381 0.099  0.013 N 
8  1 CB  A TRP 89 ? ? CG  A TRP 89 ? ? 1.342 1.498 -0.156 0.018 N 
9  1 CA  A SER 93 ? ? CB  A SER 93 ? ? 1.632 1.525 0.107  0.015 N 
10 1 CB  A SER 93 ? ? OG  A SER 93 ? ? 1.509 1.418 0.091  0.013 N 
11 1 CG  A GLN 94 ? ? CD  A GLN 94 ? ? 1.676 1.506 0.170  0.023 N 
12 1 CA  B ALA 37 ? ? CB  B ALA 37 ? ? 1.661 1.520 0.141  0.021 N 
# 
loop_
_pdbx_validate_rmsd_angle.id 
_pdbx_validate_rmsd_angle.PDB_model_num 
_pdbx_validate_rmsd_angle.auth_atom_id_1 
_pdbx_validate_rmsd_angle.auth_asym_id_1 
_pdbx_validate_rmsd_angle.auth_comp_id_1 
_pdbx_validate_rmsd_angle.auth_seq_id_1 
_pdbx_validate_rmsd_angle.PDB_ins_code_1 
_pdbx_validate_rmsd_angle.label_alt_id_1 
_pdbx_validate_rmsd_angle.auth_atom_id_2 
_pdbx_validate_rmsd_angle.auth_asym_id_2 
_pdbx_validate_rmsd_angle.auth_comp_id_2 
_pdbx_validate_rmsd_angle.auth_seq_id_2 
_pdbx_validate_rmsd_angle.PDB_ins_code_2 
_pdbx_validate_rmsd_angle.label_alt_id_2 
_pdbx_validate_rmsd_angle.auth_atom_id_3 
_pdbx_validate_rmsd_angle.auth_asym_id_3 
_pdbx_validate_rmsd_angle.auth_comp_id_3 
_pdbx_validate_rmsd_angle.auth_seq_id_3 
_pdbx_validate_rmsd_angle.PDB_ins_code_3 
_pdbx_validate_rmsd_angle.label_alt_id_3 
_pdbx_validate_rmsd_angle.angle_value 
_pdbx_validate_rmsd_angle.angle_target_value 
_pdbx_validate_rmsd_angle.angle_deviation 
_pdbx_validate_rmsd_angle.angle_standard_deviation 
_pdbx_validate_rmsd_angle.linker_flag 
1 1 CB A TYR 64  ? ? CA A TYR 64  ? ? C   A TYR 64  ? ? 97.18  110.40 -13.22 2.00 N 
2 1 NE A ARG 68  ? ? CZ A ARG 68  ? ? NH1 A ARG 68  ? ? 123.46 120.30 3.16   0.50 N 
3 1 CA A LEU 75  ? ? CB A LEU 75  ? ? CG  A LEU 75  ? ? 130.38 115.30 15.08  2.30 N 
4 1 CB A LEU 75  ? ? CG A LEU 75  ? ? CD1 A LEU 75  ? ? 122.21 111.00 11.21  1.70 N 
5 1 CB A ASP 84  ? ? CG A ASP 84  ? ? OD2 A ASP 84  ? ? 124.54 118.30 6.24   0.90 N 
6 1 CA A LEU 112 ? ? CB A LEU 112 ? ? CG  A LEU 112 ? ? 134.02 115.30 18.72  2.30 N 
7 1 N  B ALA 37  ? ? CA B ALA 37  ? ? C   B ALA 37  ? ? 127.95 111.00 16.95  2.70 N 
# 
loop_
_pdbx_validate_torsion.id 
_pdbx_validate_torsion.PDB_model_num 
_pdbx_validate_torsion.auth_comp_id 
_pdbx_validate_torsion.auth_asym_id 
_pdbx_validate_torsion.auth_seq_id 
_pdbx_validate_torsion.PDB_ins_code 
_pdbx_validate_torsion.label_alt_id 
_pdbx_validate_torsion.phi 
_pdbx_validate_torsion.psi 
1  1 THR A 13 ? ? -83.28  -72.97  
2  1 GLU A 14 ? ? -36.91  3.73    
3  1 GLU A 19 ? ? 154.83  122.32  
4  1 ASN A 23 ? ? -70.66  -166.15 
5  1 LEU A 25 ? ? -77.60  20.65   
6  1 ASP A 33 ? ? 38.57   36.39   
7  1 LYS A 34 ? ? 67.20   -10.85  
8  1 GLN A 60 ? ? 179.04  -171.43 
9  1 SER A 61 ? ? 53.54   5.32    
10 1 ASN A 70 ? ? -91.76  54.80   
11 1 ASP A 86 ? ? -88.43  37.29   
12 1 ALA B 37 ? ? -61.08  90.25   
13 1 ILE B 38 ? ? -170.75 -176.41 
14 1 SER B 40 ? ? -157.07 -95.17  
15 1 ASP B 41 ? ? -107.31 63.17   
16 1 GLU B 42 ? ? -153.87 -38.24  
17 1 ARG B 43 ? ? -47.33  -9.43   
18 1 ARG B 44 ? ? -92.43  -80.30  
19 1 ALA B 46 ? ? -64.30  -80.39  
20 1 TYR B 47 ? ? -22.62  -45.46  
21 1 LEU B 50 ? ? -47.00  28.60   
22 1 GLU B 51 ? ? -166.03 -47.55  
# 
loop_
_pdbx_validate_peptide_omega.id 
_pdbx_validate_peptide_omega.PDB_model_num 
_pdbx_validate_peptide_omega.auth_comp_id_1 
_pdbx_validate_peptide_omega.auth_asym_id_1 
_pdbx_validate_peptide_omega.auth_seq_id_1 
_pdbx_validate_peptide_omega.PDB_ins_code_1 
_pdbx_validate_peptide_omega.label_alt_id_1 
_pdbx_validate_peptide_omega.auth_comp_id_2 
_pdbx_validate_peptide_omega.auth_asym_id_2 
_pdbx_validate_peptide_omega.auth_seq_id_2 
_pdbx_validate_peptide_omega.PDB_ins_code_2 
_pdbx_validate_peptide_omega.label_alt_id_2 
_pdbx_validate_peptide_omega.omega 
1 1 GLY A 55 ? ? ILE A 56 ? ? -141.96 
2 1 GLN B 36 ? ? ALA B 37 ? ? -149.29 
# 
_pdbx_validate_main_chain_plane.id                       1 
_pdbx_validate_main_chain_plane.PDB_model_num            1 
_pdbx_validate_main_chain_plane.auth_comp_id             ASN 
_pdbx_validate_main_chain_plane.auth_asym_id             A 
_pdbx_validate_main_chain_plane.auth_seq_id              44 
_pdbx_validate_main_chain_plane.PDB_ins_code             ? 
_pdbx_validate_main_chain_plane.label_alt_id             ? 
_pdbx_validate_main_chain_plane.improper_torsion_angle   -14.06 
# 
loop_
_pdbx_struct_special_symmetry.id 
_pdbx_struct_special_symmetry.PDB_model_num 
_pdbx_struct_special_symmetry.auth_asym_id 
_pdbx_struct_special_symmetry.auth_comp_id 
_pdbx_struct_special_symmetry.auth_seq_id 
_pdbx_struct_special_symmetry.PDB_ins_code 
_pdbx_struct_special_symmetry.label_asym_id 
_pdbx_struct_special_symmetry.label_comp_id 
_pdbx_struct_special_symmetry.label_seq_id 
1 1 A HOH 155 ? C HOH . 
2 1 A HOH 164 ? C HOH . 
3 1 A HOH 169 ? C HOH . 
# 
loop_
_pdbx_unobs_or_zero_occ_residues.id 
_pdbx_unobs_or_zero_occ_residues.PDB_model_num 
_pdbx_unobs_or_zero_occ_residues.polymer_flag 
_pdbx_unobs_or_zero_occ_residues.occupancy_flag 
_pdbx_unobs_or_zero_occ_residues.auth_asym_id 
_pdbx_unobs_or_zero_occ_residues.auth_comp_id 
_pdbx_unobs_or_zero_occ_residues.auth_seq_id 
_pdbx_unobs_or_zero_occ_residues.PDB_ins_code 
_pdbx_unobs_or_zero_occ_residues.label_asym_id 
_pdbx_unobs_or_zero_occ_residues.label_comp_id 
_pdbx_unobs_or_zero_occ_residues.label_seq_id 
1  1 Y 1 A MET 1   ? A MET 1   
2  1 Y 1 A ARG 2   ? A ARG 2   
3  1 Y 1 A CYS 121 ? A CYS 121 
4  1 Y 1 A GLU 122 ? A GLU 122 
5  1 Y 1 A PRO 123 ? A PRO 123 
6  1 Y 1 A THR 124 ? A THR 124 
7  1 Y 1 A MET 125 ? A MET 125 
8  1 Y 1 A LYS 126 ? A LYS 126 
9  1 Y 1 A LYS 127 ? A LYS 127 
10 1 Y 1 A GLU 128 ? A GLU 128 
11 1 Y 1 A GLU 129 ? A GLU 129 
12 1 Y 1 A ASP 130 ? A ASP 130 
13 1 Y 1 A ASP 131 ? A ASP 131 
14 1 Y 1 A HIS 132 ? A HIS 132 
15 1 Y 1 A ARG 133 ? A ARG 133 
16 1 Y 1 A PRO 134 ? A PRO 134 
17 1 Y 1 A SER 135 ? A SER 135 
18 1 Y 1 A SER 136 ? A SER 136 
19 1 Y 1 A SER 137 ? A SER 137 
20 1 Y 1 A HIS 138 ? A HIS 138 
21 1 Y 1 B MET 28  ? B MET 1   
22 1 Y 1 B THR 29  ? B THR 2   
23 1 Y 1 B LEU 30  ? B LEU 3   
24 1 Y 1 B GLN 31  ? B GLN 4   
25 1 Y 1 B GLN 32  ? B GLN 5   
26 1 Y 1 B ALA 53  ? B ALA 26  
27 1 Y 1 B LYS 54  ? B LYS 27  
28 1 Y 1 B ASN 55  ? B ASN 28  
29 1 Y 1 B THR 56  ? B THR 29  
30 1 Y 1 B ILE 57  ? B ILE 30  
31 1 Y 1 B LEU 58  ? B LEU 31  
32 1 Y 1 B ASN 59  ? B ASN 32  
33 1 Y 1 B ARG 60  ? B ARG 33  
34 1 Y 1 B GLN 61  ? B GLN 34  
35 1 Y 1 B ASP 62  ? B ASP 35  
36 1 Y 1 B VAL 63  ? B VAL 36  
37 1 Y 1 B ALA 64  ? B ALA 37  
38 1 Y 1 B LYS 65  ? B LYS 38  
39 1 Y 1 B LEU 66  ? B LEU 39  
40 1 Y 1 B LEU 67  ? B LEU 40  
41 1 Y 1 B PRO 68  ? B PRO 41  
42 1 Y 1 B ARG 69  ? B ARG 42  
43 1 Y 1 B ALA 70  ? B ALA 43  
44 1 Y 1 B SER 71  ? B SER 44  
45 1 Y 1 B ASN 72  ? B ASN 45  
46 1 Y 1 B PHE 73  ? B PHE 46  
47 1 Y 1 B GLU 74  ? B GLU 47  
48 1 Y 1 B LEU 75  ? B LEU 48  
49 1 Y 1 B SER 76  ? B SER 49  
50 1 Y 1 B GLN 77  ? B GLN 50  
51 1 Y 1 B HIS 78  ? B HIS 51  
52 1 Y 1 B HIS 79  ? B HIS 52  
53 1 Y 1 B HIS 80  ? B HIS 53  
54 1 Y 1 B HIS 81  ? B HIS 54  
55 1 Y 1 B HIS 82  ? B HIS 55  
56 1 Y 1 B HIS 83  ? B HIS 56  
# 
loop_
_chem_comp_atom.comp_id 
_chem_comp_atom.atom_id 
_chem_comp_atom.type_symbol 
_chem_comp_atom.pdbx_aromatic_flag 
_chem_comp_atom.pdbx_stereo_config 
_chem_comp_atom.pdbx_ordinal 
ALA N    N N N 1   
ALA CA   C N S 2   
ALA C    C N N 3   
ALA O    O N N 4   
ALA CB   C N N 5   
ALA OXT  O N N 6   
ALA H    H N N 7   
ALA H2   H N N 8   
ALA HA   H N N 9   
ALA HB1  H N N 10  
ALA HB2  H N N 11  
ALA HB3  H N N 12  
ALA HXT  H N N 13  
ARG N    N N N 14  
ARG CA   C N S 15  
ARG C    C N N 16  
ARG O    O N N 17  
ARG CB   C N N 18  
ARG CG   C N N 19  
ARG CD   C N N 20  
ARG NE   N N N 21  
ARG CZ   C N N 22  
ARG NH1  N N N 23  
ARG NH2  N N N 24  
ARG OXT  O N N 25  
ARG H    H N N 26  
ARG H2   H N N 27  
ARG HA   H N N 28  
ARG HB2  H N N 29  
ARG HB3  H N N 30  
ARG HG2  H N N 31  
ARG HG3  H N N 32  
ARG HD2  H N N 33  
ARG HD3  H N N 34  
ARG HE   H N N 35  
ARG HH11 H N N 36  
ARG HH12 H N N 37  
ARG HH21 H N N 38  
ARG HH22 H N N 39  
ARG HXT  H N N 40  
ASN N    N N N 41  
ASN CA   C N S 42  
ASN C    C N N 43  
ASN O    O N N 44  
ASN CB   C N N 45  
ASN CG   C N N 46  
ASN OD1  O N N 47  
ASN ND2  N N N 48  
ASN OXT  O N N 49  
ASN H    H N N 50  
ASN H2   H N N 51  
ASN HA   H N N 52  
ASN HB2  H N N 53  
ASN HB3  H N N 54  
ASN HD21 H N N 55  
ASN HD22 H N N 56  
ASN HXT  H N N 57  
ASP N    N N N 58  
ASP CA   C N S 59  
ASP C    C N N 60  
ASP O    O N N 61  
ASP CB   C N N 62  
ASP CG   C N N 63  
ASP OD1  O N N 64  
ASP OD2  O N N 65  
ASP OXT  O N N 66  
ASP H    H N N 67  
ASP H2   H N N 68  
ASP HA   H N N 69  
ASP HB2  H N N 70  
ASP HB3  H N N 71  
ASP HD2  H N N 72  
ASP HXT  H N N 73  
CYS N    N N N 74  
CYS CA   C N R 75  
CYS C    C N N 76  
CYS O    O N N 77  
CYS CB   C N N 78  
CYS SG   S N N 79  
CYS OXT  O N N 80  
CYS H    H N N 81  
CYS H2   H N N 82  
CYS HA   H N N 83  
CYS HB2  H N N 84  
CYS HB3  H N N 85  
CYS HG   H N N 86  
CYS HXT  H N N 87  
GLN N    N N N 88  
GLN CA   C N S 89  
GLN C    C N N 90  
GLN O    O N N 91  
GLN CB   C N N 92  
GLN CG   C N N 93  
GLN CD   C N N 94  
GLN OE1  O N N 95  
GLN NE2  N N N 96  
GLN OXT  O N N 97  
GLN H    H N N 98  
GLN H2   H N N 99  
GLN HA   H N N 100 
GLN HB2  H N N 101 
GLN HB3  H N N 102 
GLN HG2  H N N 103 
GLN HG3  H N N 104 
GLN HE21 H N N 105 
GLN HE22 H N N 106 
GLN HXT  H N N 107 
GLU N    N N N 108 
GLU CA   C N S 109 
GLU C    C N N 110 
GLU O    O N N 111 
GLU CB   C N N 112 
GLU CG   C N N 113 
GLU CD   C N N 114 
GLU OE1  O N N 115 
GLU OE2  O N N 116 
GLU OXT  O N N 117 
GLU H    H N N 118 
GLU H2   H N N 119 
GLU HA   H N N 120 
GLU HB2  H N N 121 
GLU HB3  H N N 122 
GLU HG2  H N N 123 
GLU HG3  H N N 124 
GLU HE2  H N N 125 
GLU HXT  H N N 126 
GLY N    N N N 127 
GLY CA   C N N 128 
GLY C    C N N 129 
GLY O    O N N 130 
GLY OXT  O N N 131 
GLY H    H N N 132 
GLY H2   H N N 133 
GLY HA2  H N N 134 
GLY HA3  H N N 135 
GLY HXT  H N N 136 
HIS N    N N N 137 
HIS CA   C N S 138 
HIS C    C N N 139 
HIS O    O N N 140 
HIS CB   C N N 141 
HIS CG   C Y N 142 
HIS ND1  N Y N 143 
HIS CD2  C Y N 144 
HIS CE1  C Y N 145 
HIS NE2  N Y N 146 
HIS OXT  O N N 147 
HIS H    H N N 148 
HIS H2   H N N 149 
HIS HA   H N N 150 
HIS HB2  H N N 151 
HIS HB3  H N N 152 
HIS HD1  H N N 153 
HIS HD2  H N N 154 
HIS HE1  H N N 155 
HIS HE2  H N N 156 
HIS HXT  H N N 157 
HOH O    O N N 158 
HOH H1   H N N 159 
HOH H2   H N N 160 
ILE N    N N N 161 
ILE CA   C N S 162 
ILE C    C N N 163 
ILE O    O N N 164 
ILE CB   C N S 165 
ILE CG1  C N N 166 
ILE CG2  C N N 167 
ILE CD1  C N N 168 
ILE OXT  O N N 169 
ILE H    H N N 170 
ILE H2   H N N 171 
ILE HA   H N N 172 
ILE HB   H N N 173 
ILE HG12 H N N 174 
ILE HG13 H N N 175 
ILE HG21 H N N 176 
ILE HG22 H N N 177 
ILE HG23 H N N 178 
ILE HD11 H N N 179 
ILE HD12 H N N 180 
ILE HD13 H N N 181 
ILE HXT  H N N 182 
LEU N    N N N 183 
LEU CA   C N S 184 
LEU C    C N N 185 
LEU O    O N N 186 
LEU CB   C N N 187 
LEU CG   C N N 188 
LEU CD1  C N N 189 
LEU CD2  C N N 190 
LEU OXT  O N N 191 
LEU H    H N N 192 
LEU H2   H N N 193 
LEU HA   H N N 194 
LEU HB2  H N N 195 
LEU HB3  H N N 196 
LEU HG   H N N 197 
LEU HD11 H N N 198 
LEU HD12 H N N 199 
LEU HD13 H N N 200 
LEU HD21 H N N 201 
LEU HD22 H N N 202 
LEU HD23 H N N 203 
LEU HXT  H N N 204 
LYS N    N N N 205 
LYS CA   C N S 206 
LYS C    C N N 207 
LYS O    O N N 208 
LYS CB   C N N 209 
LYS CG   C N N 210 
LYS CD   C N N 211 
LYS CE   C N N 212 
LYS NZ   N N N 213 
LYS OXT  O N N 214 
LYS H    H N N 215 
LYS H2   H N N 216 
LYS HA   H N N 217 
LYS HB2  H N N 218 
LYS HB3  H N N 219 
LYS HG2  H N N 220 
LYS HG3  H N N 221 
LYS HD2  H N N 222 
LYS HD3  H N N 223 
LYS HE2  H N N 224 
LYS HE3  H N N 225 
LYS HZ1  H N N 226 
LYS HZ2  H N N 227 
LYS HZ3  H N N 228 
LYS HXT  H N N 229 
MET N    N N N 230 
MET CA   C N S 231 
MET C    C N N 232 
MET O    O N N 233 
MET CB   C N N 234 
MET CG   C N N 235 
MET SD   S N N 236 
MET CE   C N N 237 
MET OXT  O N N 238 
MET H    H N N 239 
MET H2   H N N 240 
MET HA   H N N 241 
MET HB2  H N N 242 
MET HB3  H N N 243 
MET HG2  H N N 244 
MET HG3  H N N 245 
MET HE1  H N N 246 
MET HE2  H N N 247 
MET HE3  H N N 248 
MET HXT  H N N 249 
PHE N    N N N 250 
PHE CA   C N S 251 
PHE C    C N N 252 
PHE O    O N N 253 
PHE CB   C N N 254 
PHE CG   C Y N 255 
PHE CD1  C Y N 256 
PHE CD2  C Y N 257 
PHE CE1  C Y N 258 
PHE CE2  C Y N 259 
PHE CZ   C Y N 260 
PHE OXT  O N N 261 
PHE H    H N N 262 
PHE H2   H N N 263 
PHE HA   H N N 264 
PHE HB2  H N N 265 
PHE HB3  H N N 266 
PHE HD1  H N N 267 
PHE HD2  H N N 268 
PHE HE1  H N N 269 
PHE HE2  H N N 270 
PHE HZ   H N N 271 
PHE HXT  H N N 272 
PRO N    N N N 273 
PRO CA   C N S 274 
PRO C    C N N 275 
PRO O    O N N 276 
PRO CB   C N N 277 
PRO CG   C N N 278 
PRO CD   C N N 279 
PRO OXT  O N N 280 
PRO H    H N N 281 
PRO HA   H N N 282 
PRO HB2  H N N 283 
PRO HB3  H N N 284 
PRO HG2  H N N 285 
PRO HG3  H N N 286 
PRO HD2  H N N 287 
PRO HD3  H N N 288 
PRO HXT  H N N 289 
SER N    N N N 290 
SER CA   C N S 291 
SER C    C N N 292 
SER O    O N N 293 
SER CB   C N N 294 
SER OG   O N N 295 
SER OXT  O N N 296 
SER H    H N N 297 
SER H2   H N N 298 
SER HA   H N N 299 
SER HB2  H N N 300 
SER HB3  H N N 301 
SER HG   H N N 302 
SER HXT  H N N 303 
THR N    N N N 304 
THR CA   C N S 305 
THR C    C N N 306 
THR O    O N N 307 
THR CB   C N R 308 
THR OG1  O N N 309 
THR CG2  C N N 310 
THR OXT  O N N 311 
THR H    H N N 312 
THR H2   H N N 313 
THR HA   H N N 314 
THR HB   H N N 315 
THR HG1  H N N 316 
THR HG21 H N N 317 
THR HG22 H N N 318 
THR HG23 H N N 319 
THR HXT  H N N 320 
TRP N    N N N 321 
TRP CA   C N S 322 
TRP C    C N N 323 
TRP O    O N N 324 
TRP CB   C N N 325 
TRP CG   C Y N 326 
TRP CD1  C Y N 327 
TRP CD2  C Y N 328 
TRP NE1  N Y N 329 
TRP CE2  C Y N 330 
TRP CE3  C Y N 331 
TRP CZ2  C Y N 332 
TRP CZ3  C Y N 333 
TRP CH2  C Y N 334 
TRP OXT  O N N 335 
TRP H    H N N 336 
TRP H2   H N N 337 
TRP HA   H N N 338 
TRP HB2  H N N 339 
TRP HB3  H N N 340 
TRP HD1  H N N 341 
TRP HE1  H N N 342 
TRP HE3  H N N 343 
TRP HZ2  H N N 344 
TRP HZ3  H N N 345 
TRP HH2  H N N 346 
TRP HXT  H N N 347 
TYR N    N N N 348 
TYR CA   C N S 349 
TYR C    C N N 350 
TYR O    O N N 351 
TYR CB   C N N 352 
TYR CG   C Y N 353 
TYR CD1  C Y N 354 
TYR CD2  C Y N 355 
TYR CE1  C Y N 356 
TYR CE2  C Y N 357 
TYR CZ   C Y N 358 
TYR OH   O N N 359 
TYR OXT  O N N 360 
TYR H    H N N 361 
TYR H2   H N N 362 
TYR HA   H N N 363 
TYR HB2  H N N 364 
TYR HB3  H N N 365 
TYR HD1  H N N 366 
TYR HD2  H N N 367 
TYR HE1  H N N 368 
TYR HE2  H N N 369 
TYR HH   H N N 370 
TYR HXT  H N N 371 
VAL N    N N N 372 
VAL CA   C N S 373 
VAL C    C N N 374 
VAL O    O N N 375 
VAL CB   C N N 376 
VAL CG1  C N N 377 
VAL CG2  C N N 378 
VAL OXT  O N N 379 
VAL H    H N N 380 
VAL H2   H N N 381 
VAL HA   H N N 382 
VAL HB   H N N 383 
VAL HG11 H N N 384 
VAL HG12 H N N 385 
VAL HG13 H N N 386 
VAL HG21 H N N 387 
VAL HG22 H N N 388 
VAL HG23 H N N 389 
VAL HXT  H N N 390 
# 
loop_
_chem_comp_bond.comp_id 
_chem_comp_bond.atom_id_1 
_chem_comp_bond.atom_id_2 
_chem_comp_bond.value_order 
_chem_comp_bond.pdbx_aromatic_flag 
_chem_comp_bond.pdbx_stereo_config 
_chem_comp_bond.pdbx_ordinal 
ALA N   CA   sing N N 1   
ALA N   H    sing N N 2   
ALA N   H2   sing N N 3   
ALA CA  C    sing N N 4   
ALA CA  CB   sing N N 5   
ALA CA  HA   sing N N 6   
ALA C   O    doub N N 7   
ALA C   OXT  sing N N 8   
ALA CB  HB1  sing N N 9   
ALA CB  HB2  sing N N 10  
ALA CB  HB3  sing N N 11  
ALA OXT HXT  sing N N 12  
ARG N   CA   sing N N 13  
ARG N   H    sing N N 14  
ARG N   H2   sing N N 15  
ARG CA  C    sing N N 16  
ARG CA  CB   sing N N 17  
ARG CA  HA   sing N N 18  
ARG C   O    doub N N 19  
ARG C   OXT  sing N N 20  
ARG CB  CG   sing N N 21  
ARG CB  HB2  sing N N 22  
ARG CB  HB3  sing N N 23  
ARG CG  CD   sing N N 24  
ARG CG  HG2  sing N N 25  
ARG CG  HG3  sing N N 26  
ARG CD  NE   sing N N 27  
ARG CD  HD2  sing N N 28  
ARG CD  HD3  sing N N 29  
ARG NE  CZ   sing N N 30  
ARG NE  HE   sing N N 31  
ARG CZ  NH1  sing N N 32  
ARG CZ  NH2  doub N N 33  
ARG NH1 HH11 sing N N 34  
ARG NH1 HH12 sing N N 35  
ARG NH2 HH21 sing N N 36  
ARG NH2 HH22 sing N N 37  
ARG OXT HXT  sing N N 38  
ASN N   CA   sing N N 39  
ASN N   H    sing N N 40  
ASN N   H2   sing N N 41  
ASN CA  C    sing N N 42  
ASN CA  CB   sing N N 43  
ASN CA  HA   sing N N 44  
ASN C   O    doub N N 45  
ASN C   OXT  sing N N 46  
ASN CB  CG   sing N N 47  
ASN CB  HB2  sing N N 48  
ASN CB  HB3  sing N N 49  
ASN CG  OD1  doub N N 50  
ASN CG  ND2  sing N N 51  
ASN ND2 HD21 sing N N 52  
ASN ND2 HD22 sing N N 53  
ASN OXT HXT  sing N N 54  
ASP N   CA   sing N N 55  
ASP N   H    sing N N 56  
ASP N   H2   sing N N 57  
ASP CA  C    sing N N 58  
ASP CA  CB   sing N N 59  
ASP CA  HA   sing N N 60  
ASP C   O    doub N N 61  
ASP C   OXT  sing N N 62  
ASP CB  CG   sing N N 63  
ASP CB  HB2  sing N N 64  
ASP CB  HB3  sing N N 65  
ASP CG  OD1  doub N N 66  
ASP CG  OD2  sing N N 67  
ASP OD2 HD2  sing N N 68  
ASP OXT HXT  sing N N 69  
CYS N   CA   sing N N 70  
CYS N   H    sing N N 71  
CYS N   H2   sing N N 72  
CYS CA  C    sing N N 73  
CYS CA  CB   sing N N 74  
CYS CA  HA   sing N N 75  
CYS C   O    doub N N 76  
CYS C   OXT  sing N N 77  
CYS CB  SG   sing N N 78  
CYS CB  HB2  sing N N 79  
CYS CB  HB3  sing N N 80  
CYS SG  HG   sing N N 81  
CYS OXT HXT  sing N N 82  
GLN N   CA   sing N N 83  
GLN N   H    sing N N 84  
GLN N   H2   sing N N 85  
GLN CA  C    sing N N 86  
GLN CA  CB   sing N N 87  
GLN CA  HA   sing N N 88  
GLN C   O    doub N N 89  
GLN C   OXT  sing N N 90  
GLN CB  CG   sing N N 91  
GLN CB  HB2  sing N N 92  
GLN CB  HB3  sing N N 93  
GLN CG  CD   sing N N 94  
GLN CG  HG2  sing N N 95  
GLN CG  HG3  sing N N 96  
GLN CD  OE1  doub N N 97  
GLN CD  NE2  sing N N 98  
GLN NE2 HE21 sing N N 99  
GLN NE2 HE22 sing N N 100 
GLN OXT HXT  sing N N 101 
GLU N   CA   sing N N 102 
GLU N   H    sing N N 103 
GLU N   H2   sing N N 104 
GLU CA  C    sing N N 105 
GLU CA  CB   sing N N 106 
GLU CA  HA   sing N N 107 
GLU C   O    doub N N 108 
GLU C   OXT  sing N N 109 
GLU CB  CG   sing N N 110 
GLU CB  HB2  sing N N 111 
GLU CB  HB3  sing N N 112 
GLU CG  CD   sing N N 113 
GLU CG  HG2  sing N N 114 
GLU CG  HG3  sing N N 115 
GLU CD  OE1  doub N N 116 
GLU CD  OE2  sing N N 117 
GLU OE2 HE2  sing N N 118 
GLU OXT HXT  sing N N 119 
GLY N   CA   sing N N 120 
GLY N   H    sing N N 121 
GLY N   H2   sing N N 122 
GLY CA  C    sing N N 123 
GLY CA  HA2  sing N N 124 
GLY CA  HA3  sing N N 125 
GLY C   O    doub N N 126 
GLY C   OXT  sing N N 127 
GLY OXT HXT  sing N N 128 
HIS N   CA   sing N N 129 
HIS N   H    sing N N 130 
HIS N   H2   sing N N 131 
HIS CA  C    sing N N 132 
HIS CA  CB   sing N N 133 
HIS CA  HA   sing N N 134 
HIS C   O    doub N N 135 
HIS C   OXT  sing N N 136 
HIS CB  CG   sing N N 137 
HIS CB  HB2  sing N N 138 
HIS CB  HB3  sing N N 139 
HIS CG  ND1  sing Y N 140 
HIS CG  CD2  doub Y N 141 
HIS ND1 CE1  doub Y N 142 
HIS ND1 HD1  sing N N 143 
HIS CD2 NE2  sing Y N 144 
HIS CD2 HD2  sing N N 145 
HIS CE1 NE2  sing Y N 146 
HIS CE1 HE1  sing N N 147 
HIS NE2 HE2  sing N N 148 
HIS OXT HXT  sing N N 149 
HOH O   H1   sing N N 150 
HOH O   H2   sing N N 151 
ILE N   CA   sing N N 152 
ILE N   H    sing N N 153 
ILE N   H2   sing N N 154 
ILE CA  C    sing N N 155 
ILE CA  CB   sing N N 156 
ILE CA  HA   sing N N 157 
ILE C   O    doub N N 158 
ILE C   OXT  sing N N 159 
ILE CB  CG1  sing N N 160 
ILE CB  CG2  sing N N 161 
ILE CB  HB   sing N N 162 
ILE CG1 CD1  sing N N 163 
ILE CG1 HG12 sing N N 164 
ILE CG1 HG13 sing N N 165 
ILE CG2 HG21 sing N N 166 
ILE CG2 HG22 sing N N 167 
ILE CG2 HG23 sing N N 168 
ILE CD1 HD11 sing N N 169 
ILE CD1 HD12 sing N N 170 
ILE CD1 HD13 sing N N 171 
ILE OXT HXT  sing N N 172 
LEU N   CA   sing N N 173 
LEU N   H    sing N N 174 
LEU N   H2   sing N N 175 
LEU CA  C    sing N N 176 
LEU CA  CB   sing N N 177 
LEU CA  HA   sing N N 178 
LEU C   O    doub N N 179 
LEU C   OXT  sing N N 180 
LEU CB  CG   sing N N 181 
LEU CB  HB2  sing N N 182 
LEU CB  HB3  sing N N 183 
LEU CG  CD1  sing N N 184 
LEU CG  CD2  sing N N 185 
LEU CG  HG   sing N N 186 
LEU CD1 HD11 sing N N 187 
LEU CD1 HD12 sing N N 188 
LEU CD1 HD13 sing N N 189 
LEU CD2 HD21 sing N N 190 
LEU CD2 HD22 sing N N 191 
LEU CD2 HD23 sing N N 192 
LEU OXT HXT  sing N N 193 
LYS N   CA   sing N N 194 
LYS N   H    sing N N 195 
LYS N   H2   sing N N 196 
LYS CA  C    sing N N 197 
LYS CA  CB   sing N N 198 
LYS CA  HA   sing N N 199 
LYS C   O    doub N N 200 
LYS C   OXT  sing N N 201 
LYS CB  CG   sing N N 202 
LYS CB  HB2  sing N N 203 
LYS CB  HB3  sing N N 204 
LYS CG  CD   sing N N 205 
LYS CG  HG2  sing N N 206 
LYS CG  HG3  sing N N 207 
LYS CD  CE   sing N N 208 
LYS CD  HD2  sing N N 209 
LYS CD  HD3  sing N N 210 
LYS CE  NZ   sing N N 211 
LYS CE  HE2  sing N N 212 
LYS CE  HE3  sing N N 213 
LYS NZ  HZ1  sing N N 214 
LYS NZ  HZ2  sing N N 215 
LYS NZ  HZ3  sing N N 216 
LYS OXT HXT  sing N N 217 
MET N   CA   sing N N 218 
MET N   H    sing N N 219 
MET N   H2   sing N N 220 
MET CA  C    sing N N 221 
MET CA  CB   sing N N 222 
MET CA  HA   sing N N 223 
MET C   O    doub N N 224 
MET C   OXT  sing N N 225 
MET CB  CG   sing N N 226 
MET CB  HB2  sing N N 227 
MET CB  HB3  sing N N 228 
MET CG  SD   sing N N 229 
MET CG  HG2  sing N N 230 
MET CG  HG3  sing N N 231 
MET SD  CE   sing N N 232 
MET CE  HE1  sing N N 233 
MET CE  HE2  sing N N 234 
MET CE  HE3  sing N N 235 
MET OXT HXT  sing N N 236 
PHE N   CA   sing N N 237 
PHE N   H    sing N N 238 
PHE N   H2   sing N N 239 
PHE CA  C    sing N N 240 
PHE CA  CB   sing N N 241 
PHE CA  HA   sing N N 242 
PHE C   O    doub N N 243 
PHE C   OXT  sing N N 244 
PHE CB  CG   sing N N 245 
PHE CB  HB2  sing N N 246 
PHE CB  HB3  sing N N 247 
PHE CG  CD1  doub Y N 248 
PHE CG  CD2  sing Y N 249 
PHE CD1 CE1  sing Y N 250 
PHE CD1 HD1  sing N N 251 
PHE CD2 CE2  doub Y N 252 
PHE CD2 HD2  sing N N 253 
PHE CE1 CZ   doub Y N 254 
PHE CE1 HE1  sing N N 255 
PHE CE2 CZ   sing Y N 256 
PHE CE2 HE2  sing N N 257 
PHE CZ  HZ   sing N N 258 
PHE OXT HXT  sing N N 259 
PRO N   CA   sing N N 260 
PRO N   CD   sing N N 261 
PRO N   H    sing N N 262 
PRO CA  C    sing N N 263 
PRO CA  CB   sing N N 264 
PRO CA  HA   sing N N 265 
PRO C   O    doub N N 266 
PRO C   OXT  sing N N 267 
PRO CB  CG   sing N N 268 
PRO CB  HB2  sing N N 269 
PRO CB  HB3  sing N N 270 
PRO CG  CD   sing N N 271 
PRO CG  HG2  sing N N 272 
PRO CG  HG3  sing N N 273 
PRO CD  HD2  sing N N 274 
PRO CD  HD3  sing N N 275 
PRO OXT HXT  sing N N 276 
SER N   CA   sing N N 277 
SER N   H    sing N N 278 
SER N   H2   sing N N 279 
SER CA  C    sing N N 280 
SER CA  CB   sing N N 281 
SER CA  HA   sing N N 282 
SER C   O    doub N N 283 
SER C   OXT  sing N N 284 
SER CB  OG   sing N N 285 
SER CB  HB2  sing N N 286 
SER CB  HB3  sing N N 287 
SER OG  HG   sing N N 288 
SER OXT HXT  sing N N 289 
THR N   CA   sing N N 290 
THR N   H    sing N N 291 
THR N   H2   sing N N 292 
THR CA  C    sing N N 293 
THR CA  CB   sing N N 294 
THR CA  HA   sing N N 295 
THR C   O    doub N N 296 
THR C   OXT  sing N N 297 
THR CB  OG1  sing N N 298 
THR CB  CG2  sing N N 299 
THR CB  HB   sing N N 300 
THR OG1 HG1  sing N N 301 
THR CG2 HG21 sing N N 302 
THR CG2 HG22 sing N N 303 
THR CG2 HG23 sing N N 304 
THR OXT HXT  sing N N 305 
TRP N   CA   sing N N 306 
TRP N   H    sing N N 307 
TRP N   H2   sing N N 308 
TRP CA  C    sing N N 309 
TRP CA  CB   sing N N 310 
TRP CA  HA   sing N N 311 
TRP C   O    doub N N 312 
TRP C   OXT  sing N N 313 
TRP CB  CG   sing N N 314 
TRP CB  HB2  sing N N 315 
TRP CB  HB3  sing N N 316 
TRP CG  CD1  doub Y N 317 
TRP CG  CD2  sing Y N 318 
TRP CD1 NE1  sing Y N 319 
TRP CD1 HD1  sing N N 320 
TRP CD2 CE2  doub Y N 321 
TRP CD2 CE3  sing Y N 322 
TRP NE1 CE2  sing Y N 323 
TRP NE1 HE1  sing N N 324 
TRP CE2 CZ2  sing Y N 325 
TRP CE3 CZ3  doub Y N 326 
TRP CE3 HE3  sing N N 327 
TRP CZ2 CH2  doub Y N 328 
TRP CZ2 HZ2  sing N N 329 
TRP CZ3 CH2  sing Y N 330 
TRP CZ3 HZ3  sing N N 331 
TRP CH2 HH2  sing N N 332 
TRP OXT HXT  sing N N 333 
TYR N   CA   sing N N 334 
TYR N   H    sing N N 335 
TYR N   H2   sing N N 336 
TYR CA  C    sing N N 337 
TYR CA  CB   sing N N 338 
TYR CA  HA   sing N N 339 
TYR C   O    doub N N 340 
TYR C   OXT  sing N N 341 
TYR CB  CG   sing N N 342 
TYR CB  HB2  sing N N 343 
TYR CB  HB3  sing N N 344 
TYR CG  CD1  doub Y N 345 
TYR CG  CD2  sing Y N 346 
TYR CD1 CE1  sing Y N 347 
TYR CD1 HD1  sing N N 348 
TYR CD2 CE2  doub Y N 349 
TYR CD2 HD2  sing N N 350 
TYR CE1 CZ   doub Y N 351 
TYR CE1 HE1  sing N N 352 
TYR CE2 CZ   sing Y N 353 
TYR CE2 HE2  sing N N 354 
TYR CZ  OH   sing N N 355 
TYR OH  HH   sing N N 356 
TYR OXT HXT  sing N N 357 
VAL N   CA   sing N N 358 
VAL N   H    sing N N 359 
VAL N   H2   sing N N 360 
VAL CA  C    sing N N 361 
VAL CA  CB   sing N N 362 
VAL CA  HA   sing N N 363 
VAL C   O    doub N N 364 
VAL C   OXT  sing N N 365 
VAL CB  CG1  sing N N 366 
VAL CB  CG2  sing N N 367 
VAL CB  HB   sing N N 368 
VAL CG1 HG11 sing N N 369 
VAL CG1 HG12 sing N N 370 
VAL CG1 HG13 sing N N 371 
VAL CG2 HG21 sing N N 372 
VAL CG2 HG22 sing N N 373 
VAL CG2 HG23 sing N N 374 
VAL OXT HXT  sing N N 375 
# 
_atom_sites.entry_id                    1TTW 
_atom_sites.fract_transf_matrix[1][1]   0.00725374 
_atom_sites.fract_transf_matrix[1][2]   -0.01627569 
_atom_sites.fract_transf_matrix[1][3]   0.00338260 
_atom_sites.fract_transf_matrix[2][1]   -0.00111693 
_atom_sites.fract_transf_matrix[2][2]   -0.00714732 
_atom_sites.fract_transf_matrix[2][3]   0.01663187 
_atom_sites.fract_transf_matrix[3][1]   -0.00533314 
_atom_sites.fract_transf_matrix[3][2]   -0.00269171 
_atom_sites.fract_transf_matrix[3][3]   -0.00151488 
_atom_sites.fract_transf_vector[1]      0.897892 
_atom_sites.fract_transf_vector[2]      0.323734 
_atom_sites.fract_transf_vector[3]      0.257605 
# 
loop_
_atom_type.symbol 
C 
N 
O 
S 
# 
loop_
_atom_site.group_PDB 
_atom_site.id 
_atom_site.type_symbol 
_atom_site.label_atom_id 
_atom_site.label_alt_id 
_atom_site.label_comp_id 
_atom_site.label_asym_id 
_atom_site.label_entity_id 
_atom_site.label_seq_id 
_atom_site.pdbx_PDB_ins_code 
_atom_site.Cartn_x 
_atom_site.Cartn_y 
_atom_site.Cartn_z 
_atom_site.occupancy 
_atom_site.B_iso_or_equiv 
_atom_site.pdbx_formal_charge 
_atom_site.auth_seq_id 
_atom_site.auth_comp_id 
_atom_site.auth_asym_id 
_atom_site.auth_atom_id 
_atom_site.pdbx_PDB_model_num 
ATOM   1    N N   . THR A 1 3   ? 8.442   -3.853  -16.700 1.00 75.54  ? 3   THR A N   1 
ATOM   2    C CA  . THR A 1 3   ? 7.258   -2.969  -16.469 1.00 76.43  ? 3   THR A CA  1 
ATOM   3    C C   . THR A 1 3   ? 7.039   -2.712  -15.033 1.00 75.18  ? 3   THR A C   1 
ATOM   4    O O   . THR A 1 3   ? 6.516   -1.628  -14.777 1.00 76.47  ? 3   THR A O   1 
ATOM   5    C CB  . THR A 1 3   ? 5.867   -3.412  -16.979 1.00 76.51  ? 3   THR A CB  1 
ATOM   6    O OG1 . THR A 1 3   ? 5.955   -4.124  -18.168 1.00 80.23  ? 3   THR A OG1 1 
ATOM   7    C CG2 . THR A 1 3   ? 4.969   -2.190  -17.468 1.00 80.35  ? 3   THR A CG2 1 
ATOM   8    N N   . TYR A 1 4   ? 7.371   -3.591  -14.063 1.00 72.83  ? 4   TYR A N   1 
ATOM   9    C CA  . TYR A 1 4   ? 7.168   -3.108  -12.660 1.00 69.61  ? 4   TYR A CA  1 
ATOM   10   C C   . TYR A 1 4   ? 7.949   -1.796  -12.377 1.00 71.57  ? 4   TYR A C   1 
ATOM   11   O O   . TYR A 1 4   ? 7.661   -0.982  -11.444 1.00 73.33  ? 4   TYR A O   1 
ATOM   12   C CB  . TYR A 1 4   ? 7.576   -4.101  -11.659 1.00 68.35  ? 4   TYR A CB  1 
ATOM   13   C CG  . TYR A 1 4   ? 7.650   -3.579  -10.245 1.00 60.21  ? 4   TYR A CG  1 
ATOM   14   C CD1 . TYR A 1 4   ? 6.542   -3.308  -9.550  1.00 59.58  ? 4   TYR A CD1 1 
ATOM   15   C CD2 . TYR A 1 4   ? 8.848   -3.313  -9.652  1.00 55.24  ? 4   TYR A CD2 1 
ATOM   16   C CE1 . TYR A 1 4   ? 6.590   -2.778  -8.149  1.00 61.04  ? 4   TYR A CE1 1 
ATOM   17   C CE2 . TYR A 1 4   ? 8.939   -2.805  -8.295  1.00 57.95  ? 4   TYR A CE2 1 
ATOM   18   C CZ  . TYR A 1 4   ? 7.779   -2.551  -7.560  1.00 56.11  ? 4   TYR A CZ  1 
ATOM   19   O OH  . TYR A 1 4   ? 7.854   -2.038  -6.314  1.00 55.39  ? 4   TYR A OH  1 
ATOM   20   N N   . SER A 1 5   ? 8.989   -1.611  -13.165 1.00 72.40  ? 5   SER A N   1 
ATOM   21   C CA  . SER A 1 5   ? 9.950   -0.569  -12.915 1.00 72.51  ? 5   SER A CA  1 
ATOM   22   C C   . SER A 1 5   ? 9.415   0.510   -13.841 1.00 71.41  ? 5   SER A C   1 
ATOM   23   O O   . SER A 1 5   ? 9.492   1.611   -13.507 1.00 71.16  ? 5   SER A O   1 
ATOM   24   C CB  . SER A 1 5   ? 11.421  -1.057  -13.165 1.00 72.45  ? 5   SER A CB  1 
ATOM   25   O OG  . SER A 1 5   ? 12.301  -0.874  -11.995 1.00 76.41  ? 5   SER A OG  1 
ATOM   26   N N   . SER A 1 6   ? 8.798   0.168   -14.948 1.00 71.50  ? 6   SER A N   1 
ATOM   27   C CA  . SER A 1 6   ? 8.144   1.192   -15.782 1.00 73.65  ? 6   SER A CA  1 
ATOM   28   C C   . SER A 1 6   ? 6.883   1.723   -15.150 1.00 73.67  ? 6   SER A C   1 
ATOM   29   O O   . SER A 1 6   ? 6.478   2.803   -15.472 1.00 73.02  ? 6   SER A O   1 
ATOM   30   C CB  . SER A 1 6   ? 7.761   0.721   -17.186 1.00 73.08  ? 6   SER A CB  1 
ATOM   31   O OG  . SER A 1 6   ? 8.277   -0.567  -17.477 1.00 80.58  ? 6   SER A OG  1 
ATOM   32   N N   . LEU A 1 7   ? 6.279   0.941   -14.259 1.00 73.62  ? 7   LEU A N   1 
ATOM   33   C CA  . LEU A 1 7   ? 5.108   1.387   -13.545 1.00 73.50  ? 7   LEU A CA  1 
ATOM   34   C C   . LEU A 1 7   ? 5.485   2.457   -12.488 1.00 73.23  ? 7   LEU A C   1 
ATOM   35   O O   . LEU A 1 7   ? 4.871   3.489   -12.406 1.00 71.56  ? 7   LEU A O   1 
ATOM   36   C CB  . LEU A 1 7   ? 4.441   0.179   -12.887 1.00 73.19  ? 7   LEU A CB  1 
ATOM   37   C CG  . LEU A 1 7   ? 3.319   0.451   -11.909 1.00 71.12  ? 7   LEU A CG  1 
ATOM   38   C CD1 . LEU A 1 7   ? 2.298   1.486   -12.459 1.00 68.48  ? 7   LEU A CD1 1 
ATOM   39   C CD2 . LEU A 1 7   ? 2.704   -0.864  -11.666 1.00 70.16  ? 7   LEU A CD2 1 
ATOM   40   N N   . LEU A 1 8   ? 6.487   2.165   -11.701 1.00 73.75  ? 8   LEU A N   1 
ATOM   41   C CA  . LEU A 1 8   ? 7.110   3.120   -10.813 1.00 75.12  ? 8   LEU A CA  1 
ATOM   42   C C   . LEU A 1 8   ? 7.793   4.318   -11.498 1.00 78.06  ? 8   LEU A C   1 
ATOM   43   O O   . LEU A 1 8   ? 7.826   5.427   -10.927 1.00 79.00  ? 8   LEU A O   1 
ATOM   44   C CB  . LEU A 1 8   ? 8.193   2.405   -10.009 1.00 73.69  ? 8   LEU A CB  1 
ATOM   45   C CG  . LEU A 1 8   ? 7.762   1.976   -8.644  1.00 72.18  ? 8   LEU A CG  1 
ATOM   46   C CD1 . LEU A 1 8   ? 6.455   1.314   -8.639  1.00 71.79  ? 8   LEU A CD1 1 
ATOM   47   C CD2 . LEU A 1 8   ? 8.803   1.030   -8.228  1.00 73.51  ? 8   LEU A CD2 1 
ATOM   48   N N   . GLU A 1 9   ? 8.450   4.095   -12.631 1.00 80.85  ? 9   GLU A N   1 
ATOM   49   C CA  . GLU A 1 9   ? 8.850   5.213   -13.463 1.00 84.06  ? 9   GLU A CA  1 
ATOM   50   C C   . GLU A 1 9   ? 7.632   6.157   -13.686 1.00 84.96  ? 9   GLU A C   1 
ATOM   51   O O   . GLU A 1 9   ? 7.862   7.345   -13.574 1.00 86.76  ? 9   GLU A O   1 
ATOM   52   C CB  . GLU A 1 9   ? 9.424   4.786   -14.841 1.00 84.48  ? 9   GLU A CB  1 
ATOM   53   C CG  . GLU A 1 9   ? 10.951  4.995   -15.080 1.00 89.81  ? 9   GLU A CG  1 
ATOM   54   C CD  . GLU A 1 9   ? 11.420  4.771   -16.613 1.00 97.20  ? 9   GLU A CD  1 
ATOM   55   O OE1 . GLU A 1 9   ? 12.647  4.948   -16.951 1.00 97.51  ? 9   GLU A OE1 1 
ATOM   56   O OE2 . GLU A 1 9   ? 10.579  4.407   -17.517 1.00 97.64  ? 9   GLU A OE2 1 
ATOM   57   N N   . GLU A 1 10  ? 6.389   5.686   -13.988 1.00 85.23  ? 10  GLU A N   1 
ATOM   58   C CA  . GLU A 1 10  ? 5.247   6.598   -14.354 1.00 86.37  ? 10  GLU A CA  1 
ATOM   59   C C   . GLU A 1 10  ? 4.395   7.189   -13.178 1.00 86.99  ? 10  GLU A C   1 
ATOM   60   O O   . GLU A 1 10  ? 3.586   8.137   -13.327 1.00 88.23  ? 10  GLU A O   1 
ATOM   61   C CB  . GLU A 1 10  ? 4.183   5.884   -15.197 1.00 86.74  ? 10  GLU A CB  1 
ATOM   62   C CG  . GLU A 1 10  ? 4.563   5.178   -16.463 1.00 87.92  ? 10  GLU A CG  1 
ATOM   63   C CD  . GLU A 1 10  ? 3.364   4.382   -17.068 1.00 92.56  ? 10  GLU A CD  1 
ATOM   64   O OE1 . GLU A 1 10  ? 2.152   4.834   -16.948 1.00 94.22  ? 10  GLU A OE1 1 
ATOM   65   O OE2 . GLU A 1 10  ? 3.635   3.274   -17.658 1.00 93.08  ? 10  GLU A OE2 1 
ATOM   66   N N   . PHE A 1 11  ? 4.484   6.509   -12.057 1.00 86.87  ? 11  PHE A N   1 
ATOM   67   C CA  . PHE A 1 11  ? 3.775   6.841   -10.849 1.00 86.34  ? 11  PHE A CA  1 
ATOM   68   C C   . PHE A 1 11  ? 4.565   8.014   -10.341 1.00 87.33  ? 11  PHE A C   1 
ATOM   69   O O   . PHE A 1 11  ? 3.983   9.010   -9.945  1.00 87.73  ? 11  PHE A O   1 
ATOM   70   C CB  . PHE A 1 11  ? 3.811   5.630   -9.903  1.00 85.27  ? 11  PHE A CB  1 
ATOM   71   C CG  . PHE A 1 11  ? 3.352   5.893   -8.530  1.00 81.97  ? 11  PHE A CG  1 
ATOM   72   C CD1 . PHE A 1 11  ? 2.047   6.048   -8.254  1.00 81.49  ? 11  PHE A CD1 1 
ATOM   73   C CD2 . PHE A 1 11  ? 4.230   5.930   -7.489  1.00 84.19  ? 11  PHE A CD2 1 
ATOM   74   C CE1 . PHE A 1 11  ? 1.574   6.259   -6.939  1.00 81.66  ? 11  PHE A CE1 1 
ATOM   75   C CE2 . PHE A 1 11  ? 3.773   6.119   -6.164  1.00 83.82  ? 11  PHE A CE2 1 
ATOM   76   C CZ  . PHE A 1 11  ? 2.420   6.258   -5.903  1.00 81.01  ? 11  PHE A CZ  1 
ATOM   77   N N   . ALA A 1 12  ? 5.890   7.900   -10.391 1.00 88.60  ? 12  ALA A N   1 
ATOM   78   C CA  . ALA A 1 12  ? 6.798   9.008   -10.046 1.00 90.27  ? 12  ALA A CA  1 
ATOM   79   C C   . ALA A 1 12  ? 6.518   10.261  -10.864 1.00 91.98  ? 12  ALA A C   1 
ATOM   80   O O   . ALA A 1 12  ? 6.787   11.347  -10.384 1.00 93.36  ? 12  ALA A O   1 
ATOM   81   C CB  . ALA A 1 12  ? 8.249   8.621   -10.249 1.00 90.23  ? 12  ALA A CB  1 
ATOM   82   N N   . THR A 1 13  ? 5.990   10.112  -12.085 1.00 92.90  ? 13  THR A N   1 
ATOM   83   C CA  . THR A 1 13  ? 5.778   11.236  -12.987 1.00 93.05  ? 13  THR A CA  1 
ATOM   84   C C   . THR A 1 13  ? 4.481   11.914  -12.654 1.00 94.12  ? 13  THR A C   1 
ATOM   85   O O   . THR A 1 13  ? 4.519   12.991  -12.123 1.00 94.86  ? 13  THR A O   1 
ATOM   86   C CB  . THR A 1 13  ? 5.747   10.724  -14.387 1.00 93.35  ? 13  THR A CB  1 
ATOM   87   O OG1 . THR A 1 13  ? 7.106   10.459  -14.795 1.00 92.14  ? 13  THR A OG1 1 
ATOM   88   C CG2 . THR A 1 13  ? 5.094   11.767  -15.366 1.00 93.52  ? 13  THR A CG2 1 
ATOM   89   N N   . GLU A 1 14  ? 3.341   11.304  -12.973 1.00 94.89  ? 14  GLU A N   1 
ATOM   90   C CA  . GLU A 1 14  ? 2.043   11.711  -12.435 1.00 95.43  ? 14  GLU A CA  1 
ATOM   91   C C   . GLU A 1 14  ? 2.060   12.187  -10.933 1.00 95.83  ? 14  GLU A C   1 
ATOM   92   O O   . GLU A 1 14  ? 0.999   12.490  -10.341 1.00 96.46  ? 14  GLU A O   1 
ATOM   93   C CB  . GLU A 1 14  ? 0.990   10.540  -12.626 1.00 95.57  ? 14  GLU A CB  1 
ATOM   94   N N   . LEU A 1 15  ? 3.245   12.248  -10.326 1.00 95.07  ? 15  LEU A N   1 
ATOM   95   C CA  . LEU A 1 15  ? 3.411   12.805  -8.992  1.00 94.34  ? 15  LEU A CA  1 
ATOM   96   C C   . LEU A 1 15  ? 4.684   13.689  -8.761  1.00 93.58  ? 15  LEU A C   1 
ATOM   97   O O   . LEU A 1 15  ? 5.067   13.872  -7.605  1.00 93.65  ? 15  LEU A O   1 
ATOM   98   C CB  . LEU A 1 15  ? 3.402   11.613  -8.009  1.00 93.81  ? 15  LEU A CB  1 
ATOM   99   C CG  . LEU A 1 15  ? 2.281   11.493  -7.005  1.00 93.28  ? 15  LEU A CG  1 
ATOM   100  C CD1 . LEU A 1 15  ? 0.994   12.126  -7.474  1.00 95.75  ? 15  LEU A CD1 1 
ATOM   101  C CD2 . LEU A 1 15  ? 2.044   10.030  -6.642  1.00 93.81  ? 15  LEU A CD2 1 
ATOM   102  N N   . GLY A 1 16  ? 5.305   14.246  -9.820  1.00 92.84  ? 16  GLY A N   1 
ATOM   103  C CA  . GLY A 1 16  ? 6.678   14.787  -9.777  1.00 92.25  ? 16  GLY A CA  1 
ATOM   104  C C   . GLY A 1 16  ? 7.502   14.461  -8.527  1.00 92.33  ? 16  GLY A C   1 
ATOM   105  O O   . GLY A 1 16  ? 7.549   15.282  -7.601  1.00 91.05  ? 16  GLY A O   1 
ATOM   106  N N   . LEU A 1 17  ? 8.104   13.254  -8.475  1.00 92.60  ? 17  LEU A N   1 
ATOM   107  C CA  . LEU A 1 17  ? 8.966   12.805  -7.313  1.00 93.14  ? 17  LEU A CA  1 
ATOM   108  C C   . LEU A 1 17  ? 10.300  12.324  -7.893  1.00 92.17  ? 17  LEU A C   1 
ATOM   109  O O   . LEU A 1 17  ? 10.339  12.046  -9.116  1.00 92.61  ? 17  LEU A O   1 
ATOM   110  C CB  . LEU A 1 17  ? 8.217   11.701  -6.341  1.00 93.08  ? 17  LEU A CB  1 
ATOM   111  N N   . GLU A 1 18  ? 11.405  12.324  -7.141  1.00 91.04  ? 18  GLU A N   1 
ATOM   112  C CA  . GLU A 1 18  ? 12.676  12.180  -7.861  1.00 91.03  ? 18  GLU A CA  1 
ATOM   113  C C   . GLU A 1 18  ? 12.680  10.920  -8.856  1.00 91.01  ? 18  GLU A C   1 
ATOM   114  O O   . GLU A 1 18  ? 12.931  11.104  -10.092 1.00 92.25  ? 18  GLU A O   1 
ATOM   115  C CB  . GLU A 1 18  ? 13.913  12.204  -6.902  1.00 91.07  ? 18  GLU A CB  1 
ATOM   116  N N   . GLU A 1 19  ? 12.340  9.711   -8.330  1.00 88.35  ? 19  GLU A N   1 
ATOM   117  C CA  . GLU A 1 19  ? 12.482  8.334   -8.973  1.00 86.08  ? 19  GLU A CA  1 
ATOM   118  C C   . GLU A 1 19  ? 12.574  7.370   -7.775  1.00 83.58  ? 19  GLU A C   1 
ATOM   119  O O   . GLU A 1 19  ? 13.462  7.564   -6.917  1.00 82.10  ? 19  GLU A O   1 
ATOM   120  C CB  . GLU A 1 19  ? 13.721  8.147   -9.858  1.00 85.36  ? 19  GLU A CB  1 
ATOM   121  N N   . ILE A 1 20  ? 11.676  6.387   -7.679  1.00 80.16  ? 20  ILE A N   1 
ATOM   122  C CA  . ILE A 1 20  ? 11.490  5.685   -6.394  1.00 78.37  ? 20  ILE A CA  1 
ATOM   123  C C   . ILE A 1 20  ? 12.532  4.614   -6.230  1.00 76.33  ? 20  ILE A C   1 
ATOM   124  O O   . ILE A 1 20  ? 12.689  3.761   -7.073  1.00 77.18  ? 20  ILE A O   1 
ATOM   125  C CB  . ILE A 1 20  ? 10.084  5.091   -6.330  1.00 79.15  ? 20  ILE A CB  1 
ATOM   126  C CG1 . ILE A 1 20  ? 9.125   6.257   -6.569  1.00 80.16  ? 20  ILE A CG1 1 
ATOM   127  C CG2 . ILE A 1 20  ? 9.776   4.384   -4.995  1.00 75.60  ? 20  ILE A CG2 1 
ATOM   128  C CD1 . ILE A 1 20  ? 7.737   5.879   -6.636  1.00 83.43  ? 20  ILE A CD1 1 
ATOM   129  N N   . GLU A 1 21  ? 13.236  4.670   -5.124  1.00 73.36  ? 21  GLU A N   1 
ATOM   130  C CA  . GLU A 1 21  ? 14.417  3.874   -4.980  1.00 73.14  ? 21  GLU A CA  1 
ATOM   131  C C   . GLU A 1 21  ? 13.884  2.549   -4.529  1.00 70.91  ? 21  GLU A C   1 
ATOM   132  O O   . GLU A 1 21  ? 13.054  2.462   -3.623  1.00 69.01  ? 21  GLU A O   1 
ATOM   133  C CB  . GLU A 1 21  ? 15.548  4.495   -3.942  1.00 72.53  ? 21  GLU A CB  1 
ATOM   134  N N   . THR A 1 22  ? 14.340  1.523   -5.212  1.00 69.32  ? 22  THR A N   1 
ATOM   135  C CA  . THR A 1 22  ? 13.992  0.155   -4.782  1.00 69.45  ? 22  THR A CA  1 
ATOM   136  C C   . THR A 1 22  ? 15.192  -0.600  -4.482  1.00 68.17  ? 22  THR A C   1 
ATOM   137  O O   . THR A 1 22  ? 16.223  -0.366  -5.118  1.00 69.02  ? 22  THR A O   1 
ATOM   138  C CB  . THR A 1 22  ? 13.299  -0.552  -5.812  1.00 69.07  ? 22  THR A CB  1 
ATOM   139  O OG1 . THR A 1 22  ? 14.149  -0.551  -6.953  1.00 72.08  ? 22  THR A OG1 1 
ATOM   140  C CG2 . THR A 1 22  ? 12.008  0.169   -6.205  1.00 70.54  ? 22  THR A CG2 1 
ATOM   141  N N   . ASN A 1 23  ? 15.074  -1.465  -3.477  1.00 66.15  ? 23  ASN A N   1 
ATOM   142  C CA  . ASN A 1 23  ? 16.015  -2.559  -3.359  1.00 65.02  ? 23  ASN A CA  1 
ATOM   143  C C   . ASN A 1 23  ? 15.905  -3.725  -4.448  1.00 66.37  ? 23  ASN A C   1 
ATOM   144  O O   . ASN A 1 23  ? 15.196  -3.643  -5.564  1.00 64.05  ? 23  ASN A O   1 
ATOM   145  C CB  . ASN A 1 23  ? 16.039  -3.067  -1.882  1.00 63.08  ? 23  ASN A CB  1 
ATOM   146  C CG  . ASN A 1 23  ? 14.860  -3.853  -1.523  1.00 64.37  ? 23  ASN A CG  1 
ATOM   147  O OD1 . ASN A 1 23  ? 14.160  -4.398  -2.374  1.00 69.57  ? 23  ASN A OD1 1 
ATOM   148  N ND2 . ASN A 1 23  ? 14.642  -3.998  -0.255  1.00 65.60  ? 23  ASN A ND2 1 
ATOM   149  N N   . GLU A 1 24  ? 16.606  -4.804  -4.073  1.00 66.03  ? 24  GLU A N   1 
ATOM   150  C CA  . GLU A 1 24  ? 16.843  -5.901  -4.958  1.00 68.50  ? 24  GLU A CA  1 
ATOM   151  C C   . GLU A 1 24  ? 15.605  -6.735  -5.063  1.00 67.27  ? 24  GLU A C   1 
ATOM   152  O O   . GLU A 1 24  ? 15.408  -7.346  -6.089  1.00 66.59  ? 24  GLU A O   1 
ATOM   153  C CB  . GLU A 1 24  ? 18.001  -6.803  -4.509  1.00 69.47  ? 24  GLU A CB  1 
ATOM   154  C CG  . GLU A 1 24  ? 18.748  -6.296  -3.288  1.00 74.98  ? 24  GLU A CG  1 
ATOM   155  C CD  . GLU A 1 24  ? 18.264  -6.996  -2.114  1.00 78.25  ? 24  GLU A CD  1 
ATOM   156  O OE1 . GLU A 1 24  ? 17.214  -7.695  -2.345  1.00 81.93  ? 24  GLU A OE1 1 
ATOM   157  O OE2 . GLU A 1 24  ? 18.927  -6.881  -1.059  1.00 74.13  ? 24  GLU A OE2 1 
ATOM   158  N N   . LEU A 1 25  ? 14.780  -6.767  -4.012  1.00 65.75  ? 25  LEU A N   1 
ATOM   159  C CA  . LEU A 1 25  ? 13.370  -7.226  -4.201  1.00 63.39  ? 25  LEU A CA  1 
ATOM   160  C C   . LEU A 1 25  ? 12.307  -6.226  -4.851  1.00 59.46  ? 25  LEU A C   1 
ATOM   161  O O   . LEU A 1 25  ? 11.156  -6.529  -4.812  1.00 57.66  ? 25  LEU A O   1 
ATOM   162  C CB  . LEU A 1 25  ? 12.788  -7.699  -2.957  1.00 61.95  ? 25  LEU A CB  1 
ATOM   163  C CG  . LEU A 1 25  ? 13.597  -8.658  -2.133  1.00 68.17  ? 25  LEU A CG  1 
ATOM   164  C CD1 . LEU A 1 25  ? 13.969  -7.887  -0.952  1.00 73.17  ? 25  LEU A CD1 1 
ATOM   165  C CD2 . LEU A 1 25  ? 12.846  -9.886  -1.592  1.00 65.82  ? 25  LEU A CD2 1 
ATOM   166  N N   . GLY A 1 26  ? 12.751  -5.198  -5.578  1.00 56.72  ? 26  GLY A N   1 
ATOM   167  C CA  . GLY A 1 26  ? 11.977  -3.991  -5.996  1.00 56.29  ? 26  GLY A CA  1 
ATOM   168  C C   . GLY A 1 26  ? 11.058  -3.350  -4.892  1.00 54.29  ? 26  GLY A C   1 
ATOM   169  O O   . GLY A 1 26  ? 10.110  -2.713  -5.240  1.00 57.18  ? 26  GLY A O   1 
ATOM   170  N N   . HIS A 1 27  ? 11.328  -3.521  -3.635  1.00 52.17  ? 27  HIS A N   1 
ATOM   171  C CA  . HIS A 1 27  ? 10.587  -2.907  -2.598  1.00 58.81  ? 27  HIS A CA  1 
ATOM   172  C C   . HIS A 1 27  ? 10.948  -1.412  -2.441  1.00 60.97  ? 27  HIS A C   1 
ATOM   173  O O   . HIS A 1 27  ? 12.103  -1.015  -2.397  1.00 63.30  ? 27  HIS A O   1 
ATOM   174  C CB  . HIS A 1 27  ? 10.830  -3.655  -1.271  1.00 60.06  ? 27  HIS A CB  1 
ATOM   175  C CG  . HIS A 1 27  ? 10.135  -3.072  -0.104  1.00 63.56  ? 27  HIS A CG  1 
ATOM   176  N ND1 . HIS A 1 27  ? 9.712   -1.766  -0.058  1.00 77.93  ? 27  HIS A ND1 1 
ATOM   177  C CD2 . HIS A 1 27  ? 9.792   -3.614  1.091   1.00 75.13  ? 27  HIS A CD2 1 
ATOM   178  C CE1 . HIS A 1 27  ? 9.118   -1.517  1.106   1.00 78.58  ? 27  HIS A CE1 1 
ATOM   179  N NE2 . HIS A 1 27  ? 9.161   -2.626  1.830   1.00 79.91  ? 27  HIS A NE2 1 
ATOM   180  N N   . GLY A 1 28  ? 9.932   -0.588  -2.472  1.00 61.17  ? 28  GLY A N   1 
ATOM   181  C CA  . GLY A 1 28  ? 10.074  0.832   -2.323  1.00 62.06  ? 28  GLY A CA  1 
ATOM   182  C C   . GLY A 1 28  ? 8.989   1.336   -1.394  1.00 62.81  ? 28  GLY A C   1 
ATOM   183  O O   . GLY A 1 28  ? 8.084   0.648   -0.924  1.00 59.95  ? 28  GLY A O   1 
ATOM   184  N N   . ALA A 1 29  ? 9.135   2.587   -1.075  1.00 64.56  ? 29  ALA A N   1 
ATOM   185  C CA  . ALA A 1 29  ? 8.262   3.175   -0.102  1.00 66.24  ? 29  ALA A CA  1 
ATOM   186  C C   . ALA A 1 29  ? 8.004   4.633   -0.499  1.00 68.69  ? 29  ALA A C   1 
ATOM   187  O O   . ALA A 1 29  ? 8.835   5.297   -1.156  1.00 67.64  ? 29  ALA A O   1 
ATOM   188  C CB  . ALA A 1 29  ? 8.887   3.081   1.196   1.00 66.14  ? 29  ALA A CB  1 
ATOM   189  N N   . VAL A 1 30  ? 6.881   5.168   -0.049  1.00 70.81  ? 30  VAL A N   1 
ATOM   190  C CA  . VAL A 1 30  ? 6.562   6.589   -0.314  1.00 70.68  ? 30  VAL A CA  1 
ATOM   191  C C   . VAL A 1 30  ? 6.049   7.072   1.000   1.00 72.42  ? 30  VAL A C   1 
ATOM   192  O O   . VAL A 1 30  ? 5.456   6.270   1.782   1.00 70.70  ? 30  VAL A O   1 
ATOM   193  C CB  . VAL A 1 30  ? 5.559   6.675   -1.425  1.00 71.49  ? 30  VAL A CB  1 
ATOM   194  C CG1 . VAL A 1 30  ? 4.717   7.830   -1.264  1.00 76.29  ? 30  VAL A CG1 1 
ATOM   195  C CG2 . VAL A 1 30  ? 6.224   6.791   -2.739  1.00 70.82  ? 30  VAL A CG2 1 
ATOM   196  N N   . THR A 1 31  ? 6.314   8.355   1.352   1.00 76.16  ? 31  THR A N   1 
ATOM   197  C CA  . THR A 1 31  ? 5.629   8.955   2.564   1.00 76.60  ? 31  THR A CA  1 
ATOM   198  C C   . THR A 1 31  ? 4.568   9.944   2.144   1.00 76.51  ? 31  THR A C   1 
ATOM   199  O O   . THR A 1 31  ? 4.712   10.637  1.137   1.00 76.19  ? 31  THR A O   1 
ATOM   200  C CB  . THR A 1 31  ? 6.584   9.504   3.602   1.00 78.22  ? 31  THR A CB  1 
ATOM   201  O OG1 . THR A 1 31  ? 7.709   8.622   3.724   1.00 80.07  ? 31  THR A OG1 1 
ATOM   202  C CG2 . THR A 1 31  ? 5.940   9.502   5.125   1.00 80.65  ? 31  THR A CG2 1 
ATOM   203  N N   . ILE A 1 32  ? 3.443   9.897   2.862   1.00 77.43  ? 32  ILE A N   1 
ATOM   204  C CA  . ILE A 1 32  ? 2.184   10.593  2.494   1.00 77.30  ? 32  ILE A CA  1 
ATOM   205  C C   . ILE A 1 32  ? 1.713   11.385  3.650   1.00 77.21  ? 32  ILE A C   1 
ATOM   206  O O   . ILE A 1 32  ? 1.692   10.822  4.738   1.00 78.48  ? 32  ILE A O   1 
ATOM   207  C CB  . ILE A 1 32  ? 1.060   9.643   2.149   1.00 77.52  ? 32  ILE A CB  1 
ATOM   208  C CG1 . ILE A 1 32  ? 1.494   8.804   0.929   1.00 79.78  ? 32  ILE A CG1 1 
ATOM   209  C CG2 . ILE A 1 32  ? -0.151  10.426  1.869   1.00 74.48  ? 32  ILE A CG2 1 
ATOM   210  C CD1 . ILE A 1 32  ? 0.358   8.021   0.118   1.00 80.03  ? 32  ILE A CD1 1 
ATOM   211  N N   . ASP A 1 33  ? 1.295   12.651  3.388   1.00 78.09  ? 33  ASP A N   1 
ATOM   212  C CA  . ASP A 1 33  ? 0.894   13.680  4.410   1.00 76.45  ? 33  ASP A CA  1 
ATOM   213  C C   . ASP A 1 33  ? 1.846   13.518  5.566   1.00 76.66  ? 33  ASP A C   1 
ATOM   214  O O   . ASP A 1 33  ? 1.461   13.562  6.693   1.00 77.64  ? 33  ASP A O   1 
ATOM   215  C CB  . ASP A 1 33  ? -0.549  13.561  4.920   1.00 74.86  ? 33  ASP A CB  1 
ATOM   216  C CG  . ASP A 1 33  ? -1.605  13.457  3.803   1.00 75.91  ? 33  ASP A CG  1 
ATOM   217  O OD1 . ASP A 1 33  ? -1.469  14.084  2.720   1.00 79.01  ? 33  ASP A OD1 1 
ATOM   218  O OD2 . ASP A 1 33  ? -2.634  12.719  3.923   1.00 77.93  ? 33  ASP A OD2 1 
ATOM   219  N N   . LYS A 1 34  ? 3.086   13.211  5.256   1.00 77.56  ? 34  LYS A N   1 
ATOM   220  C CA  . LYS A 1 34  ? 4.103   13.172  6.232   1.00 79.10  ? 34  LYS A CA  1 
ATOM   221  C C   . LYS A 1 34  ? 4.042   12.118  7.284   1.00 79.21  ? 34  LYS A C   1 
ATOM   222  O O   . LYS A 1 34  ? 5.029   12.007  7.998   1.00 79.96  ? 34  LYS A O   1 
ATOM   223  C CB  . LYS A 1 34  ? 4.165   14.569  6.934   1.00 80.95  ? 34  LYS A CB  1 
ATOM   224  N N   . ILE A 1 35  ? 2.928   11.391  7.401   1.00 79.09  ? 35  ILE A N   1 
ATOM   225  C CA  . ILE A 1 35  ? 2.614   10.424  8.493   1.00 79.45  ? 35  ILE A CA  1 
ATOM   226  C C   . ILE A 1 35  ? 2.529   8.903   8.052   1.00 77.11  ? 35  ILE A C   1 
ATOM   227  O O   . ILE A 1 35  ? 2.739   7.965   8.826   1.00 76.89  ? 35  ILE A O   1 
ATOM   228  C CB  . ILE A 1 35  ? 1.173   10.691  8.990   1.00 80.54  ? 35  ILE A CB  1 
ATOM   229  C CG1 . ILE A 1 35  ? 0.722   12.129  8.833   1.00 86.18  ? 35  ILE A CG1 1 
ATOM   230  C CG2 . ILE A 1 35  ? 0.942   10.226  10.427  1.00 80.53  ? 35  ILE A CG2 1 
ATOM   231  C CD1 . ILE A 1 35  ? -0.724  12.307  9.535   1.00 92.09  ? 35  ILE A CD1 1 
ATOM   232  N N   . TRP A 1 36  ? 2.072   8.734   6.811   1.00 74.42  ? 36  TRP A N   1 
ATOM   233  C CA  . TRP A 1 36  ? 1.771   7.467   6.215   1.00 70.56  ? 36  TRP A CA  1 
ATOM   234  C C   . TRP A 1 36  ? 2.879   7.010   5.307   1.00 68.09  ? 36  TRP A C   1 
ATOM   235  O O   . TRP A 1 36  ? 3.305   7.695   4.391   1.00 65.48  ? 36  TRP A O   1 
ATOM   236  C CB  . TRP A 1 36  ? 0.608   7.685   5.362   1.00 69.28  ? 36  TRP A CB  1 
ATOM   237  C CG  . TRP A 1 36  ? -0.576  8.232   6.054   1.00 68.00  ? 36  TRP A CG  1 
ATOM   238  C CD1 . TRP A 1 36  ? -1.295  9.377   5.664   1.00 60.97  ? 36  TRP A CD1 1 
ATOM   239  C CD2 . TRP A 1 36  ? -1.271  7.683   7.145   1.00 64.36  ? 36  TRP A CD2 1 
ATOM   240  N NE1 . TRP A 1 36  ? -2.400  9.520   6.454   1.00 64.86  ? 36  TRP A NE1 1 
ATOM   241  C CE2 . TRP A 1 36  ? -2.385  8.553   7.419   1.00 69.76  ? 36  TRP A CE2 1 
ATOM   242  C CE3 . TRP A 1 36  ? -1.038  6.633   7.994   1.00 67.76  ? 36  TRP A CE3 1 
ATOM   243  C CZ2 . TRP A 1 36  ? -3.303  8.328   8.443   1.00 68.20  ? 36  TRP A CZ2 1 
ATOM   244  C CZ3 . TRP A 1 36  ? -1.948  6.427   9.074   1.00 64.90  ? 36  TRP A CZ3 1 
ATOM   245  C CH2 . TRP A 1 36  ? -3.065  7.277   9.265   1.00 68.64  ? 36  TRP A CH2 1 
ATOM   246  N N   . VAL A 1 37  ? 3.379   5.835   5.601   1.00 66.45  ? 37  VAL A N   1 
ATOM   247  C CA  . VAL A 1 37  ? 4.325   5.134   4.642   1.00 64.67  ? 37  VAL A CA  1 
ATOM   248  C C   . VAL A 1 37  ? 3.593   4.061   3.908   1.00 60.06  ? 37  VAL A C   1 
ATOM   249  O O   . VAL A 1 37  ? 2.984   3.183   4.533   1.00 58.18  ? 37  VAL A O   1 
ATOM   250  C CB  . VAL A 1 37  ? 5.537   4.480   5.285   1.00 65.55  ? 37  VAL A CB  1 
ATOM   251  C CG1 . VAL A 1 37  ? 6.793   4.429   4.252   1.00 66.29  ? 37  VAL A CG1 1 
ATOM   252  C CG2 . VAL A 1 37  ? 5.862   5.196   6.599   1.00 69.81  ? 37  VAL A CG2 1 
ATOM   253  N N   . VAL A 1 38  ? 3.605   4.209   2.590   1.00 57.55  ? 38  VAL A N   1 
ATOM   254  C CA  . VAL A 1 38  ? 3.087   3.259   1.662   1.00 56.87  ? 38  VAL A CA  1 
ATOM   255  C C   . VAL A 1 38  ? 4.254   2.518   0.987   1.00 55.64  ? 38  VAL A C   1 
ATOM   256  O O   . VAL A 1 38  ? 5.054   3.131   0.264   1.00 55.79  ? 38  VAL A O   1 
ATOM   257  C CB  . VAL A 1 38  ? 2.274   3.867   0.579   1.00 56.15  ? 38  VAL A CB  1 
ATOM   258  C CG1 . VAL A 1 38  ? 1.832   2.756   -0.403  1.00 56.67  ? 38  VAL A CG1 1 
ATOM   259  C CG2 . VAL A 1 38  ? 1.041   4.466   1.206   1.00 58.00  ? 38  VAL A CG2 1 
ATOM   260  N N   . HIS A 1 39  ? 4.299   1.207   1.274   1.00 54.99  ? 39  HIS A N   1 
ATOM   261  C CA  . HIS A 1 39  ? 5.230   0.201   0.656   1.00 54.58  ? 39  HIS A CA  1 
ATOM   262  C C   . HIS A 1 39  ? 4.705   -0.340  -0.574  1.00 54.37  ? 39  HIS A C   1 
ATOM   263  O O   . HIS A 1 39  ? 3.499   -0.616  -0.643  1.00 54.44  ? 39  HIS A O   1 
ATOM   264  C CB  . HIS A 1 39  ? 5.355   -0.914  1.631   1.00 54.86  ? 39  HIS A CB  1 
ATOM   265  C CG  . HIS A 1 39  ? 5.971   -0.448  2.898   1.00 53.01  ? 39  HIS A CG  1 
ATOM   266  N ND1 . HIS A 1 39  ? 7.185   0.173   2.927   1.00 51.38  ? 39  HIS A ND1 1 
ATOM   267  C CD2 . HIS A 1 39  ? 5.515   -0.463  4.180   1.00 56.98  ? 39  HIS A CD2 1 
ATOM   268  C CE1 . HIS A 1 39  ? 7.505   0.396   4.199   1.00 49.18  ? 39  HIS A CE1 1 
ATOM   269  N NE2 . HIS A 1 39  ? 6.492   0.070   4.969   1.00 51.38  ? 39  HIS A NE2 1 
ATOM   270  N N   . LEU A 1 40  ? 5.548   -0.415  -1.568  1.00 54.29  ? 40  LEU A N   1 
ATOM   271  C CA  . LEU A 1 40  ? 5.195   -0.921  -2.883  1.00 55.95  ? 40  LEU A CA  1 
ATOM   272  C C   . LEU A 1 40  ? 6.128   -2.147  -3.130  1.00 56.76  ? 40  LEU A C   1 
ATOM   273  O O   . LEU A 1 40  ? 7.334   -2.096  -2.917  1.00 57.50  ? 40  LEU A O   1 
ATOM   274  C CB  . LEU A 1 40  ? 5.416   0.118   -4.016  1.00 57.46  ? 40  LEU A CB  1 
ATOM   275  C CG  . LEU A 1 40  ? 4.459   1.320   -3.846  1.00 62.79  ? 40  LEU A CG  1 
ATOM   276  C CD1 . LEU A 1 40  ? 5.031   2.583   -4.257  1.00 63.19  ? 40  LEU A CD1 1 
ATOM   277  C CD2 . LEU A 1 40  ? 3.244   1.114   -4.691  1.00 69.83  ? 40  LEU A CD2 1 
ATOM   278  N N   . ALA A 1 41  ? 5.618   -3.240  -3.686  1.00 55.78  ? 41  ALA A N   1 
ATOM   279  C CA  . ALA A 1 41  ? 6.527   -4.405  -3.934  1.00 55.61  ? 41  ALA A CA  1 
ATOM   280  C C   . ALA A 1 41  ? 5.901   -5.344  -4.943  1.00 55.03  ? 41  ALA A C   1 
ATOM   281  O O   . ALA A 1 41  ? 4.762   -5.731  -4.836  1.00 52.68  ? 41  ALA A O   1 
ATOM   282  C CB  . ALA A 1 41  ? 6.934   -5.178  -2.532  1.00 54.22  ? 41  ALA A CB  1 
ATOM   283  N N   . PRO A 1 42  ? 6.667   -5.782  -5.890  1.00 55.73  ? 42  PRO A N   1 
ATOM   284  C CA  . PRO A 1 42  ? 6.234   -6.898  -6.787  1.00 54.80  ? 42  PRO A CA  1 
ATOM   285  C C   . PRO A 1 42  ? 6.127   -8.159  -5.942  1.00 53.84  ? 42  PRO A C   1 
ATOM   286  O O   . PRO A 1 42  ? 6.836   -8.471  -4.979  1.00 51.31  ? 42  PRO A O   1 
ATOM   287  C CB  . PRO A 1 42  ? 7.393   -7.168  -7.619  1.00 56.64  ? 42  PRO A CB  1 
ATOM   288  C CG  . PRO A 1 42  ? 8.523   -6.263  -7.096  1.00 57.55  ? 42  PRO A CG  1 
ATOM   289  C CD  . PRO A 1 42  ? 8.082   -5.475  -5.916  1.00 55.66  ? 42  PRO A CD  1 
ATOM   290  N N   . ILE A 1 43  ? 5.077   -8.864  -6.236  1.00 53.97  ? 43  ILE A N   1 
ATOM   291  C CA  . ILE A 1 43  ? 4.808   -10.034 -5.462  1.00 52.19  ? 43  ILE A CA  1 
ATOM   292  C C   . ILE A 1 43  ? 4.761   -11.448 -6.182  1.00 50.61  ? 43  ILE A C   1 
ATOM   293  O O   . ILE A 1 43  ? 4.818   -12.467 -5.481  1.00 49.52  ? 43  ILE A O   1 
ATOM   294  C CB  . ILE A 1 43  ? 3.585   -9.672  -4.773  1.00 52.97  ? 43  ILE A CB  1 
ATOM   295  C CG1 . ILE A 1 43  ? 3.543   -10.228 -3.385  1.00 55.20  ? 43  ILE A CG1 1 
ATOM   296  C CG2 . ILE A 1 43  ? 2.336   -10.225 -5.502  1.00 49.12  ? 43  ILE A CG2 1 
ATOM   297  C CD1 . ILE A 1 43  ? 2.053   -10.522 -3.212  1.00 55.96  ? 43  ILE A CD1 1 
ATOM   298  N N   . ASN A 1 44  ? 4.744   -11.473 -7.515  1.00 48.03  ? 44  ASN A N   1 
ATOM   299  C CA  . ASN A 1 44  ? 4.397   -12.688 -8.409  1.00 51.06  ? 44  ASN A CA  1 
ATOM   300  C C   . ASN A 1 44  ? 5.126   -12.221 -9.571  1.00 51.22  ? 44  ASN A C   1 
ATOM   301  O O   . ASN A 1 44  ? 5.455   -11.069 -9.656  1.00 52.62  ? 44  ASN A O   1 
ATOM   302  C CB  . ASN A 1 44  ? 2.841   -12.526 -8.953  1.00 51.51  ? 44  ASN A CB  1 
ATOM   303  C CG  . ASN A 1 44  ? 2.050   -13.129 -8.020  1.00 61.39  ? 44  ASN A CG  1 
ATOM   304  O OD1 . ASN A 1 44  ? 2.684   -13.749 -7.086  1.00 71.85  ? 44  ASN A OD1 1 
ATOM   305  N ND2 . ASN A 1 44  ? 0.797   -13.123 -8.141  1.00 50.79  ? 44  ASN A ND2 1 
ATOM   306  N N   . GLU A 1 45  ? 4.944   -12.877 -10.620 1.00 52.09  ? 45  GLU A N   1 
ATOM   307  C CA  . GLU A 1 45  ? 5.363   -12.360 -11.898 1.00 55.40  ? 45  GLU A CA  1 
ATOM   308  C C   . GLU A 1 45  ? 4.420   -11.392 -12.480 1.00 55.08  ? 45  GLU A C   1 
ATOM   309  O O   . GLU A 1 45  ? 4.758   -10.661 -13.427 1.00 55.75  ? 45  GLU A O   1 
ATOM   310  C CB  . GLU A 1 45  ? 5.337   -13.619 -12.891 1.00 58.10  ? 45  GLU A CB  1 
ATOM   311  C CG  . GLU A 1 45  ? 6.367   -14.677 -12.514 1.00 58.92  ? 45  GLU A CG  1 
ATOM   312  C CD  . GLU A 1 45  ? 7.799   -14.017 -12.473 1.00 72.66  ? 45  GLU A CD  1 
ATOM   313  O OE1 . GLU A 1 45  ? 8.325   -13.689 -13.635 1.00 77.13  ? 45  GLU A OE1 1 
ATOM   314  O OE2 . GLU A 1 45  ? 8.376   -13.801 -11.312 1.00 75.12  ? 45  GLU A OE2 1 
ATOM   315  N N   . LYS A 1 46  ? 3.160   -11.523 -12.138 1.00 55.37  ? 46  LYS A N   1 
ATOM   316  C CA  . LYS A 1 46  ? 2.122   -10.674 -12.834 1.00 56.39  ? 46  LYS A CA  1 
ATOM   317  C C   . LYS A 1 46  ? 1.784   -9.353  -11.985 1.00 54.57  ? 46  LYS A C   1 
ATOM   318  O O   . LYS A 1 46  ? 1.295   -8.367  -12.464 1.00 51.74  ? 46  LYS A O   1 
ATOM   319  C CB  . LYS A 1 46  ? 0.828   -11.585 -13.229 1.00 58.64  ? 46  LYS A CB  1 
ATOM   320  N N   . GLU A 1 47  ? 2.147   -9.366  -10.715 1.00 54.19  ? 47  GLU A N   1 
ATOM   321  C CA  . GLU A 1 47  ? 1.562   -8.446  -9.806  1.00 54.33  ? 47  GLU A CA  1 
ATOM   322  C C   . GLU A 1 47  ? 2.299   -7.818  -8.650  1.00 54.17  ? 47  GLU A C   1 
ATOM   323  O O   . GLU A 1 47  ? 3.411   -8.280  -8.228  1.00 51.41  ? 47  GLU A O   1 
ATOM   324  C CB  . GLU A 1 47  ? 0.232   -9.007  -9.439  1.00 53.55  ? 47  GLU A CB  1 
ATOM   325  C CG  . GLU A 1 47  ? 0.020   -9.728  -8.201  1.00 58.94  ? 47  GLU A CG  1 
ATOM   326  C CD  . GLU A 1 47  ? -1.204  -10.613 -8.514  1.00 61.45  ? 47  GLU A CD  1 
ATOM   327  O OE1 . GLU A 1 47  ? -1.667  -10.378 -9.665  1.00 65.99  ? 47  GLU A OE1 1 
ATOM   328  O OE2 . GLU A 1 47  ? -1.626  -11.504 -7.738  1.00 61.56  ? 47  GLU A OE2 1 
ATOM   329  N N   . LEU A 1 48  ? 1.766   -6.619  -8.236  1.00 54.60  ? 48  LEU A N   1 
ATOM   330  C CA  . LEU A 1 48  ? 2.390   -5.867  -7.116  1.00 50.50  ? 48  LEU A CA  1 
ATOM   331  C C   . LEU A 1 48  ? 1.476   -5.695  -6.009  1.00 51.72  ? 48  LEU A C   1 
ATOM   332  O O   . LEU A 1 48  ? 0.205   -5.767  -6.129  1.00 50.88  ? 48  LEU A O   1 
ATOM   333  C CB  . LEU A 1 48  ? 2.933   -4.575  -7.587  1.00 54.06  ? 48  LEU A CB  1 
ATOM   334  C CG  . LEU A 1 48  ? 2.065   -3.344  -8.034  1.00 53.87  ? 48  LEU A CG  1 
ATOM   335  C CD1 . LEU A 1 48  ? 1.068   -2.914  -7.038  1.00 63.41  ? 48  LEU A CD1 1 
ATOM   336  C CD2 . LEU A 1 48  ? 2.949   -2.239  -7.936  1.00 56.27  ? 48  LEU A CD2 1 
ATOM   337  N N   . VAL A 1 49  ? 2.070   -5.356  -4.880  1.00 51.67  ? 49  VAL A N   1 
ATOM   338  C CA  . VAL A 1 49  ? 1.308   -5.063  -3.726  1.00 49.73  ? 49  VAL A CA  1 
ATOM   339  C C   . VAL A 1 49  ? 1.626   -3.599  -3.326  1.00 50.95  ? 49  VAL A C   1 
ATOM   340  O O   . VAL A 1 49  ? 2.738   -3.166  -3.429  1.00 49.25  ? 49  VAL A O   1 
ATOM   341  C CB  . VAL A 1 49  ? 1.591   -6.180  -2.716  1.00 52.45  ? 49  VAL A CB  1 
ATOM   342  C CG1 . VAL A 1 49  ? 2.920   -6.071  -1.974  1.00 48.34  ? 49  VAL A CG1 1 
ATOM   343  C CG2 . VAL A 1 49  ? 0.592   -6.267  -1.756  1.00 54.37  ? 49  VAL A CG2 1 
ATOM   344  N N   . ALA A 1 50  ? 0.593   -2.834  -2.917  1.00 48.87  ? 50  ALA A N   1 
ATOM   345  C CA  . ALA A 1 50  ? 0.813   -1.598  -2.235  1.00 46.24  ? 50  ALA A CA  1 
ATOM   346  C C   . ALA A 1 50  ? 0.255   -1.744  -0.880  1.00 44.07  ? 50  ALA A C   1 
ATOM   347  O O   . ALA A 1 50  ? -0.888  -2.266  -0.723  1.00 46.13  ? 50  ALA A O   1 
ATOM   348  C CB  . ALA A 1 50  ? -0.009  -0.482  -3.019  1.00 49.02  ? 50  ALA A CB  1 
ATOM   349  N N   . PHE A 1 51  ? 1.019   -1.394  0.167   1.00 45.12  ? 51  PHE A N   1 
ATOM   350  C CA  . PHE A 1 51  ? 0.527   -1.576  1.534   1.00 44.71  ? 51  PHE A CA  1 
ATOM   351  C C   . PHE A 1 51  ? 1.002   -0.711  2.624   1.00 46.40  ? 51  PHE A C   1 
ATOM   352  O O   . PHE A 1 51  ? 2.024   -0.031  2.520   1.00 48.91  ? 51  PHE A O   1 
ATOM   353  C CB  . PHE A 1 51  ? 0.788   -3.011  1.943   1.00 49.00  ? 51  PHE A CB  1 
ATOM   354  C CG  . PHE A 1 51  ? 2.213   -3.382  2.154   1.00 47.51  ? 51  PHE A CG  1 
ATOM   355  C CD1 . PHE A 1 51  ? 2.752   -3.373  3.381   1.00 55.23  ? 51  PHE A CD1 1 
ATOM   356  C CD2 . PHE A 1 51  ? 2.914   -3.885  1.151   1.00 48.66  ? 51  PHE A CD2 1 
ATOM   357  C CE1 . PHE A 1 51  ? 4.098   -3.837  3.568   1.00 56.73  ? 51  PHE A CE1 1 
ATOM   358  C CE2 . PHE A 1 51  ? 4.204   -4.341  1.320   1.00 54.47  ? 51  PHE A CE2 1 
ATOM   359  C CZ  . PHE A 1 51  ? 4.832   -4.285  2.522   1.00 46.60  ? 51  PHE A CZ  1 
ATOM   360  N N   . MET A 1 52  ? 0.307   -0.740  3.758   1.00 49.08  ? 52  MET A N   1 
ATOM   361  C CA  . MET A 1 52  ? 0.719   0.111   4.859   1.00 51.19  ? 52  MET A CA  1 
ATOM   362  C C   . MET A 1 52  ? 0.208   -0.160  6.176   1.00 52.88  ? 52  MET A C   1 
ATOM   363  O O   . MET A 1 52  ? -0.865  -0.632  6.298   1.00 55.04  ? 52  MET A O   1 
ATOM   364  C CB  . MET A 1 52  ? 0.189   1.607   4.602   1.00 51.90  ? 52  MET A CB  1 
ATOM   365  C CG  . MET A 1 52  ? -1.266  1.828   4.796   1.00 56.16  ? 52  MET A CG  1 
ATOM   366  S SD  . MET A 1 52  ? -1.853  3.733   4.238   1.00 66.12  ? 52  MET A SD  1 
ATOM   367  C CE  . MET A 1 52  ? -0.909  4.543   5.190   1.00 63.40  ? 52  MET A CE  1 
ATOM   368  N N   . ARG A 1 53  ? 0.959   0.245   7.177   1.00 57.93  ? 53  ARG A N   1 
ATOM   369  C CA  . ARG A 1 53  ? 0.508   0.224   8.580   1.00 63.90  ? 53  ARG A CA  1 
ATOM   370  C C   . ARG A 1 53  ? -0.393  1.448   8.919   1.00 66.79  ? 53  ARG A C   1 
ATOM   371  O O   . ARG A 1 53  ? -0.156  2.521   8.439   1.00 68.62  ? 53  ARG A O   1 
ATOM   372  C CB  . ARG A 1 53  ? 1.802   0.091   9.558   1.00 65.46  ? 53  ARG A CB  1 
ATOM   373  N N   . ALA A 1 54  ? -1.472  1.213   9.668   1.00 70.40  ? 54  ALA A N   1 
ATOM   374  C CA  . ALA A 1 54  ? -2.469  2.190   10.138  1.00 72.23  ? 54  ALA A CA  1 
ATOM   375  C C   . ALA A 1 54  ? -2.811  2.268   11.682  1.00 75.24  ? 54  ALA A C   1 
ATOM   376  O O   . ALA A 1 54  ? -3.759  3.000   12.108  1.00 74.80  ? 54  ALA A O   1 
ATOM   377  C CB  . ALA A 1 54  ? -3.757  1.946   9.429   1.00 72.03  ? 54  ALA A CB  1 
ATOM   378  N N   . GLY A 1 55  ? -2.148  1.527   12.545  1.00 78.11  ? 55  GLY A N   1 
ATOM   379  C CA  . GLY A 1 55  ? -2.585  1.621   13.948  1.00 80.72  ? 55  GLY A CA  1 
ATOM   380  C C   . GLY A 1 55  ? -3.947  1.147   14.505  1.00 82.60  ? 55  GLY A C   1 
ATOM   381  O O   . GLY A 1 55  ? -4.963  0.949   13.812  1.00 82.41  ? 55  GLY A O   1 
ATOM   382  N N   . ILE A 1 56  ? -3.911  1.026   15.845  1.00 85.71  ? 56  ILE A N   1 
ATOM   383  C CA  . ILE A 1 56  ? -4.551  0.000   16.640  1.00 87.54  ? 56  ILE A CA  1 
ATOM   384  C C   . ILE A 1 56  ? -5.996  -0.129  16.396  1.00 90.49  ? 56  ILE A C   1 
ATOM   385  O O   . ILE A 1 56  ? -6.685  0.775   15.938  1.00 91.17  ? 56  ILE A O   1 
ATOM   386  C CB  . ILE A 1 56  ? -4.279  0.158   18.186  1.00 88.12  ? 56  ILE A CB  1 
ATOM   387  N N   . LEU A 1 57  ? -6.429  -1.346  16.710  1.00 93.57  ? 57  LEU A N   1 
ATOM   388  C CA  . LEU A 1 57  ? -7.770  -1.833  16.577  1.00 94.53  ? 57  LEU A CA  1 
ATOM   389  C C   . LEU A 1 57  ? -8.615  -1.035  17.501  1.00 95.70  ? 57  LEU A C   1 
ATOM   390  O O   . LEU A 1 57  ? -8.241  -0.905  18.641  1.00 95.66  ? 57  LEU A O   1 
ATOM   391  C CB  . LEU A 1 57  ? -7.618  -3.249  17.083  1.00 94.40  ? 57  LEU A CB  1 
ATOM   392  C CG  . LEU A 1 57  ? -8.818  -4.147  17.191  1.00 94.63  ? 57  LEU A CG  1 
ATOM   393  C CD1 . LEU A 1 57  ? -9.878  -3.866  16.120  1.00 91.67  ? 57  LEU A CD1 1 
ATOM   394  C CD2 . LEU A 1 57  ? -8.180  -5.542  17.080  1.00 95.49  ? 57  LEU A CD2 1 
ATOM   395  N N   . THR A 1 58  ? -9.747  -0.512  17.082  1.00 98.47  ? 58  THR A N   1 
ATOM   396  C CA  . THR A 1 58  ? -10.365 0.567   17.877  1.00 100.87 ? 58  THR A CA  1 
ATOM   397  C C   . THR A 1 58  ? -10.270 0.212   19.314  1.00 103.37 ? 58  THR A C   1 
ATOM   398  O O   . THR A 1 58  ? -9.964  1.062   20.187  1.00 104.79 ? 58  THR A O   1 
ATOM   399  C CB  . THR A 1 58  ? -11.890 0.702   17.766  1.00 100.78 ? 58  THR A CB  1 
ATOM   400  O OG1 . THR A 1 58  ? -12.531 -0.579  18.033  1.00 102.93 ? 58  THR A OG1 1 
ATOM   401  C CG2 . THR A 1 58  ? -12.346 1.222   16.417  1.00 101.50 ? 58  THR A CG2 1 
ATOM   402  N N   . GLY A 1 59  ? -10.658 -1.035  19.578  1.00 104.64 ? 59  GLY A N   1 
ATOM   403  C CA  . GLY A 1 59  ? -11.219 -1.367  20.865  1.00 105.41 ? 59  GLY A CA  1 
ATOM   404  C C   . GLY A 1 59  ? -11.910 -2.698  20.701  1.00 106.10 ? 59  GLY A C   1 
ATOM   405  O O   . GLY A 1 59  ? -11.696 -3.594  21.571  1.00 107.35 ? 59  GLY A O   1 
ATOM   406  N N   . GLN A 1 60  ? -12.736 -2.808  19.637  1.00 104.58 ? 60  GLN A N   1 
ATOM   407  C CA  . GLN A 1 60  ? -13.156 -4.096  19.031  1.00 103.42 ? 60  GLN A CA  1 
ATOM   408  C C   . GLN A 1 60  ? -14.094 -3.708  17.890  1.00 101.66 ? 60  GLN A C   1 
ATOM   409  O O   . GLN A 1 60  ? -14.141 -2.503  17.547  1.00 101.60 ? 60  GLN A O   1 
ATOM   410  C CB  . GLN A 1 60  ? -13.805 -5.187  20.000  1.00 104.38 ? 60  GLN A CB  1 
ATOM   411  C CG  . GLN A 1 60  ? -14.156 -4.911  21.588  1.00 105.66 ? 60  GLN A CG  1 
ATOM   412  C CD  . GLN A 1 60  ? -13.092 -5.427  22.671  1.00 107.61 ? 60  GLN A CD  1 
ATOM   413  O OE1 . GLN A 1 60  ? -12.375 -6.419  22.477  1.00 108.04 ? 60  GLN A OE1 1 
ATOM   414  N NE2 . GLN A 1 60  ? -13.003 -4.705  23.786  1.00 107.18 ? 60  GLN A NE2 1 
ATOM   415  N N   . SER A 1 61  ? -14.766 -4.716  17.278  1.00 98.86  ? 61  SER A N   1 
ATOM   416  C CA  . SER A 1 61  ? -15.952 -4.576  16.378  1.00 95.42  ? 61  SER A CA  1 
ATOM   417  C C   . SER A 1 61  ? -15.912 -3.639  15.148  1.00 93.83  ? 61  SER A C   1 
ATOM   418  O O   . SER A 1 61  ? -16.954 -3.402  14.485  1.00 92.30  ? 61  SER A O   1 
ATOM   419  C CB  . SER A 1 61  ? -17.090 -4.049  17.163  1.00 95.03  ? 61  SER A CB  1 
ATOM   420  O OG  . SER A 1 61  ? -17.028 -2.670  16.908  1.00 93.63  ? 61  SER A OG  1 
ATOM   421  N N   . GLN A 1 62  ? -14.765 -3.047  14.853  1.00 91.42  ? 62  GLN A N   1 
ATOM   422  C CA  . GLN A 1 62  ? -14.542 -2.578  13.499  1.00 89.78  ? 62  GLN A CA  1 
ATOM   423  C C   . GLN A 1 62  ? -14.164 -3.859  12.734  1.00 88.40  ? 62  GLN A C   1 
ATOM   424  O O   . GLN A 1 62  ? -14.470 -4.003  11.557  1.00 88.78  ? 62  GLN A O   1 
ATOM   425  C CB  . GLN A 1 62  ? -13.521 -1.429  13.421  1.00 89.43  ? 62  GLN A CB  1 
ATOM   426  C CG  . GLN A 1 62  ? -12.068 -1.695  13.856  1.00 88.71  ? 62  GLN A CG  1 
ATOM   427  C CD  . GLN A 1 62  ? -11.297 -0.367  13.982  1.00 85.56  ? 62  GLN A CD  1 
ATOM   428  O OE1 . GLN A 1 62  ? -10.323 -0.269  14.682  1.00 84.34  ? 62  GLN A OE1 1 
ATOM   429  N NE2 . GLN A 1 62  ? -11.772 0.640   13.315  1.00 83.05  ? 62  GLN A NE2 1 
ATOM   430  N N   . LEU A 1 63  ? -13.608 -4.829  13.441  1.00 86.33  ? 63  LEU A N   1 
ATOM   431  C CA  . LEU A 1 63  ? -13.631 -6.240  12.975  1.00 85.49  ? 63  LEU A CA  1 
ATOM   432  C C   . LEU A 1 63  ? -14.833 -6.767  12.185  1.00 83.81  ? 63  LEU A C   1 
ATOM   433  O O   . LEU A 1 63  ? -14.670 -7.225  11.061  1.00 82.26  ? 63  LEU A O   1 
ATOM   434  C CB  . LEU A 1 63  ? -13.528 -7.138  14.138  1.00 84.96  ? 63  LEU A CB  1 
ATOM   435  C CG  . LEU A 1 63  ? -12.182 -6.993  14.782  1.00 86.15  ? 63  LEU A CG  1 
ATOM   436  C CD1 . LEU A 1 63  ? -12.391 -7.601  16.178  1.00 88.58  ? 63  LEU A CD1 1 
ATOM   437  C CD2 . LEU A 1 63  ? -11.016 -7.694  14.020  1.00 84.96  ? 63  LEU A CD2 1 
ATOM   438  N N   . TYR A 1 64  ? -16.021 -6.745  12.767  1.00 82.36  ? 64  TYR A N   1 
ATOM   439  C CA  . TYR A 1 64  ? -17.153 -7.243  12.008  1.00 82.24  ? 64  TYR A CA  1 
ATOM   440  C C   . TYR A 1 64  ? -17.228 -6.409  10.783  1.00 80.04  ? 64  TYR A C   1 
ATOM   441  O O   . TYR A 1 64  ? -17.633 -6.919  9.774   1.00 79.99  ? 64  TYR A O   1 
ATOM   442  C CB  . TYR A 1 64  ? -18.574 -6.957  12.521  1.00 83.03  ? 64  TYR A CB  1 
ATOM   443  C CG  . TYR A 1 64  ? -19.106 -7.628  13.696  1.00 88.64  ? 64  TYR A CG  1 
ATOM   444  C CD1 . TYR A 1 64  ? -19.101 -6.919  14.916  1.00 97.85  ? 64  TYR A CD1 1 
ATOM   445  C CD2 . TYR A 1 64  ? -19.727 -8.881  13.614  1.00 90.93  ? 64  TYR A CD2 1 
ATOM   446  C CE1 . TYR A 1 64  ? -19.594 -7.451  16.105  1.00 102.18 ? 64  TYR A CE1 1 
ATOM   447  C CE2 . TYR A 1 64  ? -20.232 -9.466  14.801  1.00 98.73  ? 64  TYR A CE2 1 
ATOM   448  C CZ  . TYR A 1 64  ? -20.164 -8.724  16.080  1.00 102.79 ? 64  TYR A CZ  1 
ATOM   449  O OH  . TYR A 1 64  ? -20.634 -9.149  17.337  1.00 103.63 ? 64  TYR A OH  1 
ATOM   450  N N   . ASP A 1 65  ? -17.036 -5.079  10.902  1.00 77.93  ? 65  ASP A N   1 
ATOM   451  C CA  . ASP A 1 65  ? -17.389 -4.157  9.787   1.00 75.00  ? 65  ASP A CA  1 
ATOM   452  C C   . ASP A 1 65  ? -16.481 -4.353  8.560   1.00 71.08  ? 65  ASP A C   1 
ATOM   453  O O   . ASP A 1 65  ? -16.891 -4.298  7.445   1.00 68.02  ? 65  ASP A O   1 
ATOM   454  C CB  . ASP A 1 65  ? -17.401 -2.677  10.276  1.00 76.21  ? 65  ASP A CB  1 
ATOM   455  C CG  . ASP A 1 65  ? -18.307 -2.503  11.548  1.00 82.18  ? 65  ASP A CG  1 
ATOM   456  O OD1 . ASP A 1 65  ? -17.759 -2.373  12.717  1.00 87.97  ? 65  ASP A OD1 1 
ATOM   457  O OD2 . ASP A 1 65  ? -19.565 -2.612  11.459  1.00 82.00  ? 65  ASP A OD2 1 
ATOM   458  N N   . ILE A 1 66  ? -15.211 -4.519  8.792   1.00 69.69  ? 66  ILE A N   1 
ATOM   459  C CA  . ILE A 1 66  ? -14.317 -4.962  7.741   1.00 69.18  ? 66  ILE A CA  1 
ATOM   460  C C   . ILE A 1 66  ? -14.741 -6.339  7.179   1.00 67.35  ? 66  ILE A C   1 
ATOM   461  O O   . ILE A 1 66  ? -15.107 -6.390  6.005   1.00 67.04  ? 66  ILE A O   1 
ATOM   462  C CB  . ILE A 1 66  ? -12.946 -4.868  8.311   1.00 68.60  ? 66  ILE A CB  1 
ATOM   463  C CG1 . ILE A 1 66  ? -12.633 -3.350  8.358   1.00 71.83  ? 66  ILE A CG1 1 
ATOM   464  C CG2 . ILE A 1 66  ? -12.046 -5.584  7.442   1.00 68.19  ? 66  ILE A CG2 1 
ATOM   465  C CD1 . ILE A 1 66  ? -11.580 -3.010  9.280   1.00 76.51  ? 66  ILE A CD1 1 
ATOM   466  N N   . LEU A 1 67  ? -14.900 -7.359  8.039   1.00 66.78  ? 67  LEU A N   1 
ATOM   467  C CA  . LEU A 1 67  ? -15.363 -8.706  7.597   1.00 67.42  ? 67  LEU A CA  1 
ATOM   468  C C   . LEU A 1 67  ? -16.592 -8.747  6.759   1.00 64.87  ? 67  LEU A C   1 
ATOM   469  O O   . LEU A 1 67  ? -16.646 -9.468  5.782   1.00 63.38  ? 67  LEU A O   1 
ATOM   470  C CB  . LEU A 1 67  ? -15.541 -9.645  8.789   1.00 67.40  ? 67  LEU A CB  1 
ATOM   471  C CG  . LEU A 1 67  ? -14.282 -10.498 8.915   1.00 72.16  ? 67  LEU A CG  1 
ATOM   472  C CD1 . LEU A 1 67  ? -13.220 -10.419 7.834   1.00 72.82  ? 67  LEU A CD1 1 
ATOM   473  C CD2 . LEU A 1 67  ? -13.681 -10.218 10.179  1.00 76.09  ? 67  LEU A CD2 1 
ATOM   474  N N   . ARG A 1 68  ? -17.565 -7.915  7.087   1.00 65.48  ? 68  ARG A N   1 
ATOM   475  C CA  . ARG A 1 68  ? -18.824 -7.691  6.305   1.00 65.47  ? 68  ARG A CA  1 
ATOM   476  C C   . ARG A 1 68  ? -18.534 -7.063  4.943   1.00 63.12  ? 68  ARG A C   1 
ATOM   477  O O   . ARG A 1 68  ? -19.180 -7.334  3.961   1.00 60.48  ? 68  ARG A O   1 
ATOM   478  C CB  . ARG A 1 68  ? -19.720 -6.769  7.096   1.00 67.04  ? 68  ARG A CB  1 
ATOM   479  C CG  . ARG A 1 68  ? -20.232 -7.342  8.414   1.00 75.90  ? 68  ARG A CG  1 
ATOM   480  C CD  . ARG A 1 68  ? -21.771 -7.007  8.757   1.00 86.49  ? 68  ARG A CD  1 
ATOM   481  N NE  . ARG A 1 68  ? -22.254 -7.651  10.025  1.00 93.32  ? 68  ARG A NE  1 
ATOM   482  C CZ  . ARG A 1 68  ? -21.914 -7.302  11.320  1.00 96.32  ? 68  ARG A CZ  1 
ATOM   483  N NH1 . ARG A 1 68  ? -21.076 -6.310  11.617  1.00 90.81  ? 68  ARG A NH1 1 
ATOM   484  N NH2 . ARG A 1 68  ? -22.430 -7.984  12.341  1.00 99.27  ? 68  ARG A NH2 1 
ATOM   485  N N   . LYS A 1 69  ? -17.438 -6.332  4.838   1.00 62.33  ? 69  LYS A N   1 
ATOM   486  C CA  . LYS A 1 69  ? -17.024 -5.766  3.506   1.00 63.77  ? 69  LYS A CA  1 
ATOM   487  C C   . LYS A 1 69  ? -15.894 -6.487  2.730   1.00 61.75  ? 69  LYS A C   1 
ATOM   488  O O   . LYS A 1 69  ? -15.348 -5.920  1.674   1.00 59.22  ? 69  LYS A O   1 
ATOM   489  C CB  . LYS A 1 69  ? -16.601 -4.271  3.734   1.00 64.25  ? 69  LYS A CB  1 
ATOM   490  C CG  . LYS A 1 69  ? -17.797 -3.381  4.297   1.00 69.95  ? 69  LYS A CG  1 
ATOM   491  C CD  . LYS A 1 69  ? -17.306 -1.868  4.696   1.00 82.12  ? 69  LYS A CD  1 
ATOM   492  C CE  . LYS A 1 69  ? -17.410 -1.420  6.252   1.00 87.55  ? 69  LYS A CE  1 
ATOM   493  N NZ  . LYS A 1 69  ? -18.147 -0.071  6.522   1.00 91.53  ? 69  LYS A NZ  1 
ATOM   494  N N   . ASN A 1 70  ? -15.482 -7.660  3.255   1.00 57.83  ? 70  ASN A N   1 
ATOM   495  C CA  . ASN A 1 70  ? -14.343 -8.409  2.693   1.00 57.64  ? 70  ASN A CA  1 
ATOM   496  C C   . ASN A 1 70  ? -14.834 -9.401  1.659   1.00 56.76  ? 70  ASN A C   1 
ATOM   497  O O   . ASN A 1 70  ? -14.489 -10.530 1.747   1.00 59.20  ? 70  ASN A O   1 
ATOM   498  C CB  . ASN A 1 70  ? -13.593 -9.091  3.816   1.00 57.07  ? 70  ASN A CB  1 
ATOM   499  C CG  . ASN A 1 70  ? -12.262 -9.612  3.430   1.00 58.29  ? 70  ASN A CG  1 
ATOM   500  O OD1 . ASN A 1 70  ? -11.431 -8.811  2.929   1.00 54.34  ? 70  ASN A OD1 1 
ATOM   501  N ND2 . ASN A 1 70  ? -11.934 -10.974 3.811   1.00 49.03  ? 70  ASN A ND2 1 
ATOM   502  N N   . LEU A 1 71  ? -15.577 -8.918  0.655   1.00 55.10  ? 71  LEU A N   1 
ATOM   503  C CA  . LEU A 1 71  ? -16.189 -9.666  -0.363  1.00 54.40  ? 71  LEU A CA  1 
ATOM   504  C C   . LEU A 1 71  ? -15.411 -9.482  -1.580  1.00 54.79  ? 71  LEU A C   1 
ATOM   505  O O   . LEU A 1 71  ? -14.417 -8.714  -1.572  1.00 53.45  ? 71  LEU A O   1 
ATOM   506  C CB  . LEU A 1 71  ? -17.562 -9.193  -0.597  1.00 55.71  ? 71  LEU A CB  1 
ATOM   507  C CG  . LEU A 1 71  ? -18.761 -10.123 -0.417  1.00 63.42  ? 71  LEU A CG  1 
ATOM   508  C CD1 . LEU A 1 71  ? -20.083 -9.749  -1.320  1.00 69.55  ? 71  LEU A CD1 1 
ATOM   509  C CD2 . LEU A 1 71  ? -18.348 -11.581 -0.711  1.00 70.66  ? 71  LEU A CD2 1 
ATOM   510  N N   . PHE A 1 72  ? -15.713 -10.291 -2.583  1.00 53.40  ? 72  PHE A N   1 
ATOM   511  C CA  . PHE A 1 72  ? -14.981 -10.193 -3.811  1.00 54.55  ? 72  PHE A CA  1 
ATOM   512  C C   . PHE A 1 72  ? -15.499 -9.024  -4.727  1.00 56.00  ? 72  PHE A C   1 
ATOM   513  O O   . PHE A 1 72  ? -16.641 -8.763  -4.731  1.00 54.31  ? 72  PHE A O   1 
ATOM   514  C CB  . PHE A 1 72  ? -15.222 -11.494 -4.615  1.00 53.27  ? 72  PHE A CB  1 
ATOM   515  C CG  . PHE A 1 72  ? -16.602 -11.997 -4.511  1.00 53.73  ? 72  PHE A CG  1 
ATOM   516  C CD1 . PHE A 1 72  ? -17.627 -11.465 -5.354  1.00 60.26  ? 72  PHE A CD1 1 
ATOM   517  C CD2 . PHE A 1 72  ? -16.952 -12.959 -3.639  1.00 57.35  ? 72  PHE A CD2 1 
ATOM   518  C CE1 . PHE A 1 72  ? -18.899 -11.958 -5.371  1.00 52.73  ? 72  PHE A CE1 1 
ATOM   519  C CE2 . PHE A 1 72  ? -18.331 -13.504 -3.595  1.00 54.55  ? 72  PHE A CE2 1 
ATOM   520  C CZ  . PHE A 1 72  ? -19.276 -12.985 -4.465  1.00 60.59  ? 72  PHE A CZ  1 
ATOM   521  N N   . SER A 1 73  ? -14.710 -8.551  -5.683  1.00 55.02  ? 73  SER A N   1 
ATOM   522  C CA  . SER A 1 73  ? -15.136 -7.531  -6.504  1.00 52.81  ? 73  SER A CA  1 
ATOM   523  C C   . SER A 1 73  ? -14.638 -7.699  -7.842  1.00 50.78  ? 73  SER A C   1 
ATOM   524  O O   . SER A 1 73  ? -13.414 -7.960  -8.140  1.00 50.67  ? 73  SER A O   1 
ATOM   525  C CB  . SER A 1 73  ? -14.569 -6.228  -5.984  1.00 56.39  ? 73  SER A CB  1 
ATOM   526  O OG  . SER A 1 73  ? -14.932 -5.130  -6.850  1.00 59.12  ? 73  SER A OG  1 
ATOM   527  N N   . PRO A 1 74  ? -15.489 -7.231  -8.702  1.00 51.28  ? 74  PRO A N   1 
ATOM   528  C CA  . PRO A 1 74  ? -15.169 -7.138  -10.159 1.00 49.42  ? 74  PRO A CA  1 
ATOM   529  C C   . PRO A 1 74  ? -14.029 -6.185  -10.447 1.00 47.09  ? 74  PRO A C   1 
ATOM   530  O O   . PRO A 1 74  ? -13.287 -6.403  -11.392 1.00 46.37  ? 74  PRO A O   1 
ATOM   531  C CB  . PRO A 1 74  ? -16.498 -6.757  -10.834 1.00 50.32  ? 74  PRO A CB  1 
ATOM   532  C CG  . PRO A 1 74  ? -17.496 -6.531  -9.826  1.00 52.67  ? 74  PRO A CG  1 
ATOM   533  C CD  . PRO A 1 74  ? -16.835 -6.705  -8.385  1.00 53.36  ? 74  PRO A CD  1 
ATOM   534  N N   . LEU A 1 75  ? -13.706 -5.338  -9.529  1.00 50.29  ? 75  LEU A N   1 
ATOM   535  C CA  . LEU A 1 75  ? -12.802 -4.271  -9.784  1.00 55.80  ? 75  LEU A CA  1 
ATOM   536  C C   . LEU A 1 75  ? -11.458 -4.334  -9.134  1.00 56.78  ? 75  LEU A C   1 
ATOM   537  O O   . LEU A 1 75  ? -11.348 -4.712  -8.021  1.00 59.82  ? 75  LEU A O   1 
ATOM   538  C CB  . LEU A 1 75  ? -13.373 -2.996  -9.127  1.00 57.63  ? 75  LEU A CB  1 
ATOM   539  C CG  . LEU A 1 75  ? -14.465 -2.003  -9.630  1.00 61.75  ? 75  LEU A CG  1 
ATOM   540  C CD1 . LEU A 1 75  ? -15.074 -2.135  -10.882 1.00 55.46  ? 75  LEU A CD1 1 
ATOM   541  C CD2 . LEU A 1 75  ? -15.566 -1.904  -8.465  1.00 66.50  ? 75  LEU A CD2 1 
ATOM   542  N N   . SER A 1 76  ? -10.489 -3.688  -9.732  1.00 56.37  ? 76  SER A N   1 
ATOM   543  C CA  . SER A 1 76  ? -9.132  -3.762  -9.287  1.00 56.78  ? 76  SER A CA  1 
ATOM   544  C C   . SER A 1 76  ? -8.895  -2.702  -8.292  1.00 55.27  ? 76  SER A C   1 
ATOM   545  O O   . SER A 1 76  ? -9.690  -1.823  -8.220  1.00 57.16  ? 76  SER A O   1 
ATOM   546  C CB  . SER A 1 76  ? -8.277  -3.415  -10.410 1.00 56.71  ? 76  SER A CB  1 
ATOM   547  O OG  . SER A 1 76  ? -8.969  -3.961  -11.479 1.00 66.80  ? 76  SER A OG  1 
ATOM   548  N N   . GLY A 1 77  ? -7.815  -2.741  -7.557  1.00 50.77  ? 77  GLY A N   1 
ATOM   549  C CA  . GLY A 1 77  ? -7.634  -1.710  -6.591  1.00 51.62  ? 77  GLY A CA  1 
ATOM   550  C C   . GLY A 1 77  ? -8.413  -1.707  -5.336  1.00 50.36  ? 77  GLY A C   1 
ATOM   551  O O   . GLY A 1 77  ? -8.241  -0.813  -4.479  1.00 53.99  ? 77  GLY A O   1 
ATOM   552  N N   . VAL A 1 78  ? -9.197  -2.715  -5.099  1.00 49.94  ? 78  VAL A N   1 
ATOM   553  C CA  . VAL A 1 78  ? -9.861  -2.836  -3.781  1.00 48.62  ? 78  VAL A CA  1 
ATOM   554  C C   . VAL A 1 78  ? -8.927  -2.899  -2.604  1.00 47.84  ? 78  VAL A C   1 
ATOM   555  O O   . VAL A 1 78  ? -7.811  -3.358  -2.777  1.00 49.69  ? 78  VAL A O   1 
ATOM   556  C CB  . VAL A 1 78  ? -10.778 -4.090  -3.739  1.00 51.09  ? 78  VAL A CB  1 
ATOM   557  C CG1 . VAL A 1 78  ? -11.818 -3.873  -2.696  1.00 50.59  ? 78  VAL A CG1 1 
ATOM   558  C CG2 . VAL A 1 78  ? -11.453 -4.294  -5.032  1.00 51.80  ? 78  VAL A CG2 1 
ATOM   559  N N   . ILE A 1 79  ? -9.289  -2.317  -1.465  1.00 45.06  ? 79  ILE A N   1 
ATOM   560  C CA  . ILE A 1 79  ? -8.459  -2.203  -0.306  1.00 44.57  ? 79  ILE A CA  1 
ATOM   561  C C   . ILE A 1 79  ? -8.842  -3.235  0.648   1.00 45.06  ? 79  ILE A C   1 
ATOM   562  O O   . ILE A 1 79  ? -10.020 -3.427  0.933   1.00 44.98  ? 79  ILE A O   1 
ATOM   563  C CB  . ILE A 1 79  ? -8.604  -0.901  0.472   1.00 46.00  ? 79  ILE A CB  1 
ATOM   564  C CG1 . ILE A 1 79  ? -8.338  0.368   -0.362  1.00 52.28  ? 79  ILE A CG1 1 
ATOM   565  C CG2 . ILE A 1 79  ? -7.581  -0.815  1.572   1.00 49.43  ? 79  ILE A CG2 1 
ATOM   566  C CD1 . ILE A 1 79  ? -6.945  0.462   -1.123  1.00 55.76  ? 79  ILE A CD1 1 
ATOM   567  N N   . ARG A 1 80  ? -7.835  -3.930  1.225   1.00 47.98  ? 80  ARG A N   1 
ATOM   568  C CA  . ARG A 1 80  ? -8.202  -5.107  2.130   1.00 49.30  ? 80  ARG A CA  1 
ATOM   569  C C   . ARG A 1 80  ? -7.571  -4.823  3.390   1.00 49.10  ? 80  ARG A C   1 
ATOM   570  O O   . ARG A 1 80  ? -6.576  -4.124  3.335   1.00 47.81  ? 80  ARG A O   1 
ATOM   571  C CB  . ARG A 1 80  ? -7.704  -6.432  1.557   1.00 49.30  ? 80  ARG A CB  1 
ATOM   572  C CG  . ARG A 1 80  ? -8.220  -6.656  0.183   1.00 47.32  ? 80  ARG A CG  1 
ATOM   573  C CD  . ARG A 1 80  ? -9.684  -6.986  0.211   1.00 42.74  ? 80  ARG A CD  1 
ATOM   574  N NE  . ARG A 1 80  ? -10.261 -7.541  -1.088  1.00 46.65  ? 80  ARG A NE  1 
ATOM   575  C CZ  . ARG A 1 80  ? -11.536 -7.722  -1.251  1.00 47.13  ? 80  ARG A CZ  1 
ATOM   576  N NH1 . ARG A 1 80  ? -12.331 -7.491  -0.223  1.00 52.21  ? 80  ARG A NH1 1 
ATOM   577  N NH2 . ARG A 1 80  ? -12.016 -8.223  -2.391  1.00 53.42  ? 80  ARG A NH2 1 
ATOM   578  N N   . CYS A 1 81  ? -8.120  -5.306  4.506   1.00 51.92  ? 81  CYS A N   1 
ATOM   579  C CA  . CYS A 1 81  ? -7.502  -5.012  5.829   1.00 54.48  ? 81  CYS A CA  1 
ATOM   580  C C   . CYS A 1 81  ? -7.213  -6.311  6.536   1.00 57.49  ? 81  CYS A C   1 
ATOM   581  O O   . CYS A 1 81  ? -8.023  -7.216  6.440   1.00 59.22  ? 81  CYS A O   1 
ATOM   582  C CB  . CYS A 1 81  ? -8.445  -4.174  6.677   1.00 53.96  ? 81  CYS A CB  1 
ATOM   583  S SG  . CYS A 1 81  ? -9.281  -2.891  5.572   1.00 59.40  ? 81  CYS A SG  1 
ATOM   584  N N   . ALA A 1 82  ? -6.045  -6.366  7.193   1.00 59.04  ? 82  ALA A N   1 
ATOM   585  C CA  . ALA A 1 82  ? -5.583  -7.425  8.087   1.00 61.10  ? 82  ALA A CA  1 
ATOM   586  C C   . ALA A 1 82  ? -5.226  -6.758  9.404   1.00 63.64  ? 82  ALA A C   1 
ATOM   587  O O   . ALA A 1 82  ? -4.948  -5.490  9.435   1.00 64.38  ? 82  ALA A O   1 
ATOM   588  C CB  . ALA A 1 82  ? -4.288  -8.046  7.597   1.00 60.74  ? 82  ALA A CB  1 
ATOM   589  N N   . LEU A 1 83  ? -5.078  -7.603  10.433  1.00 63.53  ? 83  LEU A N   1 
ATOM   590  C CA  . LEU A 1 83  ? -4.260  -7.255  11.579  1.00 66.04  ? 83  LEU A CA  1 
ATOM   591  C C   . LEU A 1 83  ? -2.853  -7.844  11.659  1.00 69.63  ? 83  LEU A C   1 
ATOM   592  O O   . LEU A 1 83  ? -2.596  -8.974  11.275  1.00 68.90  ? 83  LEU A O   1 
ATOM   593  C CB  . LEU A 1 83  ? -4.986  -7.636  12.827  1.00 65.17  ? 83  LEU A CB  1 
ATOM   594  C CG  . LEU A 1 83  ? -6.328  -6.993  12.877  1.00 66.05  ? 83  LEU A CG  1 
ATOM   595  C CD1 . LEU A 1 83  ? -7.200  -7.787  13.754  1.00 72.55  ? 83  LEU A CD1 1 
ATOM   596  C CD2 . LEU A 1 83  ? -6.074  -5.599  13.374  1.00 63.94  ? 83  LEU A CD2 1 
ATOM   597  N N   . ASP A 1 84  ? -1.956  -6.962  12.100  1.00 75.17  ? 84  ASP A N   1 
ATOM   598  C CA  . ASP A 1 84  ? -0.605  -7.134  12.678  1.00 79.21  ? 84  ASP A CA  1 
ATOM   599  C C   . ASP A 1 84  ? -0.433  -8.196  13.819  1.00 81.88  ? 84  ASP A C   1 
ATOM   600  O O   . ASP A 1 84  ? -1.333  -8.283  14.693  1.00 81.50  ? 84  ASP A O   1 
ATOM   601  C CB  . ASP A 1 84  ? -0.313  -5.782  13.429  1.00 79.64  ? 84  ASP A CB  1 
ATOM   602  C CG  . ASP A 1 84  ? 0.963   -5.144  13.042  1.00 83.83  ? 84  ASP A CG  1 
ATOM   603  O OD1 . ASP A 1 84  ? 1.452   -5.545  11.955  1.00 96.56  ? 84  ASP A OD1 1 
ATOM   604  O OD2 . ASP A 1 84  ? 1.573   -4.266  13.738  1.00 86.90  ? 84  ASP A OD2 1 
ATOM   605  N N   . LYS A 1 85  ? 0.734   -8.882  13.875  1.00 85.14  ? 85  LYS A N   1 
ATOM   606  C CA  . LYS A 1 85  ? 1.198   -9.547  15.114  1.00 88.47  ? 85  LYS A CA  1 
ATOM   607  C C   . LYS A 1 85  ? 0.815   -8.684  16.329  1.00 90.40  ? 85  LYS A C   1 
ATOM   608  O O   . LYS A 1 85  ? 0.007   -9.114  17.172  1.00 90.42  ? 85  LYS A O   1 
ATOM   609  C CB  . LYS A 1 85  ? 2.708   -9.743  15.063  1.00 90.04  ? 85  LYS A CB  1 
ATOM   610  N N   . ASP A 1 86  ? 1.316   -7.427  16.320  1.00 92.27  ? 86  ASP A N   1 
ATOM   611  C CA  . ASP A 1 86  ? 1.039   -6.372  17.333  1.00 93.51  ? 86  ASP A CA  1 
ATOM   612  C C   . ASP A 1 86  ? -0.194  -5.486  17.074  1.00 92.37  ? 86  ASP A C   1 
ATOM   613  O O   . ASP A 1 86  ? -0.161  -4.288  17.333  1.00 94.35  ? 86  ASP A O   1 
ATOM   614  C CB  . ASP A 1 86  ? 2.296   -5.484  17.490  1.00 94.91  ? 86  ASP A CB  1 
ATOM   615  C CG  . ASP A 1 86  ? 2.448   -4.856  18.919  1.00 100.97 ? 86  ASP A CG  1 
ATOM   616  O OD1 . ASP A 1 86  ? 1.501   -4.949  19.757  1.00 107.46 ? 86  ASP A OD1 1 
ATOM   617  O OD2 . ASP A 1 86  ? 3.496   -4.231  19.287  1.00 107.56 ? 86  ASP A OD2 1 
ATOM   618  N N   . ASP A 1 87  ? -1.247  -6.107  16.546  1.00 90.70  ? 87  ASP A N   1 
ATOM   619  C CA  . ASP A 1 87  ? -2.657  -5.649  16.515  1.00 89.04  ? 87  ASP A CA  1 
ATOM   620  C C   . ASP A 1 87  ? -3.055  -4.272  15.940  1.00 84.89  ? 87  ASP A C   1 
ATOM   621  O O   . ASP A 1 87  ? -4.164  -3.731  16.212  1.00 83.48  ? 87  ASP A O   1 
ATOM   622  C CB  . ASP A 1 87  ? -3.293  -5.920  17.884  1.00 90.15  ? 87  ASP A CB  1 
ATOM   623  C CG  . ASP A 1 87  ? -3.750  -7.381  18.019  1.00 94.47  ? 87  ASP A CG  1 
ATOM   624  O OD1 . ASP A 1 87  ? -2.850  -8.279  18.110  1.00 99.72  ? 87  ASP A OD1 1 
ATOM   625  O OD2 . ASP A 1 87  ? -4.965  -7.737  17.983  1.00 99.89  ? 87  ASP A OD2 1 
ATOM   626  N N   . HIS A 1 88  ? -2.148  -3.803  15.071  1.00 80.21  ? 88  HIS A N   1 
ATOM   627  C CA  . HIS A 1 88  ? -2.333  -2.660  14.157  1.00 77.12  ? 88  HIS A CA  1 
ATOM   628  C C   . HIS A 1 88  ? -3.025  -3.044  12.831  1.00 72.62  ? 88  HIS A C   1 
ATOM   629  O O   . HIS A 1 88  ? -2.716  -4.017  12.246  1.00 69.65  ? 88  HIS A O   1 
ATOM   630  C CB  . HIS A 1 88  ? -0.959  -2.031  13.821  1.00 76.42  ? 88  HIS A CB  1 
ATOM   631  C CG  . HIS A 1 88  ? -0.183  -1.568  15.023  1.00 83.83  ? 88  HIS A CG  1 
ATOM   632  N ND1 . HIS A 1 88  ? -0.777  -0.916  16.094  1.00 89.97  ? 88  HIS A ND1 1 
ATOM   633  C CD2 . HIS A 1 88  ? 1.142   -1.622  15.309  1.00 88.11  ? 88  HIS A CD2 1 
ATOM   634  C CE1 . HIS A 1 88  ? 0.149   -0.592  16.977  1.00 89.60  ? 88  HIS A CE1 1 
ATOM   635  N NE2 . HIS A 1 88  ? 1.321   -1.000  16.523  1.00 88.14  ? 88  HIS A NE2 1 
ATOM   636  N N   . TRP A 1 89  ? -3.940  -2.224  12.325  1.00 69.32  ? 89  TRP A N   1 
ATOM   637  C CA  . TRP A 1 89  ? -4.447  -2.459  10.987  1.00 65.47  ? 89  TRP A CA  1 
ATOM   638  C C   . TRP A 1 89  ? -3.339  -2.427  9.947   1.00 62.42  ? 89  TRP A C   1 
ATOM   639  O O   . TRP A 1 89  ? -2.472  -1.617  10.026  1.00 61.36  ? 89  TRP A O   1 
ATOM   640  C CB  . TRP A 1 89  ? -5.519  -1.503  10.658  1.00 65.31  ? 89  TRP A CB  1 
ATOM   641  C CG  . TRP A 1 89  ? -6.644  -1.715  11.358  1.00 66.91  ? 89  TRP A CG  1 
ATOM   642  C CD1 . TRP A 1 89  ? -7.142  -0.947  12.373  1.00 72.49  ? 89  TRP A CD1 1 
ATOM   643  C CD2 . TRP A 1 89  ? -7.526  -2.777  11.165  1.00 72.20  ? 89  TRP A CD2 1 
ATOM   644  N NE1 . TRP A 1 89  ? -8.346  -1.462  12.773  1.00 74.22  ? 89  TRP A NE1 1 
ATOM   645  C CE2 . TRP A 1 89  ? -8.580  -2.616  12.070  1.00 74.05  ? 89  TRP A CE2 1 
ATOM   646  C CE3 . TRP A 1 89  ? -7.570  -3.851  10.262  1.00 75.82  ? 89  TRP A CE3 1 
ATOM   647  C CZ2 . TRP A 1 89  ? -9.643  -3.493  12.126  1.00 74.79  ? 89  TRP A CZ2 1 
ATOM   648  C CZ3 . TRP A 1 89  ? -8.639  -4.734  10.313  1.00 76.51  ? 89  TRP A CZ3 1 
ATOM   649  C CH2 . TRP A 1 89  ? -9.662  -4.546  11.231  1.00 76.49  ? 89  TRP A CH2 1 
ATOM   650  N N   . LEU A 1 90  ? -3.349  -3.382  9.026   1.00 60.31  ? 90  LEU A N   1 
ATOM   651  C CA  . LEU A 1 90  ? -2.504  -3.364  7.814   1.00 59.79  ? 90  LEU A CA  1 
ATOM   652  C C   . LEU A 1 90  ? -3.439  -3.392  6.614   1.00 56.26  ? 90  LEU A C   1 
ATOM   653  O O   . LEU A 1 90  ? -4.283  -4.230  6.480   1.00 58.52  ? 90  LEU A O   1 
ATOM   654  C CB  . LEU A 1 90  ? -1.661  -4.604  7.738   1.00 61.40  ? 90  LEU A CB  1 
ATOM   655  C CG  . LEU A 1 90  ? -0.289  -4.499  7.167   1.00 68.19  ? 90  LEU A CG  1 
ATOM   656  C CD1 . LEU A 1 90  ? 0.431   -5.693  7.773   1.00 70.87  ? 90  LEU A CD1 1 
ATOM   657  C CD2 . LEU A 1 90  ? -0.322  -4.530  5.619   1.00 73.74  ? 90  LEU A CD2 1 
ATOM   658  N N   . LEU A 1 91  ? -3.274  -2.491  5.720   1.00 52.17  ? 91  LEU A N   1 
ATOM   659  C CA  . LEU A 1 91  ? -4.166  -2.422  4.577   1.00 48.06  ? 91  LEU A CA  1 
ATOM   660  C C   . LEU A 1 91  ? -3.408  -2.671  3.274   1.00 41.72  ? 91  LEU A C   1 
ATOM   661  O O   . LEU A 1 91  ? -2.266  -2.204  3.134   1.00 40.75  ? 91  LEU A O   1 
ATOM   662  C CB  . LEU A 1 91  ? -4.593  -0.938  4.557   1.00 47.69  ? 91  LEU A CB  1 
ATOM   663  C CG  . LEU A 1 91  ? -5.020  -0.365  5.896   1.00 56.46  ? 91  LEU A CG  1 
ATOM   664  C CD1 . LEU A 1 91  ? -5.673  1.017   5.562   1.00 58.74  ? 91  LEU A CD1 1 
ATOM   665  C CD2 . LEU A 1 91  ? -5.989  -1.220  6.660   1.00 60.02  ? 91  LEU A CD2 1 
ATOM   666  N N   . TRP A 1 92  ? -4.004  -3.193  2.239   1.00 37.90  ? 92  TRP A N   1 
ATOM   667  C CA  . TRP A 1 92  ? -3.143  -3.468  1.107   1.00 37.48  ? 92  TRP A CA  1 
ATOM   668  C C   . TRP A 1 92  ? -4.044  -3.641  -0.042  1.00 38.01  ? 92  TRP A C   1 
ATOM   669  O O   . TRP A 1 92  ? -5.241  -3.787  0.093   1.00 41.41  ? 92  TRP A O   1 
ATOM   670  C CB  . TRP A 1 92  ? -2.374  -4.860  1.485   1.00 39.11  ? 92  TRP A CB  1 
ATOM   671  C CG  . TRP A 1 92  ? -3.332  -6.033  1.791   1.00 35.95  ? 92  TRP A CG  1 
ATOM   672  C CD1 . TRP A 1 92  ? -3.814  -6.394  3.030   1.00 42.26  ? 92  TRP A CD1 1 
ATOM   673  C CD2 . TRP A 1 92  ? -3.971  -6.939  0.848   1.00 40.12  ? 92  TRP A CD2 1 
ATOM   674  N NE1 . TRP A 1 92  ? -4.603  -7.517  2.932   1.00 47.57  ? 92  TRP A NE1 1 
ATOM   675  C CE2 . TRP A 1 92  ? -4.669  -7.903  1.601   1.00 38.63  ? 92  TRP A CE2 1 
ATOM   676  C CE3 . TRP A 1 92  ? -3.822  -7.167  -0.513  1.00 40.99  ? 92  TRP A CE3 1 
ATOM   677  C CZ2 . TRP A 1 92  ? -5.431  -8.911  1.009   1.00 41.95  ? 92  TRP A CZ2 1 
ATOM   678  C CZ3 . TRP A 1 92  ? -4.581  -8.166  -1.130  1.00 40.18  ? 92  TRP A CZ3 1 
ATOM   679  C CH2 . TRP A 1 92  ? -5.324  -9.098  -0.397  1.00 36.00  ? 92  TRP A CH2 1 
ATOM   680  N N   . SER A 1 93  ? -3.493  -3.510  -1.204  1.00 40.49  ? 93  SER A N   1 
ATOM   681  C CA  . SER A 1 93  ? -4.212  -3.807  -2.437  1.00 42.00  ? 93  SER A CA  1 
ATOM   682  C C   . SER A 1 93  ? -3.273  -4.519  -3.390  1.00 38.97  ? 93  SER A C   1 
ATOM   683  O O   . SER A 1 93  ? -2.165  -4.156  -3.443  1.00 40.21  ? 93  SER A O   1 
ATOM   684  C CB  . SER A 1 93  ? -4.572  -2.399  -3.180  1.00 37.86  ? 93  SER A CB  1 
ATOM   685  O OG  . SER A 1 93  ? -5.737  -2.661  -4.102  1.00 45.99  ? 93  SER A OG  1 
ATOM   686  N N   . GLN A 1 94  ? -3.735  -5.310  -4.300  1.00 41.90  ? 94  GLN A N   1 
ATOM   687  C CA  . GLN A 1 94  ? -2.741  -6.092  -5.160  1.00 44.05  ? 94  GLN A CA  1 
ATOM   688  C C   . GLN A 1 94  ? -3.213  -5.865  -6.481  1.00 45.11  ? 94  GLN A C   1 
ATOM   689  O O   . GLN A 1 94  ? -4.424  -6.038  -6.638  1.00 42.16  ? 94  GLN A O   1 
ATOM   690  C CB  . GLN A 1 94  ? -2.942  -7.704  -4.924  1.00 46.83  ? 94  GLN A CB  1 
ATOM   691  C CG  . GLN A 1 94  ? -1.785  -8.700  -5.279  1.00 49.90  ? 94  GLN A CG  1 
ATOM   692  C CD  . GLN A 1 94  ? -1.968  -10.181 -4.515  1.00 53.39  ? 94  GLN A CD  1 
ATOM   693  O OE1 . GLN A 1 94  ? -2.075  -10.362 -3.286  1.00 56.53  ? 94  GLN A OE1 1 
ATOM   694  N NE2 . GLN A 1 94  ? -2.190  -11.116 -5.317  1.00 44.77  ? 94  GLN A NE2 1 
ATOM   695  N N   . LEU A 1 95  ? -2.328  -5.614  -7.437  1.00 46.88  ? 95  LEU A N   1 
ATOM   696  C CA  . LEU A 1 95  ? -2.715  -5.116  -8.679  1.00 51.13  ? 95  LEU A CA  1 
ATOM   697  C C   . LEU A 1 95  ? -1.854  -5.753  -9.836  1.00 51.97  ? 95  LEU A C   1 
ATOM   698  O O   . LEU A 1 95  ? -0.660  -5.964  -9.710  1.00 53.71  ? 95  LEU A O   1 
ATOM   699  C CB  . LEU A 1 95  ? -2.404  -3.606  -8.663  1.00 52.85  ? 95  LEU A CB  1 
ATOM   700  C CG  . LEU A 1 95  ? -3.245  -2.776  -7.736  1.00 56.48  ? 95  LEU A CG  1 
ATOM   701  C CD1 . LEU A 1 95  ? -2.349  -1.805  -7.162  1.00 60.05  ? 95  LEU A CD1 1 
ATOM   702  C CD2 . LEU A 1 95  ? -4.309  -2.089  -8.506  1.00 55.75  ? 95  LEU A CD2 1 
ATOM   703  N N   . ASN A 1 96  ? -2.508  -5.944  -10.956 1.00 52.73  ? 96  ASN A N   1 
ATOM   704  C CA  . ASN A 1 96  ? -1.920  -6.489  -12.104 1.00 54.50  ? 96  ASN A CA  1 
ATOM   705  C C   . ASN A 1 96  ? -1.133  -5.310  -12.604 1.00 57.67  ? 96  ASN A C   1 
ATOM   706  O O   . ASN A 1 96  ? -1.673  -4.185  -12.802 1.00 61.65  ? 96  ASN A O   1 
ATOM   707  C CB  . ASN A 1 96  ? -2.933  -7.029  -13.108 1.00 49.71  ? 96  ASN A CB  1 
ATOM   708  C CG  . ASN A 1 96  ? -2.247  -7.620  -14.280 1.00 60.52  ? 96  ASN A CG  1 
ATOM   709  O OD1 . ASN A 1 96  ? -1.608  -6.862  -15.021 1.00 60.15  ? 96  ASN A OD1 1 
ATOM   710  N ND2 . ASN A 1 96  ? -2.208  -9.019  -14.393 1.00 61.70  ? 96  ASN A ND2 1 
ATOM   711  N N   . ILE A 1 97  ? 0.157   -5.575  -12.771 1.00 60.49  ? 97  ILE A N   1 
ATOM   712  C CA  . ILE A 1 97  ? 1.171   -4.610  -13.098 1.00 61.56  ? 97  ILE A CA  1 
ATOM   713  C C   . ILE A 1 97  ? 1.064   -4.179  -14.477 1.00 66.45  ? 97  ILE A C   1 
ATOM   714  O O   . ILE A 1 97  ? 1.648   -3.196  -14.812 1.00 67.68  ? 97  ILE A O   1 
ATOM   715  C CB  . ILE A 1 97  ? 2.502   -5.247  -13.045 1.00 60.43  ? 97  ILE A CB  1 
ATOM   716  C CG1 . ILE A 1 97  ? 2.915   -5.485  -11.649 1.00 61.97  ? 97  ILE A CG1 1 
ATOM   717  C CG2 . ILE A 1 97  ? 3.567   -4.393  -13.579 1.00 55.50  ? 97  ILE A CG2 1 
ATOM   718  C CD1 . ILE A 1 97  ? 4.128   -6.287  -11.692 1.00 64.83  ? 97  ILE A CD1 1 
ATOM   719  N N   . ASN A 1 98  ? 0.473   -4.977  -15.344 1.00 69.21  ? 98  ASN A N   1 
ATOM   720  C CA  . ASN A 1 98  ? 0.349   -4.552  -16.686 1.00 70.49  ? 98  ASN A CA  1 
ATOM   721  C C   . ASN A 1 98  ? -0.954  -3.829  -16.870 1.00 70.22  ? 98  ASN A C   1 
ATOM   722  O O   . ASN A 1 98  ? -1.101  -2.999  -17.752 1.00 71.36  ? 98  ASN A O   1 
ATOM   723  C CB  . ASN A 1 98  ? 0.461   -5.746  -17.610 1.00 72.79  ? 98  ASN A CB  1 
ATOM   724  C CG  . ASN A 1 98  ? 0.569   -5.319  -19.093 1.00 77.50  ? 98  ASN A CG  1 
ATOM   725  O OD1 . ASN A 1 98  ? -0.318  -5.625  -19.875 1.00 81.95  ? 98  ASN A OD1 1 
ATOM   726  N ND2 . ASN A 1 98  ? 1.654   -4.595  -19.459 1.00 80.12  ? 98  ASN A ND2 1 
ATOM   727  N N   . ASP A 1 99  ? -1.903  -4.069  -15.997 1.00 69.89  ? 99  ASP A N   1 
ATOM   728  C CA  . ASP A 1 99  ? -3.195  -3.472  -16.161 1.00 69.73  ? 99  ASP A CA  1 
ATOM   729  C C   . ASP A 1 99  ? -3.298  -2.039  -15.518 1.00 67.19  ? 99  ASP A C   1 
ATOM   730  O O   . ASP A 1 99  ? -4.348  -1.440  -15.513 1.00 62.57  ? 99  ASP A O   1 
ATOM   731  C CB  . ASP A 1 99  ? -4.240  -4.403  -15.511 1.00 71.35  ? 99  ASP A CB  1 
ATOM   732  C CG  . ASP A 1 99  ? -4.411  -5.734  -16.276 1.00 79.32  ? 99  ASP A CG  1 
ATOM   733  O OD1 . ASP A 1 99  ? -4.020  -5.762  -17.492 1.00 83.05  ? 99  ASP A OD1 1 
ATOM   734  O OD2 . ASP A 1 99  ? -4.983  -6.786  -15.751 1.00 86.62  ? 99  ASP A OD2 1 
ATOM   735  N N   . THR A 1 100 ? -2.223  -1.577  -14.902 1.00 67.91  ? 100 THR A N   1 
ATOM   736  C CA  . THR A 1 100 ? -2.295  -0.527  -13.850 1.00 68.05  ? 100 THR A CA  1 
ATOM   737  C C   . THR A 1 100 ? -1.446  0.689   -14.321 1.00 68.43  ? 100 THR A C   1 
ATOM   738  O O   . THR A 1 100 ? -0.274  0.544   -14.497 1.00 65.40  ? 100 THR A O   1 
ATOM   739  C CB  . THR A 1 100 ? -1.802  -1.050  -12.445 1.00 68.05  ? 100 THR A CB  1 
ATOM   740  O OG1 . THR A 1 100 ? -2.616  -2.147  -11.928 1.00 65.71  ? 100 THR A OG1 1 
ATOM   741  C CG2 . THR A 1 100 ? -1.900  0.095   -11.346 1.00 69.33  ? 100 THR A CG2 1 
ATOM   742  N N   . SER A 1 101 ? -2.062  1.881   -14.532 1.00 69.97  ? 101 SER A N   1 
ATOM   743  C CA  . SER A 1 101 ? -1.330  3.067   -15.052 1.00 69.08  ? 101 SER A CA  1 
ATOM   744  C C   . SER A 1 101 ? -0.729  3.717   -13.845 1.00 67.90  ? 101 SER A C   1 
ATOM   745  O O   . SER A 1 101 ? -1.156  3.427   -12.679 1.00 68.11  ? 101 SER A O   1 
ATOM   746  C CB  . SER A 1 101 ? -2.335  4.031   -15.657 1.00 69.32  ? 101 SER A CB  1 
ATOM   747  O OG  . SER A 1 101 ? -3.239  4.390   -14.592 1.00 69.99  ? 101 SER A OG  1 
ATOM   748  N N   . GLY A 1 102 ? 0.182   4.659   -14.059 1.00 66.31  ? 102 GLY A N   1 
ATOM   749  C CA  . GLY A 1 102 ? 0.725   5.355   -12.883 1.00 66.01  ? 102 GLY A CA  1 
ATOM   750  C C   . GLY A 1 102 ? -0.350  6.129   -12.116 1.00 65.91  ? 102 GLY A C   1 
ATOM   751  O O   . GLY A 1 102 ? -0.404  6.256   -10.897 1.00 65.67  ? 102 GLY A O   1 
ATOM   752  N N   . THR A 1 103 ? -1.313  6.606   -12.855 1.00 66.25  ? 103 THR A N   1 
ATOM   753  C CA  . THR A 1 103 ? -2.391  7.313   -12.201 1.00 66.78  ? 103 THR A CA  1 
ATOM   754  C C   . THR A 1 103 ? -3.457  6.357   -11.485 1.00 64.02  ? 103 THR A C   1 
ATOM   755  O O   . THR A 1 103 ? -4.134  6.717   -10.494 1.00 62.11  ? 103 THR A O   1 
ATOM   756  C CB  . THR A 1 103 ? -3.008  8.249   -13.267 1.00 67.76  ? 103 THR A CB  1 
ATOM   757  O OG1 . THR A 1 103 ? -4.282  7.759   -13.543 1.00 72.09  ? 103 THR A OG1 1 
ATOM   758  C CG2 . THR A 1 103 ? -2.398  8.091   -14.695 1.00 70.86  ? 103 THR A CG2 1 
ATOM   759  N N   . GLN A 1 104 ? -3.601  5.096   -11.936 1.00 63.20  ? 104 GLN A N   1 
ATOM   760  C CA  . GLN A 1 104 ? -4.340  4.090   -11.095 1.00 58.88  ? 104 GLN A CA  1 
ATOM   761  C C   . GLN A 1 104 ? -3.594  3.828   -9.837  1.00 56.69  ? 104 GLN A C   1 
ATOM   762  O O   . GLN A 1 104 ? -4.178  3.937   -8.712  1.00 55.10  ? 104 GLN A O   1 
ATOM   763  C CB  . GLN A 1 104 ? -4.830  2.923   -11.893 1.00 62.71  ? 104 GLN A CB  1 
ATOM   764  C CG  . GLN A 1 104 ? -5.734  3.463   -13.171 1.00 68.22  ? 104 GLN A CG  1 
ATOM   765  C CD  . GLN A 1 104 ? -6.844  2.490   -13.706 1.00 82.11  ? 104 GLN A CD  1 
ATOM   766  O OE1 . GLN A 1 104 ? -7.635  1.894   -12.879 1.00 89.37  ? 104 GLN A OE1 1 
ATOM   767  N NE2 . GLN A 1 104 ? -6.927  2.329   -15.094 1.00 76.24  ? 104 GLN A NE2 1 
ATOM   768  N N   . LEU A 1 105 ? -2.284  3.693   -9.919  1.00 51.25  ? 105 LEU A N   1 
ATOM   769  C CA  . LEU A 1 105 ? -1.681  3.467   -8.696  1.00 52.36  ? 105 LEU A CA  1 
ATOM   770  C C   . LEU A 1 105 ? -1.910  4.590   -7.670  1.00 52.94  ? 105 LEU A C   1 
ATOM   771  O O   . LEU A 1 105 ? -2.137  4.402   -6.458  1.00 51.64  ? 105 LEU A O   1 
ATOM   772  C CB  . LEU A 1 105 ? -0.196  3.372   -8.940  1.00 53.44  ? 105 LEU A CB  1 
ATOM   773  C CG  . LEU A 1 105 ? 0.510   2.240   -8.280  1.00 56.09  ? 105 LEU A CG  1 
ATOM   774  C CD1 . LEU A 1 105 ? 1.876   2.584   -8.380  1.00 58.34  ? 105 LEU A CD1 1 
ATOM   775  C CD2 . LEU A 1 105 ? 0.113   2.065   -6.864  1.00 59.17  ? 105 LEU A CD2 1 
ATOM   776  N N   . ALA A 1 106 ? -1.724  5.823   -8.094  1.00 53.21  ? 106 ALA A N   1 
ATOM   777  C CA  . ALA A 1 106 ? -1.956  6.982   -7.117  1.00 51.22  ? 106 ALA A CA  1 
ATOM   778  C C   . ALA A 1 106 ? -3.313  6.999   -6.556  1.00 47.83  ? 106 ALA A C   1 
ATOM   779  O O   . ALA A 1 106 ? -3.684  7.062   -5.326  1.00 51.92  ? 106 ALA A O   1 
ATOM   780  C CB  . ALA A 1 106 ? -1.632  8.234   -7.883  1.00 54.69  ? 106 ALA A CB  1 
ATOM   781  N N   . SER A 1 107 ? -4.167  6.669   -7.417  1.00 48.65  ? 107 SER A N   1 
ATOM   782  C CA  . SER A 1 107 ? -5.510  6.426   -6.971  1.00 50.93  ? 107 SER A CA  1 
ATOM   783  C C   . SER A 1 107 ? -5.557  5.332   -5.867  1.00 52.65  ? 107 SER A C   1 
ATOM   784  O O   . SER A 1 107 ? -6.200  5.485   -4.764  1.00 55.06  ? 107 SER A O   1 
ATOM   785  C CB  . SER A 1 107 ? -6.238  6.134   -8.257  1.00 51.28  ? 107 SER A CB  1 
ATOM   786  O OG  . SER A 1 107 ? -7.676  6.214   -8.071  1.00 61.86  ? 107 SER A OG  1 
ATOM   787  N N   . VAL A 1 108 ? -4.752  4.222   -5.983  1.00 51.81  ? 108 VAL A N   1 
ATOM   788  C CA  . VAL A 1 108 ? -4.977  3.175   -4.961  1.00 47.42  ? 108 VAL A CA  1 
ATOM   789  C C   . VAL A 1 108 ? -4.435  3.748   -3.732  1.00 44.82  ? 108 VAL A C   1 
ATOM   790  O O   . VAL A 1 108 ? -4.857  3.487   -2.610  1.00 45.46  ? 108 VAL A O   1 
ATOM   791  C CB  . VAL A 1 108 ? -4.199  1.884   -5.332  1.00 49.80  ? 108 VAL A CB  1 
ATOM   792  C CG1 . VAL A 1 108 ? -3.956  1.000   -4.095  1.00 47.07  ? 108 VAL A CG1 1 
ATOM   793  C CG2 . VAL A 1 108 ? -4.937  1.225   -6.481  1.00 52.20  ? 108 VAL A CG2 1 
ATOM   794  N N   . LEU A 1 109 ? -3.388  4.451   -3.847  1.00 45.00  ? 109 LEU A N   1 
ATOM   795  C CA  . LEU A 1 109 ? -2.766  4.916   -2.566  1.00 49.77  ? 109 LEU A CA  1 
ATOM   796  C C   . LEU A 1 109 ? -3.575  5.860   -1.732  1.00 52.97  ? 109 LEU A C   1 
ATOM   797  O O   . LEU A 1 109 ? -3.496  5.897   -0.459  1.00 56.88  ? 109 LEU A O   1 
ATOM   798  C CB  . LEU A 1 109 ? -1.539  5.707   -2.835  1.00 48.96  ? 109 LEU A CB  1 
ATOM   799  C CG  . LEU A 1 109 ? -0.337  5.140   -3.531  1.00 57.24  ? 109 LEU A CG  1 
ATOM   800  C CD1 . LEU A 1 109 ? 0.942   5.794   -2.947  1.00 57.14  ? 109 LEU A CD1 1 
ATOM   801  C CD2 . LEU A 1 109 ? -0.254  3.479   -3.717  1.00 57.07  ? 109 LEU A CD2 1 
ATOM   802  N N   . THR A 1 110 ? -4.346  6.663   -2.468  1.00 56.28  ? 110 THR A N   1 
ATOM   803  C CA  . THR A 1 110 ? -5.267  7.622   -1.873  1.00 56.00  ? 110 THR A CA  1 
ATOM   804  C C   . THR A 1 110 ? -6.238  6.795   -1.284  1.00 51.82  ? 110 THR A C   1 
ATOM   805  O O   . THR A 1 110 ? -6.582  7.062   -0.167  1.00 57.69  ? 110 THR A O   1 
ATOM   806  C CB  . THR A 1 110 ? -5.961  8.486   -3.082  1.00 57.04  ? 110 THR A CB  1 
ATOM   807  O OG1 . THR A 1 110 ? -4.972  9.290   -3.736  1.00 59.88  ? 110 THR A OG1 1 
ATOM   808  C CG2 . THR A 1 110 ? -6.995  9.454   -2.602  1.00 63.27  ? 110 THR A CG2 1 
ATOM   809  N N   . SER A 1 111 ? -6.821  5.828   -1.971  1.00 49.11  ? 111 SER A N   1 
ATOM   810  C CA  . SER A 1 111 ? -7.702  4.984   -1.184  1.00 51.25  ? 111 SER A CA  1 
ATOM   811  C C   . SER A 1 111 ? -7.066  4.283   -0.006  1.00 49.98  ? 111 SER A C   1 
ATOM   812  O O   . SER A 1 111 ? -7.626  4.090   1.039   1.00 49.04  ? 111 SER A O   1 
ATOM   813  C CB  . SER A 1 111 ? -8.304  3.925   -2.003  1.00 55.63  ? 111 SER A CB  1 
ATOM   814  O OG  . SER A 1 111 ? -8.830  4.563   -3.149  1.00 52.78  ? 111 SER A OG  1 
ATOM   815  N N   . LEU A 1 112 ? -5.815  4.033   -0.096  1.00 51.38  ? 112 LEU A N   1 
ATOM   816  C CA  . LEU A 1 112 ? -5.277  3.297   0.973   1.00 54.93  ? 112 LEU A CA  1 
ATOM   817  C C   . LEU A 1 112 ? -5.370  4.305   2.138   1.00 54.83  ? 112 LEU A C   1 
ATOM   818  O O   . LEU A 1 112 ? -5.802  3.976   3.204   1.00 55.75  ? 112 LEU A O   1 
ATOM   819  C CB  . LEU A 1 112 ? -3.839  2.822   0.646   1.00 54.06  ? 112 LEU A CB  1 
ATOM   820  C CG  . LEU A 1 112 ? -3.078  1.480   0.829   1.00 57.65  ? 112 LEU A CG  1 
ATOM   821  C CD1 . LEU A 1 112 ? -3.941  0.260   1.155   1.00 55.79  ? 112 LEU A CD1 1 
ATOM   822  C CD2 . LEU A 1 112 ? -2.215  1.243   -0.378  1.00 52.86  ? 112 LEU A CD2 1 
ATOM   823  N N   . VAL A 1 113 ? -4.750  5.443   1.964   1.00 56.65  ? 113 VAL A N   1 
ATOM   824  C CA  . VAL A 1 113 ? -4.736  6.470   3.006   1.00 58.25  ? 113 VAL A CA  1 
ATOM   825  C C   . VAL A 1 113 ? -6.116  6.933   3.441   1.00 55.85  ? 113 VAL A C   1 
ATOM   826  O O   . VAL A 1 113 ? -6.383  6.969   4.612   1.00 53.70  ? 113 VAL A O   1 
ATOM   827  C CB  . VAL A 1 113 ? -3.922  7.642   2.568   1.00 60.19  ? 113 VAL A CB  1 
ATOM   828  C CG1 . VAL A 1 113 ? -3.778  8.535   3.703   1.00 66.02  ? 113 VAL A CG1 1 
ATOM   829  C CG2 . VAL A 1 113 ? -2.582  7.200   2.280   1.00 58.64  ? 113 VAL A CG2 1 
ATOM   830  N N   . ASP A 1 114 ? -7.100  6.989   2.582   1.00 57.81  ? 114 ASP A N   1 
ATOM   831  C CA  . ASP A 1 114 ? -8.452  7.207   3.172   1.00 62.14  ? 114 ASP A CA  1 
ATOM   832  C C   . ASP A 1 114 ? -8.875  6.243   4.157   1.00 63.43  ? 114 ASP A C   1 
ATOM   833  O O   . ASP A 1 114 ? -9.380  6.639   5.216   1.00 64.99  ? 114 ASP A O   1 
ATOM   834  C CB  . ASP A 1 114 ? -9.610  7.338   2.139   1.00 63.45  ? 114 ASP A CB  1 
ATOM   835  C CG  . ASP A 1 114 ? -9.358  8.525   1.132   1.00 70.49  ? 114 ASP A CG  1 
ATOM   836  O OD1 . ASP A 1 114 ? -8.716  9.548   1.604   1.00 71.30  ? 114 ASP A OD1 1 
ATOM   837  O OD2 . ASP A 1 114 ? -9.666  8.468   -0.154  1.00 78.86  ? 114 ASP A OD2 1 
ATOM   838  N N   . LYS A 1 115 ? -8.773  4.932   3.814   1.00 65.28  ? 115 LYS A N   1 
ATOM   839  C CA  . LYS A 1 115 ? -9.206  3.860   4.729   1.00 62.70  ? 115 LYS A CA  1 
ATOM   840  C C   . LYS A 1 115 ? -8.427  3.900   5.986   1.00 59.15  ? 115 LYS A C   1 
ATOM   841  O O   . LYS A 1 115 ? -8.967  3.646   7.032   1.00 60.03  ? 115 LYS A O   1 
ATOM   842  C CB  . LYS A 1 115 ? -9.151  2.479   4.025   1.00 64.49  ? 115 LYS A CB  1 
ATOM   843  C CG  . LYS A 1 115 ? -10.458 1.723   4.226   1.00 66.73  ? 115 LYS A CG  1 
ATOM   844  C CD  . LYS A 1 115 ? -10.332 0.917   5.503   1.00 69.22  ? 115 LYS A CD  1 
ATOM   845  C CE  . LYS A 1 115 ? -11.650 0.553   6.132   1.00 69.62  ? 115 LYS A CE  1 
ATOM   846  N NZ  . LYS A 1 115 ? -12.778 0.718   5.136   1.00 64.99  ? 115 LYS A NZ  1 
ATOM   847  N N   . ALA A 1 116 ? -7.155  4.218   5.967   1.00 57.38  ? 116 ALA A N   1 
ATOM   848  C CA  . ALA A 1 116 ? -6.462  4.294   7.287   1.00 60.31  ? 116 ALA A CA  1 
ATOM   849  C C   . ALA A 1 116 ? -6.912  5.386   8.219   1.00 64.98  ? 116 ALA A C   1 
ATOM   850  O O   . ALA A 1 116 ? -6.734  5.298   9.417   1.00 66.73  ? 116 ALA A O   1 
ATOM   851  C CB  . ALA A 1 116 ? -5.055  4.562   7.106   1.00 60.46  ? 116 ALA A CB  1 
ATOM   852  N N   . VAL A 1 117 ? -7.346  6.495   7.615   1.00 69.91  ? 117 VAL A N   1 
ATOM   853  C CA  . VAL A 1 117 ? -7.666  7.721   8.333   1.00 71.49  ? 117 VAL A CA  1 
ATOM   854  C C   . VAL A 1 117 ? -8.909  7.319   9.036   1.00 72.06  ? 117 VAL A C   1 
ATOM   855  O O   . VAL A 1 117 ? -8.960  7.446   10.236  1.00 74.05  ? 117 VAL A O   1 
ATOM   856  C CB  . VAL A 1 117 ? -7.819  8.951   7.337   1.00 72.02  ? 117 VAL A CB  1 
ATOM   857  C CG1 . VAL A 1 117 ? -8.988  9.877   7.759   1.00 74.86  ? 117 VAL A CG1 1 
ATOM   858  C CG2 . VAL A 1 117 ? -6.467  9.680   7.121   1.00 70.52  ? 117 VAL A CG2 1 
ATOM   859  N N   . THR A 1 118 ? -9.830  6.716   8.305   1.00 71.93  ? 118 THR A N   1 
ATOM   860  C CA  . THR A 1 118 ? -11.048 6.184   8.874   1.00 73.74  ? 118 THR A CA  1 
ATOM   861  C C   . THR A 1 118 ? -10.943 5.079   9.913   1.00 76.47  ? 118 THR A C   1 
ATOM   862  O O   . THR A 1 118 ? -11.792 4.947   10.834  1.00 78.12  ? 118 THR A O   1 
ATOM   863  C CB  . THR A 1 118 ? -11.801 5.610   7.832   1.00 72.89  ? 118 THR A CB  1 
ATOM   864  O OG1 . THR A 1 118 ? -12.002 6.601   6.849   1.00 77.57  ? 118 THR A OG1 1 
ATOM   865  C CG2 . THR A 1 118 ? -13.159 5.227   8.295   1.00 73.89  ? 118 THR A CG2 1 
ATOM   866  N N   . LEU A 1 119 ? -9.961  4.214   9.788   1.00 77.49  ? 119 LEU A N   1 
ATOM   867  C CA  . LEU A 1 119 ? -9.829  3.305   10.893  1.00 77.71  ? 119 LEU A CA  1 
ATOM   868  C C   . LEU A 1 119 ? -9.116  3.990   12.077  1.00 77.70  ? 119 LEU A C   1 
ATOM   869  O O   . LEU A 1 119 ? -9.255  3.531   13.223  1.00 77.96  ? 119 LEU A O   1 
ATOM   870  C CB  . LEU A 1 119 ? -9.121  1.992   10.446  1.00 78.27  ? 119 LEU A CB  1 
ATOM   871  C CG  . LEU A 1 119 ? -9.969  1.211   9.436   1.00 76.53  ? 119 LEU A CG  1 
ATOM   872  C CD1 . LEU A 1 119 ? -9.065  0.508   8.468   1.00 76.51  ? 119 LEU A CD1 1 
ATOM   873  C CD2 . LEU A 1 119 ? -10.824 0.290   10.260  1.00 75.24  ? 119 LEU A CD2 1 
ATOM   874  N N   . SER A 1 120 ? -8.304  5.025   11.830  1.00 77.16  ? 120 SER A N   1 
ATOM   875  C CA  . SER A 1 120 ? -7.368  5.509   12.883  1.00 76.62  ? 120 SER A CA  1 
ATOM   876  C C   . SER A 1 120 ? -7.830  6.747   13.677  1.00 76.52  ? 120 SER A C   1 
ATOM   877  O O   . SER A 1 120 ? -9.050  7.053   13.752  1.00 76.10  ? 120 SER A O   1 
ATOM   878  C CB  . SER A 1 120 ? -5.972  5.730   12.249  1.00 77.71  ? 120 SER A CB  1 
ATOM   879  O OG  . SER A 1 120 ? -5.618  4.689   11.279  1.00 73.74  ? 120 SER A OG  1 
ATOM   880  N N   . VAL B 2 6   ? -3.343  12.306  -4.589  1.00 106.71 ? 33  VAL B N   1 
ATOM   881  C CA  . VAL B 2 6   ? -2.380  12.025  -3.461  1.00 107.30 ? 33  VAL B CA  1 
ATOM   882  C C   . VAL B 2 6   ? -1.517  13.274  -3.326  1.00 108.86 ? 33  VAL B C   1 
ATOM   883  O O   . VAL B 2 6   ? -1.097  13.842  -4.384  1.00 110.18 ? 33  VAL B O   1 
ATOM   884  C CB  . VAL B 2 6   ? -1.364  10.872  -3.753  1.00 107.11 ? 33  VAL B CB  1 
ATOM   885  C CG1 . VAL B 2 6   ? -1.577  9.612   -2.871  1.00 105.20 ? 33  VAL B CG1 1 
ATOM   886  C CG2 . VAL B 2 6   ? -1.356  10.545  -5.218  1.00 106.98 ? 33  VAL B CG2 1 
ATOM   887  N N   . SER B 2 7   ? -1.189  13.629  -2.051  1.00 109.25 ? 34  SER B N   1 
ATOM   888  C CA  . SER B 2 7   ? -0.641  14.945  -1.619  1.00 108.93 ? 34  SER B CA  1 
ATOM   889  C C   . SER B 2 7   ? 0.898   15.113  -1.308  1.00 109.14 ? 34  SER B C   1 
ATOM   890  O O   . SER B 2 7   ? 1.404   16.225  -1.537  1.00 109.80 ? 34  SER B O   1 
ATOM   891  C CB  . SER B 2 7   ? -1.500  15.472  -0.409  1.00 108.66 ? 34  SER B CB  1 
ATOM   892  N N   . THR B 2 8   ? 1.618   14.058  -0.831  1.00 108.99 ? 35  THR B N   1 
ATOM   893  C CA  . THR B 2 8   ? 3.063   14.109  -0.371  1.00 108.58 ? 35  THR B CA  1 
ATOM   894  C C   . THR B 2 8   ? 4.101   13.054  -1.001  1.00 108.92 ? 35  THR B C   1 
ATOM   895  O O   . THR B 2 8   ? 3.688   12.239  -1.856  1.00 108.30 ? 35  THR B O   1 
ATOM   896  C CB  . THR B 2 8   ? 3.103   14.012  1.148   1.00 108.18 ? 35  THR B CB  1 
ATOM   897  N N   . GLN B 2 9   ? 5.390   13.044  -0.530  1.00 108.74 ? 36  GLN B N   1 
ATOM   898  C CA  . GLN B 2 9   ? 6.567   12.436  -1.267  1.00 108.66 ? 36  GLN B CA  1 
ATOM   899  C C   . GLN B 2 9   ? 7.762   11.585  -0.543  1.00 109.09 ? 36  GLN B C   1 
ATOM   900  O O   . GLN B 2 9   ? 7.673   11.263  0.625   1.00 109.15 ? 36  GLN B O   1 
ATOM   901  C CB  . GLN B 2 9   ? 7.148   13.509  -2.198  1.00 108.23 ? 36  GLN B CB  1 
ATOM   902  N N   . ALA B 2 10  ? 8.862   11.296  -1.291  1.00 109.52 ? 37  ALA B N   1 
ATOM   903  C CA  . ALA B 2 10  ? 9.810   10.105  -1.230  1.00 110.42 ? 37  ALA B CA  1 
ATOM   904  C C   . ALA B 2 10  ? 10.715  9.651   -0.029  1.00 111.56 ? 37  ALA B C   1 
ATOM   905  O O   . ALA B 2 10  ? 11.845  10.032  -0.069  1.00 111.90 ? 37  ALA B O   1 
ATOM   906  C CB  . ALA B 2 10  ? 10.813  10.226  -2.549  1.00 109.92 ? 37  ALA B CB  1 
ATOM   907  N N   . ILE B 2 11  ? 10.336  8.786   0.942   1.00 113.41 ? 38  ILE B N   1 
ATOM   908  C CA  . ILE B 2 11  ? 11.376  8.199   1.904   1.00 114.69 ? 38  ILE B CA  1 
ATOM   909  C C   . ILE B 2 11  ? 10.934  7.015   2.890   1.00 116.19 ? 38  ILE B C   1 
ATOM   910  O O   . ILE B 2 11  ? 9.776   6.579   2.803   1.00 115.65 ? 38  ILE B O   1 
ATOM   911  C CB  . ILE B 2 11  ? 12.161  9.372   2.732   1.00 114.10 ? 38  ILE B CB  1 
ATOM   912  N N   . THR B 2 12  ? 11.859  6.544   3.806   1.00 117.77 ? 39  THR B N   1 
ATOM   913  C CA  . THR B 2 12  ? 11.637  5.474   4.897   1.00 118.05 ? 39  THR B CA  1 
ATOM   914  C C   . THR B 2 12  ? 12.701  5.337   6.138   1.00 118.40 ? 39  THR B C   1 
ATOM   915  O O   . THR B 2 12  ? 13.697  6.094   6.209   1.00 117.93 ? 39  THR B O   1 
ATOM   916  C CB  . THR B 2 12  ? 11.416  4.058   4.233   1.00 118.19 ? 39  THR B CB  1 
ATOM   917  N N   . SER B 2 13  ? 12.464  4.359   7.071   1.00 118.47 ? 40  SER B N   1 
ATOM   918  C CA  . SER B 2 13  ? 13.187  4.196   8.392   1.00 118.02 ? 40  SER B CA  1 
ATOM   919  C C   . SER B 2 13  ? 13.186  2.736   9.070   1.00 117.67 ? 40  SER B C   1 
ATOM   920  O O   . SER B 2 13  ? 14.067  1.938   8.730   1.00 116.86 ? 40  SER B O   1 
ATOM   921  C CB  . SER B 2 13  ? 12.775  5.357   9.361   1.00 118.05 ? 40  SER B CB  1 
ATOM   922  O OG  . SER B 2 13  ? 12.214  4.950   10.604  1.00 117.61 ? 40  SER B OG  1 
ATOM   923  N N   . ASP B 2 14  ? 12.257  2.408   10.018  1.00 117.85 ? 41  ASP B N   1 
ATOM   924  C CA  . ASP B 2 14  ? 12.175  1.066   10.762  1.00 117.58 ? 41  ASP B CA  1 
ATOM   925  C C   . ASP B 2 14  ? 10.965  0.221   10.261  1.00 117.45 ? 41  ASP B C   1 
ATOM   926  O O   . ASP B 2 14  ? 10.009  -0.129  10.976  1.00 116.39 ? 41  ASP B O   1 
ATOM   927  C CB  . ASP B 2 14  ? 12.165  1.195   12.343  1.00 116.82 ? 41  ASP B CB  1 
ATOM   928  N N   . GLU B 2 15  ? 11.095  -0.100  8.982   1.00 117.66 ? 42  GLU B N   1 
ATOM   929  C CA  . GLU B 2 15  ? 10.072  -0.698  8.168   1.00 117.68 ? 42  GLU B CA  1 
ATOM   930  C C   . GLU B 2 15  ? 10.763  -1.517  6.995   1.00 117.94 ? 42  GLU B C   1 
ATOM   931  O O   . GLU B 2 15  ? 10.340  -2.657  6.681   1.00 117.10 ? 42  GLU B O   1 
ATOM   932  C CB  . GLU B 2 15  ? 9.091   0.426   7.686   1.00 117.80 ? 42  GLU B CB  1 
ATOM   933  N N   . ARG B 2 16  ? 11.874  -1.013  6.409   1.00 118.11 ? 43  ARG B N   1 
ATOM   934  C CA  . ARG B 2 16  ? 12.832  -1.933  5.768   1.00 117.92 ? 43  ARG B CA  1 
ATOM   935  C C   . ARG B 2 16  ? 13.048  -3.080  6.827   1.00 118.52 ? 43  ARG B C   1 
ATOM   936  O O   . ARG B 2 16  ? 13.717  -4.099  6.573   1.00 119.36 ? 43  ARG B O   1 
ATOM   937  C CB  . ARG B 2 16  ? 14.115  -1.211  5.391   1.00 117.16 ? 43  ARG B CB  1 
ATOM   938  N N   . ARG B 2 17  ? 12.506  -2.833  8.042   1.00 118.52 ? 44  ARG B N   1 
ATOM   939  C CA  . ARG B 2 17  ? 12.096  -3.825  9.075   1.00 117.89 ? 44  ARG B CA  1 
ATOM   940  C C   . ARG B 2 17  ? 10.591  -4.298  9.026   1.00 116.93 ? 44  ARG B C   1 
ATOM   941  O O   . ARG B 2 17  ? 10.355  -5.408  8.524   1.00 116.80 ? 44  ARG B O   1 
ATOM   942  C CB  . ARG B 2 17  ? 12.456  -3.295  10.518  1.00 118.00 ? 44  ARG B CB  1 
ATOM   943  N N   . PHE B 2 18  ? 9.617   -3.514  9.565   1.00 115.19 ? 45  PHE B N   1 
ATOM   944  C CA  . PHE B 2 18  ? 8.152   -3.859  9.516   1.00 113.69 ? 45  PHE B CA  1 
ATOM   945  C C   . PHE B 2 18  ? 7.598   -4.272  8.125   1.00 112.33 ? 45  PHE B C   1 
ATOM   946  O O   . PHE B 2 18  ? 6.670   -5.116  7.991   1.00 111.38 ? 45  PHE B O   1 
ATOM   947  C CB  . PHE B 2 18  ? 7.259   -2.698  9.982   1.00 113.91 ? 45  PHE B CB  1 
ATOM   948  C CG  . PHE B 2 18  ? 5.827   -2.857  9.515   1.00 114.78 ? 45  PHE B CG  1 
ATOM   949  C CD1 . PHE B 2 18  ? 4.895   -3.522  10.322  1.00 115.06 ? 45  PHE B CD1 1 
ATOM   950  C CD2 . PHE B 2 18  ? 5.446   -2.452  8.232   1.00 114.39 ? 45  PHE B CD2 1 
ATOM   951  C CE1 . PHE B 2 18  ? 3.618   -3.709  9.898   1.00 114.20 ? 45  PHE B CE1 1 
ATOM   952  C CE2 . PHE B 2 18  ? 4.180   -2.656  7.794   1.00 113.42 ? 45  PHE B CE2 1 
ATOM   953  C CZ  . PHE B 2 18  ? 3.256   -3.279  8.621   1.00 115.29 ? 45  PHE B CZ  1 
ATOM   954  N N   . ALA B 2 19  ? 8.101   -3.554  7.114   1.00 110.62 ? 46  ALA B N   1 
ATOM   955  C CA  . ALA B 2 19  ? 7.982   -3.946  5.715   1.00 108.61 ? 46  ALA B CA  1 
ATOM   956  C C   . ALA B 2 19  ? 8.740   -5.248  5.488   1.00 106.48 ? 46  ALA B C   1 
ATOM   957  O O   . ALA B 2 19  ? 8.097   -6.256  5.499   1.00 106.74 ? 46  ALA B O   1 
ATOM   958  C CB  . ALA B 2 19  ? 8.426   -2.822  4.760   1.00 108.79 ? 46  ALA B CB  1 
ATOM   959  N N   . TYR B 2 20  ? 10.068  -5.251  5.326   1.00 104.22 ? 47  TYR B N   1 
ATOM   960  C CA  . TYR B 2 20  ? 10.848  -6.474  5.023   1.00 101.59 ? 47  TYR B CA  1 
ATOM   961  C C   . TYR B 2 20  ? 10.216  -7.821  5.408   1.00 100.08 ? 47  TYR B C   1 
ATOM   962  O O   . TYR B 2 20  ? 10.288  -8.787  4.611   1.00 99.76  ? 47  TYR B O   1 
ATOM   963  C CB  . TYR B 2 20  ? 12.177  -6.383  5.662   1.00 101.54 ? 47  TYR B CB  1 
ATOM   964  N N   . ALA B 2 21  ? 9.676   -7.854  6.640   1.00 96.95  ? 48  ALA B N   1 
ATOM   965  C CA  . ALA B 2 21  ? 8.895   -8.935  7.302   1.00 95.51  ? 48  ALA B CA  1 
ATOM   966  C C   . ALA B 2 21  ? 7.450   -9.277  6.861   1.00 95.06  ? 48  ALA B C   1 
ATOM   967  O O   . ALA B 2 21  ? 7.107   -10.482 6.849   1.00 95.52  ? 48  ALA B O   1 
ATOM   968  C CB  . ALA B 2 21  ? 8.782   -8.621  8.902   1.00 95.36  ? 48  ALA B CB  1 
ATOM   969  N N   . VAL B 2 22  ? 6.568   -8.252  6.670   1.00 93.89  ? 49  VAL B N   1 
ATOM   970  C CA  . VAL B 2 22  ? 5.137   -8.425  6.225   1.00 91.91  ? 49  VAL B CA  1 
ATOM   971  C C   . VAL B 2 22  ? 5.204   -9.090  4.911   1.00 90.51  ? 49  VAL B C   1 
ATOM   972  O O   . VAL B 2 22  ? 4.468   -10.068 4.667   1.00 89.99  ? 49  VAL B O   1 
ATOM   973  C CB  . VAL B 2 22  ? 4.300   -7.081  6.116   1.00 91.85  ? 49  VAL B CB  1 
ATOM   974  C CG1 . VAL B 2 22  ? 2.892   -7.311  5.477   1.00 90.34  ? 49  VAL B CG1 1 
ATOM   975  C CG2 . VAL B 2 22  ? 4.161   -6.430  7.510   1.00 91.24  ? 49  VAL B CG2 1 
ATOM   976  N N   . LEU B 2 23  ? 6.108   -8.557  4.084   1.00 89.80  ? 50  LEU B N   1 
ATOM   977  C CA  . LEU B 2 23  ? 6.693   -9.291  2.965   1.00 89.22  ? 50  LEU B CA  1 
ATOM   978  C C   . LEU B 2 23  ? 7.215   -10.762 3.264   1.00 90.46  ? 50  LEU B C   1 
ATOM   979  O O   . LEU B 2 23  ? 8.183   -11.194 2.631   1.00 90.06  ? 50  LEU B O   1 
ATOM   980  C CB  . LEU B 2 23  ? 7.830   -8.476  2.506   1.00 88.05  ? 50  LEU B CB  1 
ATOM   981  C CG  . LEU B 2 23  ? 7.567   -7.496  1.447   1.00 88.80  ? 50  LEU B CG  1 
ATOM   982  C CD1 . LEU B 2 23  ? 8.941   -7.318  0.698   1.00 91.68  ? 50  LEU B CD1 1 
ATOM   983  C CD2 . LEU B 2 23  ? 6.444   -7.955  0.512   1.00 88.65  ? 50  LEU B CD2 1 
ATOM   984  N N   . GLU B 2 24  ? 6.628   -11.490 4.255   1.00 90.32  ? 51  GLU B N   1 
ATOM   985  C CA  . GLU B 2 24  ? 6.635   -12.968 4.328   1.00 89.58  ? 51  GLU B CA  1 
ATOM   986  C C   . GLU B 2 24  ? 5.609   -13.635 5.364   1.00 90.07  ? 51  GLU B C   1 
ATOM   987  O O   . GLU B 2 24  ? 4.861   -14.613 5.017   1.00 89.20  ? 51  GLU B O   1 
ATOM   988  C CB  . GLU B 2 24  ? 7.965   -13.407 4.560   1.00 89.10  ? 51  GLU B CB  1 
ATOM   989  N N   . HIS B 2 25  ? 5.589   -13.103 6.606   1.00 90.11  ? 52  HIS B N   1 
ATOM   990  C CA  . HIS B 2 25  ? 4.502   -13.338 7.638   1.00 90.38  ? 52  HIS B CA  1 
ATOM   991  C C   . HIS B 2 25  ? 3.242   -14.226 7.281   1.00 90.40  ? 52  HIS B C   1 
ATOM   992  O O   . HIS B 2 25  ? 2.372   -14.492 8.139   1.00 87.97  ? 52  HIS B O   1 
ATOM   993  C CB  . HIS B 2 25  ? 4.027   -11.954 8.243   1.00 90.85  ? 52  HIS B CB  1 
HETATM 994  O O   . HOH C 3 .   ? -10.498 -6.456  3.807   1.00 43.99  ? 139 HOH A O   1 
HETATM 995  O O   . HOH C 3 .   ? -6.707  -5.906  -3.794  1.00 47.13  ? 140 HOH A O   1 
HETATM 996  O O   . HOH C 3 .   ? 11.237  -11.436 -13.513 1.00 71.07  ? 141 HOH A O   1 
HETATM 997  O O   . HOH C 3 .   ? -12.336 -5.011  1.322   1.00 63.22  ? 142 HOH A O   1 
HETATM 998  O O   . HOH C 3 .   ? 4.422   -4.116  16.154  1.00 80.38  ? 143 HOH A O   1 
HETATM 999  O O   . HOH C 3 .   ? -10.731 -7.304  -7.359  1.00 67.09  ? 144 HOH A O   1 
HETATM 1000 O O   . HOH C 3 .   ? 11.891  2.265   -10.395 1.00 105.69 ? 145 HOH A O   1 
HETATM 1001 O O   . HOH C 3 .   ? 19.020  -2.807  -6.855  1.00 74.86  ? 146 HOH A O   1 
HETATM 1002 O O   . HOH C 3 .   ? -0.355  -9.494  -16.691 1.00 70.93  ? 147 HOH A O   1 
HETATM 1003 O O   . HOH C 3 .   ? 11.773  3.865   -1.803  1.00 57.10  ? 148 HOH A O   1 
HETATM 1004 O O   . HOH C 3 .   ? 3.014   -9.247  11.818  1.00 80.92  ? 149 HOH A O   1 
HETATM 1005 O O   . HOH C 3 .   ? -22.268 -6.358  15.368  1.00 86.91  ? 150 HOH A O   1 
HETATM 1006 O O   . HOH C 3 .   ? 3.960   -11.287 11.275  1.00 90.77  ? 151 HOH A O   1 
HETATM 1007 O O   . HOH C 3 .   ? -11.633 -0.431  -1.689  1.00 63.61  ? 152 HOH A O   1 
HETATM 1008 O O   . HOH C 3 .   ? 10.526  13.300  -4.137  1.00 88.73  ? 153 HOH A O   1 
HETATM 1009 O O   . HOH C 3 .   ? -8.742  1.840   -17.710 1.00 87.69  ? 154 HOH A O   1 
HETATM 1010 O O   . HOH C 3 .   ? 9.740   -10.781 -10.204 0.50 62.95  ? 155 HOH A O   1 
HETATM 1011 O O   . HOH C 3 .   ? -10.836 5.961   -7.277  1.00 76.11  ? 156 HOH A O   1 
HETATM 1012 O O   . HOH C 3 .   ? -3.570  -10.849 -12.728 0.50 58.75  ? 157 HOH A O   1 
HETATM 1013 O O   . HOH C 3 .   ? 10.375  -12.309 -8.218  0.50 38.86  ? 158 HOH A O   1 
HETATM 1014 O O   . HOH C 3 .   ? -8.203  -9.219  -4.988  1.00 77.43  ? 159 HOH A O   1 
HETATM 1015 O O   . HOH C 3 .   ? -12.127 9.422   -4.371  1.00 87.54  ? 160 HOH A O   1 
HETATM 1016 O O   . HOH C 3 .   ? -10.474 9.286   5.187   1.00 64.15  ? 161 HOH A O   1 
HETATM 1017 O O   . HOH C 3 .   ? -11.327 8.469   -7.857  1.00 81.31  ? 162 HOH A O   1 
HETATM 1018 O O   . HOH C 3 .   ? -8.886  3.305   -10.875 1.00 92.00  ? 163 HOH A O   1 
HETATM 1019 O O   . HOH C 3 .   ? -6.726  9.788   11.506  0.50 69.91  ? 164 HOH A O   1 
HETATM 1020 O O   . HOH C 3 .   ? 17.826  -7.762  -7.675  1.00 58.24  ? 165 HOH A O   1 
HETATM 1021 O O   . HOH C 3 .   ? 6.357   1.876   7.799   1.00 84.05  ? 166 HOH A O   1 
HETATM 1022 O O   . HOH C 3 .   ? -3.586  12.519  1.875   1.00 95.30  ? 167 HOH A O   1 
HETATM 1023 O O   . HOH C 3 .   ? -11.869 -1.281  2.710   1.00 71.20  ? 168 HOH A O   1 
HETATM 1024 O O   . HOH C 3 .   ? -4.139  -11.297 -15.413 0.50 61.68  ? 169 HOH A O   1 
HETATM 1025 O O   . HOH C 3 .   ? 4.178   -3.333  -19.619 1.00 82.32  ? 170 HOH A O   1 
HETATM 1026 O O   . HOH C 3 .   ? -5.454  12.443  5.308   0.50 104.22 ? 171 HOH A O   1 
HETATM 1027 O O   . HOH C 3 .   ? 5.873   7.483   9.216   1.00 91.56  ? 172 HOH A O   1 
HETATM 1028 O O   . HOH C 3 .   ? -5.796  -1.082  -12.152 1.00 63.69  ? 173 HOH A O   1 
HETATM 1029 O O   . HOH C 3 .   ? -7.477  0.574   -19.310 1.00 57.32  ? 174 HOH A O   1 
HETATM 1030 O O   . HOH C 3 .   ? -7.550  4.508   -18.580 1.00 67.05  ? 175 HOH A O   1 
HETATM 1031 O O   . HOH C 3 .   ? -7.393  6.300   -20.283 1.00 62.67  ? 176 HOH A O   1 
HETATM 1032 O O   . HOH C 3 .   ? -6.136  8.125   -19.678 1.00 62.42  ? 177 HOH A O   1 
HETATM 1033 O O   . HOH D 3 .   ? 9.693   -11.683 4.320   1.00 76.52  ? 84  HOH B O   1 
HETATM 1034 O O   . HOH D 3 .   ? 14.596  2.716   11.784  1.00 88.19  ? 85  HOH B O   1 
# 
